data_7AZN
# 
_entry.id   7AZN 
# 
_audit_conform.dict_name       mmcif_pdbx.dic 
_audit_conform.dict_version    5.384 
_audit_conform.dict_location   http://mmcif.pdb.org/dictionaries/ascii/mmcif_pdbx.dic 
# 
loop_
_database_2.database_id 
_database_2.database_code 
_database_2.pdbx_database_accession 
_database_2.pdbx_DOI 
PDB   7AZN         pdb_00007azn 10.2210/pdb7azn/pdb 
WWPDB D_1292111964 ?            ?                   
# 
loop_
_pdbx_audit_revision_history.ordinal 
_pdbx_audit_revision_history.data_content_type 
_pdbx_audit_revision_history.major_revision 
_pdbx_audit_revision_history.minor_revision 
_pdbx_audit_revision_history.revision_date 
1 'Structure model' 1 0 2021-01-13 
2 'Structure model' 1 1 2024-01-31 
# 
_pdbx_audit_revision_details.ordinal             1 
_pdbx_audit_revision_details.revision_ordinal    1 
_pdbx_audit_revision_details.data_content_type   'Structure model' 
_pdbx_audit_revision_details.provider            repository 
_pdbx_audit_revision_details.type                'Initial release' 
_pdbx_audit_revision_details.description         ? 
_pdbx_audit_revision_details.details             ? 
# 
loop_
_pdbx_audit_revision_group.ordinal 
_pdbx_audit_revision_group.revision_ordinal 
_pdbx_audit_revision_group.data_content_type 
_pdbx_audit_revision_group.group 
1 2 'Structure model' 'Data collection'        
2 2 'Structure model' 'Database references'    
3 2 'Structure model' 'Refinement description' 
# 
loop_
_pdbx_audit_revision_category.ordinal 
_pdbx_audit_revision_category.revision_ordinal 
_pdbx_audit_revision_category.data_content_type 
_pdbx_audit_revision_category.category 
1 2 'Structure model' chem_comp_atom                
2 2 'Structure model' chem_comp_bond                
3 2 'Structure model' database_2                    
4 2 'Structure model' pdbx_initial_refinement_model 
# 
loop_
_pdbx_audit_revision_item.ordinal 
_pdbx_audit_revision_item.revision_ordinal 
_pdbx_audit_revision_item.data_content_type 
_pdbx_audit_revision_item.item 
1 2 'Structure model' '_database_2.pdbx_DOI'                
2 2 'Structure model' '_database_2.pdbx_database_accession' 
# 
_pdbx_database_status.status_code                     REL 
_pdbx_database_status.status_code_sf                  REL 
_pdbx_database_status.status_code_mr                  ? 
_pdbx_database_status.entry_id                        7AZN 
_pdbx_database_status.recvd_initial_deposition_date   2020-11-16 
_pdbx_database_status.SG_entry                        N 
_pdbx_database_status.deposit_site                    PDBE 
_pdbx_database_status.process_site                    PDBE 
_pdbx_database_status.status_code_cs                  ? 
_pdbx_database_status.status_code_nmr_data            ? 
_pdbx_database_status.methods_development_category    ? 
_pdbx_database_status.pdb_format_compatible           Y 
# 
_pdbx_database_related.db_name        PDB 
_pdbx_database_related.details        
'6gqf corresponds to the structure of AsterA with 25alpha-OH-cholesterol, which is an isoform of AsterC.' 
_pdbx_database_related.db_id          6gqf 
_pdbx_database_related.content_type   unspecified 
# 
loop_
_audit_author.name 
_audit_author.pdbx_ordinal 
_audit_author.identifier_ORCID 
'Romartinez-Alonso, B.' 1 0000-0002-3061-6696 
'Sirvydis, K.'          2 0000-0002-6337-3504 
'Kim, Y.'               3 ?                   
'Xiao, X.'              4 0000-0002-5033-7627 
'Jung, M.'              5 0000-0003-1290-8588 
'Tontonoz, P.'          6 0000-0003-1259-0477 
'Schwabe, J.'           7 0000-0003-2865-4383 
# 
_citation.abstract                  ? 
_citation.abstract_id_CAS           ? 
_citation.book_id_ISBN              ? 
_citation.book_publisher            ? 
_citation.book_publisher_city       ? 
_citation.book_title                ? 
_citation.coordinate_linkage        ? 
_citation.country                   US 
_citation.database_id_Medline       ? 
_citation.details                   ? 
_citation.id                        primary 
_citation.journal_abbrev            Proc.Natl.Acad.Sci.USA 
_citation.journal_id_ASTM           PNASA6 
_citation.journal_id_CSD            0040 
_citation.journal_id_ISSN           1091-6490 
_citation.journal_full              ? 
_citation.journal_issue             ? 
_citation.journal_volume            118 
_citation.language                  ? 
_citation.page_first                ? 
_citation.page_last                 ? 
_citation.title                     
'Selective Aster inhibitors distinguish vesicular and nonvesicular sterol transport mechanisms.' 
_citation.year                      2021 
_citation.database_id_CSD           ? 
_citation.pdbx_database_id_DOI      10.1073/pnas.2024149118 
_citation.pdbx_database_id_PubMed   33376205 
_citation.unpublished_flag          ? 
# 
loop_
_citation_author.citation_id 
_citation_author.name 
_citation_author.ordinal 
_citation_author.identifier_ORCID 
primary 'Xiao, X.'              1 0000-0002-5033-7627 
primary 'Kim, Y.'               2 0000-0003-2122-6562 
primary 'Romartinez-Alonso, B.' 3 0000-0002-3061-6696 
primary 'Sirvydis, K.'          4 0000-0002-6337-3504 
primary 'Ory, D.S.'             5 ?                   
primary 'Schwabe, J.W.R.'       6 ?                   
primary 'Jung, M.E.'            7 ?                   
primary 'Tontonoz, P.'          8 ?                   
# 
loop_
_entity.id 
_entity.type 
_entity.src_method 
_entity.pdbx_description 
_entity.formula_weight 
_entity.pdbx_number_of_molecules 
_entity.pdbx_ec 
_entity.pdbx_mutation 
_entity.pdbx_fragment 
_entity.details 
1 polymer     man 'Protein Aster-C'                               20833.688 1  ? ? ? ? 
2 non-polymer syn '20alpha-hydroxy-20-(5-methylhexyl)cholesterol' 416.680   1  ? ? ? ? 
3 non-polymer syn ETHANOL                                         46.068    6  ? ? ? ? 
4 non-polymer syn GLYCEROL                                        92.094    1  ? ? ? ? 
5 water       nat water                                           18.015    50 ? ? ? ? 
# 
_entity_name_com.entity_id   1 
_entity_name_com.name        'GRAM domain-containing protein 1C' 
# 
_entity_poly.entity_id                      1 
_entity_poly.type                           'polypeptide(L)' 
_entity_poly.nstd_linkage                   no 
_entity_poly.nstd_monomer                   no 
_entity_poly.pdbx_seq_one_letter_code       
;GRLYINRVFHISAERMFELLFTSSHFMQRFANSRNIIDVVSTPWTVESGGNQLRTMTYTIVLSNPLTGKYTAATEKQTLY
KESREAQFYLVDSEVLTHDVPYHDYFYTLNRYCIVRSAKQRCRLRVSTDLKYRKQPWGLIKSLIEKNSWSSLESYFKKLE
SDLLMEESVLSQSIEDA
;
_entity_poly.pdbx_seq_one_letter_code_can   
;GRLYINRVFHISAERMFELLFTSSHFMQRFANSRNIIDVVSTPWTVESGGNQLRTMTYTIVLSNPLTGKYTAATEKQTLY
KESREAQFYLVDSEVLTHDVPYHDYFYTLNRYCIVRSAKQRCRLRVSTDLKYRKQPWGLIKSLIEKNSWSSLESYFKKLE
SDLLMEESVLSQSIEDA
;
_entity_poly.pdbx_strand_id                 A 
_entity_poly.pdbx_target_identifier         ? 
# 
loop_
_pdbx_entity_nonpoly.entity_id 
_pdbx_entity_nonpoly.name 
_pdbx_entity_nonpoly.comp_id 
2 '20alpha-hydroxy-20-(5-methylhexyl)cholesterol' YK8 
3 ETHANOL                                         EOH 
4 GLYCEROL                                        GOL 
5 water                                           HOH 
# 
loop_
_entity_poly_seq.entity_id 
_entity_poly_seq.num 
_entity_poly_seq.mon_id 
_entity_poly_seq.hetero 
1 1   GLY n 
1 2   ARG n 
1 3   LEU n 
1 4   TYR n 
1 5   ILE n 
1 6   ASN n 
1 7   ARG n 
1 8   VAL n 
1 9   PHE n 
1 10  HIS n 
1 11  ILE n 
1 12  SER n 
1 13  ALA n 
1 14  GLU n 
1 15  ARG n 
1 16  MET n 
1 17  PHE n 
1 18  GLU n 
1 19  LEU n 
1 20  LEU n 
1 21  PHE n 
1 22  THR n 
1 23  SER n 
1 24  SER n 
1 25  HIS n 
1 26  PHE n 
1 27  MET n 
1 28  GLN n 
1 29  ARG n 
1 30  PHE n 
1 31  ALA n 
1 32  ASN n 
1 33  SER n 
1 34  ARG n 
1 35  ASN n 
1 36  ILE n 
1 37  ILE n 
1 38  ASP n 
1 39  VAL n 
1 40  VAL n 
1 41  SER n 
1 42  THR n 
1 43  PRO n 
1 44  TRP n 
1 45  THR n 
1 46  VAL n 
1 47  GLU n 
1 48  SER n 
1 49  GLY n 
1 50  GLY n 
1 51  ASN n 
1 52  GLN n 
1 53  LEU n 
1 54  ARG n 
1 55  THR n 
1 56  MET n 
1 57  THR n 
1 58  TYR n 
1 59  THR n 
1 60  ILE n 
1 61  VAL n 
1 62  LEU n 
1 63  SER n 
1 64  ASN n 
1 65  PRO n 
1 66  LEU n 
1 67  THR n 
1 68  GLY n 
1 69  LYS n 
1 70  TYR n 
1 71  THR n 
1 72  ALA n 
1 73  ALA n 
1 74  THR n 
1 75  GLU n 
1 76  LYS n 
1 77  GLN n 
1 78  THR n 
1 79  LEU n 
1 80  TYR n 
1 81  LYS n 
1 82  GLU n 
1 83  SER n 
1 84  ARG n 
1 85  GLU n 
1 86  ALA n 
1 87  GLN n 
1 88  PHE n 
1 89  TYR n 
1 90  LEU n 
1 91  VAL n 
1 92  ASP n 
1 93  SER n 
1 94  GLU n 
1 95  VAL n 
1 96  LEU n 
1 97  THR n 
1 98  HIS n 
1 99  ASP n 
1 100 VAL n 
1 101 PRO n 
1 102 TYR n 
1 103 HIS n 
1 104 ASP n 
1 105 TYR n 
1 106 PHE n 
1 107 TYR n 
1 108 THR n 
1 109 LEU n 
1 110 ASN n 
1 111 ARG n 
1 112 TYR n 
1 113 CYS n 
1 114 ILE n 
1 115 VAL n 
1 116 ARG n 
1 117 SER n 
1 118 ALA n 
1 119 LYS n 
1 120 GLN n 
1 121 ARG n 
1 122 CYS n 
1 123 ARG n 
1 124 LEU n 
1 125 ARG n 
1 126 VAL n 
1 127 SER n 
1 128 THR n 
1 129 ASP n 
1 130 LEU n 
1 131 LYS n 
1 132 TYR n 
1 133 ARG n 
1 134 LYS n 
1 135 GLN n 
1 136 PRO n 
1 137 TRP n 
1 138 GLY n 
1 139 LEU n 
1 140 ILE n 
1 141 LYS n 
1 142 SER n 
1 143 LEU n 
1 144 ILE n 
1 145 GLU n 
1 146 LYS n 
1 147 ASN n 
1 148 SER n 
1 149 TRP n 
1 150 SER n 
1 151 SER n 
1 152 LEU n 
1 153 GLU n 
1 154 SER n 
1 155 TYR n 
1 156 PHE n 
1 157 LYS n 
1 158 LYS n 
1 159 LEU n 
1 160 GLU n 
1 161 SER n 
1 162 ASP n 
1 163 LEU n 
1 164 LEU n 
1 165 MET n 
1 166 GLU n 
1 167 GLU n 
1 168 SER n 
1 169 VAL n 
1 170 LEU n 
1 171 SER n 
1 172 GLN n 
1 173 SER n 
1 174 ILE n 
1 175 GLU n 
1 176 ASP n 
1 177 ALA n 
# 
_entity_src_gen.entity_id                          1 
_entity_src_gen.pdbx_src_id                        1 
_entity_src_gen.pdbx_alt_source_flag               sample 
_entity_src_gen.pdbx_seq_type                      'Biological sequence' 
_entity_src_gen.pdbx_beg_seq_num                   1 
_entity_src_gen.pdbx_end_seq_num                   177 
_entity_src_gen.gene_src_common_name               Mouse 
_entity_src_gen.gene_src_genus                     ? 
_entity_src_gen.pdbx_gene_src_gene                 Gramd1c 
_entity_src_gen.gene_src_species                   ? 
_entity_src_gen.gene_src_strain                    ? 
_entity_src_gen.gene_src_tissue                    ? 
_entity_src_gen.gene_src_tissue_fraction           ? 
_entity_src_gen.gene_src_details                   ? 
_entity_src_gen.pdbx_gene_src_fragment             ? 
_entity_src_gen.pdbx_gene_src_scientific_name      'Mus musculus' 
_entity_src_gen.pdbx_gene_src_ncbi_taxonomy_id     10090 
_entity_src_gen.pdbx_gene_src_variant              ? 
_entity_src_gen.pdbx_gene_src_cell_line            ? 
_entity_src_gen.pdbx_gene_src_atcc                 ? 
_entity_src_gen.pdbx_gene_src_organ                ? 
_entity_src_gen.pdbx_gene_src_organelle            ? 
_entity_src_gen.pdbx_gene_src_cell                 ? 
_entity_src_gen.pdbx_gene_src_cellular_location    ? 
_entity_src_gen.host_org_common_name               ? 
_entity_src_gen.pdbx_host_org_scientific_name      'Escherichia coli BL21(DE3)' 
_entity_src_gen.pdbx_host_org_ncbi_taxonomy_id     469008 
_entity_src_gen.host_org_genus                     ? 
_entity_src_gen.pdbx_host_org_gene                 ? 
_entity_src_gen.pdbx_host_org_organ                ? 
_entity_src_gen.host_org_species                   ? 
_entity_src_gen.pdbx_host_org_tissue               ? 
_entity_src_gen.pdbx_host_org_tissue_fraction      ? 
_entity_src_gen.pdbx_host_org_strain               ? 
_entity_src_gen.pdbx_host_org_variant              ? 
_entity_src_gen.pdbx_host_org_cell_line            ? 
_entity_src_gen.pdbx_host_org_atcc                 ? 
_entity_src_gen.pdbx_host_org_culture_collection   ? 
_entity_src_gen.pdbx_host_org_cell                 ? 
_entity_src_gen.pdbx_host_org_organelle            ? 
_entity_src_gen.pdbx_host_org_cellular_location    ? 
_entity_src_gen.pdbx_host_org_vector_type          Plasmid 
_entity_src_gen.pdbx_host_org_vector               ? 
_entity_src_gen.host_org_details                   'Bacteria expression plasmid' 
_entity_src_gen.expression_system_id               ? 
_entity_src_gen.plasmid_name                       pGEX 
_entity_src_gen.plasmid_details                    ? 
_entity_src_gen.pdbx_description                   ? 
# 
loop_
_chem_comp.id 
_chem_comp.type 
_chem_comp.mon_nstd_flag 
_chem_comp.name 
_chem_comp.pdbx_synonyms 
_chem_comp.formula 
_chem_comp.formula_weight 
ALA 'L-peptide linking' y ALANINE                                         ?                               'C3 H7 N O2'     89.093  
ARG 'L-peptide linking' y ARGININE                                        ?                               'C6 H15 N4 O2 1' 175.209 
ASN 'L-peptide linking' y ASPARAGINE                                      ?                               'C4 H8 N2 O3'    132.118 
ASP 'L-peptide linking' y 'ASPARTIC ACID'                                 ?                               'C4 H7 N O4'     133.103 
CYS 'L-peptide linking' y CYSTEINE                                        ?                               'C3 H7 N O2 S'   121.158 
EOH non-polymer         . ETHANOL                                         ?                               'C2 H6 O'        46.068  
GLN 'L-peptide linking' y GLUTAMINE                                       ?                               'C5 H10 N2 O3'   146.144 
GLU 'L-peptide linking' y 'GLUTAMIC ACID'                                 ?                               'C5 H9 N O4'     147.129 
GLY 'peptide linking'   y GLYCINE                                         ?                               'C2 H5 N O2'     75.067  
GOL non-polymer         . GLYCEROL                                        'GLYCERIN; PROPANE-1,2,3-TRIOL' 'C3 H8 O3'       92.094  
HIS 'L-peptide linking' y HISTIDINE                                       ?                               'C6 H10 N3 O2 1' 156.162 
HOH non-polymer         . WATER                                           ?                               'H2 O'           18.015  
ILE 'L-peptide linking' y ISOLEUCINE                                      ?                               'C6 H13 N O2'    131.173 
LEU 'L-peptide linking' y LEUCINE                                         ?                               'C6 H13 N O2'    131.173 
LYS 'L-peptide linking' y LYSINE                                          ?                               'C6 H15 N2 O2 1' 147.195 
MET 'L-peptide linking' y METHIONINE                                      ?                               'C5 H11 N O2 S'  149.211 
PHE 'L-peptide linking' y PHENYLALANINE                                   ?                               'C9 H11 N O2'    165.189 
PRO 'L-peptide linking' y PROLINE                                         ?                               'C5 H9 N O2'     115.130 
SER 'L-peptide linking' y SERINE                                          ?                               'C3 H7 N O3'     105.093 
THR 'L-peptide linking' y THREONINE                                       ?                               'C4 H9 N O3'     119.119 
TRP 'L-peptide linking' y TRYPTOPHAN                                      ?                               'C11 H12 N2 O2'  204.225 
TYR 'L-peptide linking' y TYROSINE                                        ?                               'C9 H11 N O3'    181.189 
VAL 'L-peptide linking' y VALINE                                          ?                               'C5 H11 N O2'    117.146 
YK8 non-polymer         . '20alpha-hydroxy-20-(5-methylhexyl)cholesterol' ?                               'C28 H48 O2'     416.680 
# 
loop_
_pdbx_poly_seq_scheme.asym_id 
_pdbx_poly_seq_scheme.entity_id 
_pdbx_poly_seq_scheme.seq_id 
_pdbx_poly_seq_scheme.mon_id 
_pdbx_poly_seq_scheme.ndb_seq_num 
_pdbx_poly_seq_scheme.pdb_seq_num 
_pdbx_poly_seq_scheme.auth_seq_num 
_pdbx_poly_seq_scheme.pdb_mon_id 
_pdbx_poly_seq_scheme.auth_mon_id 
_pdbx_poly_seq_scheme.pdb_strand_id 
_pdbx_poly_seq_scheme.pdb_ins_code 
_pdbx_poly_seq_scheme.hetero 
A 1 1   GLY 1   327 327 GLY GLY A . n 
A 1 2   ARG 2   328 328 ARG ARG A . n 
A 1 3   LEU 3   329 329 LEU LEU A . n 
A 1 4   TYR 4   330 330 TYR TYR A . n 
A 1 5   ILE 5   331 331 ILE ILE A . n 
A 1 6   ASN 6   332 332 ASN ASN A . n 
A 1 7   ARG 7   333 333 ARG ARG A . n 
A 1 8   VAL 8   334 334 VAL VAL A . n 
A 1 9   PHE 9   335 335 PHE PHE A . n 
A 1 10  HIS 10  336 336 HIS HIS A . n 
A 1 11  ILE 11  337 337 ILE ILE A . n 
A 1 12  SER 12  338 338 SER SER A . n 
A 1 13  ALA 13  339 339 ALA ALA A . n 
A 1 14  GLU 14  340 340 GLU GLU A . n 
A 1 15  ARG 15  341 341 ARG ARG A . n 
A 1 16  MET 16  342 342 MET MET A . n 
A 1 17  PHE 17  343 343 PHE PHE A . n 
A 1 18  GLU 18  344 344 GLU GLU A . n 
A 1 19  LEU 19  345 345 LEU LEU A . n 
A 1 20  LEU 20  346 346 LEU LEU A . n 
A 1 21  PHE 21  347 347 PHE PHE A . n 
A 1 22  THR 22  348 348 THR THR A . n 
A 1 23  SER 23  349 349 SER SER A . n 
A 1 24  SER 24  350 350 SER SER A . n 
A 1 25  HIS 25  351 351 HIS HIS A . n 
A 1 26  PHE 26  352 352 PHE PHE A . n 
A 1 27  MET 27  353 353 MET MET A . n 
A 1 28  GLN 28  354 354 GLN GLN A . n 
A 1 29  ARG 29  355 355 ARG ARG A . n 
A 1 30  PHE 30  356 356 PHE PHE A . n 
A 1 31  ALA 31  357 357 ALA ALA A . n 
A 1 32  ASN 32  358 358 ASN ASN A . n 
A 1 33  SER 33  359 359 SER SER A . n 
A 1 34  ARG 34  360 360 ARG ARG A . n 
A 1 35  ASN 35  361 361 ASN ASN A . n 
A 1 36  ILE 36  362 362 ILE ILE A . n 
A 1 37  ILE 37  363 363 ILE ILE A . n 
A 1 38  ASP 38  364 364 ASP ASP A . n 
A 1 39  VAL 39  365 365 VAL VAL A . n 
A 1 40  VAL 40  366 366 VAL VAL A . n 
A 1 41  SER 41  367 367 SER SER A . n 
A 1 42  THR 42  368 368 THR THR A . n 
A 1 43  PRO 43  369 369 PRO PRO A . n 
A 1 44  TRP 44  370 370 TRP TRP A . n 
A 1 45  THR 45  371 371 THR THR A . n 
A 1 46  VAL 46  372 372 VAL VAL A . n 
A 1 47  GLU 47  373 373 GLU GLU A . n 
A 1 48  SER 48  374 374 SER SER A . n 
A 1 49  GLY 49  375 375 GLY GLY A . n 
A 1 50  GLY 50  376 376 GLY GLY A . n 
A 1 51  ASN 51  377 377 ASN ASN A . n 
A 1 52  GLN 52  378 378 GLN GLN A . n 
A 1 53  LEU 53  379 379 LEU LEU A . n 
A 1 54  ARG 54  380 380 ARG ARG A . n 
A 1 55  THR 55  381 381 THR THR A . n 
A 1 56  MET 56  382 382 MET MET A . n 
A 1 57  THR 57  383 383 THR THR A . n 
A 1 58  TYR 58  384 384 TYR TYR A . n 
A 1 59  THR 59  385 385 THR THR A . n 
A 1 60  ILE 60  386 386 ILE ILE A . n 
A 1 61  VAL 61  387 387 VAL VAL A . n 
A 1 62  LEU 62  388 388 LEU LEU A . n 
A 1 63  SER 63  389 389 SER SER A . n 
A 1 64  ASN 64  390 390 ASN ASN A . n 
A 1 65  PRO 65  391 391 PRO PRO A . n 
A 1 66  LEU 66  392 392 LEU LEU A . n 
A 1 67  THR 67  393 393 THR THR A . n 
A 1 68  GLY 68  394 394 GLY GLY A . n 
A 1 69  LYS 69  395 395 LYS LYS A . n 
A 1 70  TYR 70  396 396 TYR TYR A . n 
A 1 71  THR 71  397 397 THR THR A . n 
A 1 72  ALA 72  398 398 ALA ALA A . n 
A 1 73  ALA 73  399 399 ALA ALA A . n 
A 1 74  THR 74  400 400 THR THR A . n 
A 1 75  GLU 75  401 401 GLU GLU A . n 
A 1 76  LYS 76  402 402 LYS LYS A . n 
A 1 77  GLN 77  403 403 GLN GLN A . n 
A 1 78  THR 78  404 404 THR THR A . n 
A 1 79  LEU 79  405 405 LEU LEU A . n 
A 1 80  TYR 80  406 406 TYR TYR A . n 
A 1 81  LYS 81  407 407 LYS LYS A . n 
A 1 82  GLU 82  408 408 GLU GLU A . n 
A 1 83  SER 83  409 409 SER SER A . n 
A 1 84  ARG 84  410 410 ARG ARG A . n 
A 1 85  GLU 85  411 411 GLU GLU A . n 
A 1 86  ALA 86  412 412 ALA ALA A . n 
A 1 87  GLN 87  413 413 GLN GLN A . n 
A 1 88  PHE 88  414 414 PHE PHE A . n 
A 1 89  TYR 89  415 415 TYR TYR A . n 
A 1 90  LEU 90  416 416 LEU LEU A . n 
A 1 91  VAL 91  417 417 VAL VAL A . n 
A 1 92  ASP 92  418 418 ASP ASP A . n 
A 1 93  SER 93  419 419 SER SER A . n 
A 1 94  GLU 94  420 420 GLU GLU A . n 
A 1 95  VAL 95  421 421 VAL VAL A . n 
A 1 96  LEU 96  422 422 LEU LEU A . n 
A 1 97  THR 97  423 423 THR THR A . n 
A 1 98  HIS 98  424 424 HIS HIS A . n 
A 1 99  ASP 99  425 425 ASP ASP A . n 
A 1 100 VAL 100 426 426 VAL VAL A . n 
A 1 101 PRO 101 427 427 PRO PRO A . n 
A 1 102 TYR 102 428 428 TYR TYR A . n 
A 1 103 HIS 103 429 429 HIS HIS A . n 
A 1 104 ASP 104 430 430 ASP ASP A . n 
A 1 105 TYR 105 431 431 TYR TYR A . n 
A 1 106 PHE 106 432 432 PHE PHE A . n 
A 1 107 TYR 107 433 433 TYR TYR A . n 
A 1 108 THR 108 434 434 THR THR A . n 
A 1 109 LEU 109 435 435 LEU LEU A . n 
A 1 110 ASN 110 436 436 ASN ASN A . n 
A 1 111 ARG 111 437 437 ARG ARG A . n 
A 1 112 TYR 112 438 438 TYR TYR A . n 
A 1 113 CYS 113 439 439 CYS CYS A . n 
A 1 114 ILE 114 440 440 ILE ILE A . n 
A 1 115 VAL 115 441 441 VAL VAL A . n 
A 1 116 ARG 116 442 442 ARG ARG A . n 
A 1 117 SER 117 443 443 SER SER A . n 
A 1 118 ALA 118 444 444 ALA ALA A . n 
A 1 119 LYS 119 445 445 LYS LYS A . n 
A 1 120 GLN 120 446 446 GLN GLN A . n 
A 1 121 ARG 121 447 447 ARG ARG A . n 
A 1 122 CYS 122 448 448 CYS CYS A . n 
A 1 123 ARG 123 449 449 ARG ARG A . n 
A 1 124 LEU 124 450 450 LEU LEU A . n 
A 1 125 ARG 125 451 451 ARG ARG A . n 
A 1 126 VAL 126 452 452 VAL VAL A . n 
A 1 127 SER 127 453 453 SER SER A . n 
A 1 128 THR 128 454 454 THR THR A . n 
A 1 129 ASP 129 455 455 ASP ASP A . n 
A 1 130 LEU 130 456 456 LEU LEU A . n 
A 1 131 LYS 131 457 457 LYS LYS A . n 
A 1 132 TYR 132 458 458 TYR TYR A . n 
A 1 133 ARG 133 459 459 ARG ARG A . n 
A 1 134 LYS 134 460 460 LYS LYS A . n 
A 1 135 GLN 135 461 461 GLN GLN A . n 
A 1 136 PRO 136 462 462 PRO PRO A . n 
A 1 137 TRP 137 463 463 TRP TRP A . n 
A 1 138 GLY 138 464 464 GLY ALA A . n 
A 1 139 LEU 139 465 465 LEU LEU A . n 
A 1 140 ILE 140 466 466 ILE ILE A . n 
A 1 141 LYS 141 467 467 LYS LYS A . n 
A 1 142 SER 142 468 468 SER SER A . n 
A 1 143 LEU 143 469 469 LEU LEU A . n 
A 1 144 ILE 144 470 470 ILE ILE A . n 
A 1 145 GLU 145 471 471 GLU GLU A . n 
A 1 146 LYS 146 472 472 LYS LYS A . n 
A 1 147 ASN 147 473 473 ASN ASN A . n 
A 1 148 SER 148 474 474 SER SER A . n 
A 1 149 TRP 149 475 475 TRP TRP A . n 
A 1 150 SER 150 476 476 SER SER A . n 
A 1 151 SER 151 477 477 SER SER A . n 
A 1 152 LEU 152 478 478 LEU LEU A . n 
A 1 153 GLU 153 479 479 GLU GLU A . n 
A 1 154 SER 154 480 480 SER SER A . n 
A 1 155 TYR 155 481 481 TYR TYR A . n 
A 1 156 PHE 156 482 482 PHE PHE A . n 
A 1 157 LYS 157 483 483 LYS LYS A . n 
A 1 158 LYS 158 484 484 LYS LYS A . n 
A 1 159 LEU 159 485 485 LEU LEU A . n 
A 1 160 GLU 160 486 486 GLU GLU A . n 
A 1 161 SER 161 487 487 SER SER A . n 
A 1 162 ASP 162 488 488 ASP ASP A . n 
A 1 163 LEU 163 489 489 LEU LEU A . n 
A 1 164 LEU 164 490 490 LEU LEU A . n 
A 1 165 MET 165 491 491 MET MET A . n 
A 1 166 GLU 166 492 492 GLU GLU A . n 
A 1 167 GLU 167 493 493 GLU GLU A . n 
A 1 168 SER 168 494 494 SER SER A . n 
A 1 169 VAL 169 495 495 VAL VAL A . n 
A 1 170 LEU 170 496 496 LEU LEU A . n 
A 1 171 SER 171 497 497 SER SER A . n 
A 1 172 GLN 172 498 498 GLN GLN A . n 
A 1 173 SER 173 499 499 SER SER A . n 
A 1 174 ILE 174 500 500 ILE ILE A . n 
A 1 175 GLU 175 501 501 GLU GLU A . n 
A 1 176 ASP 176 502 502 ASP ASP A . n 
A 1 177 ALA 177 503 503 ALA ALA A . n 
# 
loop_
_pdbx_nonpoly_scheme.asym_id 
_pdbx_nonpoly_scheme.entity_id 
_pdbx_nonpoly_scheme.mon_id 
_pdbx_nonpoly_scheme.ndb_seq_num 
_pdbx_nonpoly_scheme.pdb_seq_num 
_pdbx_nonpoly_scheme.auth_seq_num 
_pdbx_nonpoly_scheme.pdb_mon_id 
_pdbx_nonpoly_scheme.auth_mon_id 
_pdbx_nonpoly_scheme.pdb_strand_id 
_pdbx_nonpoly_scheme.pdb_ins_code 
B 2 YK8 1  601 601  YK8 YK8 A . 
C 3 EOH 1  602 1201 EOH EOH A . 
D 3 EOH 1  603 1301 EOH EOH A . 
E 3 EOH 1  604 1401 EOH EOH A . 
F 3 EOH 1  605 1501 EOH EOH A . 
G 3 EOH 1  606 1801 EOH EOH A . 
H 3 EOH 1  607 1901 EOH EOH A . 
I 4 GOL 1  608 2001 GOL GOL A . 
J 5 HOH 1  701 10   HOH HOH A . 
J 5 HOH 2  702 37   HOH HOH A . 
J 5 HOH 3  703 29   HOH HOH A . 
J 5 HOH 4  704 46   HOH HOH A . 
J 5 HOH 5  705 13   HOH HOH A . 
J 5 HOH 6  706 43   HOH HOH A . 
J 5 HOH 7  707 41   HOH HOH A . 
J 5 HOH 8  708 28   HOH HOH A . 
J 5 HOH 9  709 35   HOH HOH A . 
J 5 HOH 10 710 6    HOH HOH A . 
J 5 HOH 11 711 52   HOH HOH A . 
J 5 HOH 12 712 26   HOH HOH A . 
J 5 HOH 13 713 49   HOH HOH A . 
J 5 HOH 14 714 44   HOH HOH A . 
J 5 HOH 15 715 30   HOH HOH A . 
J 5 HOH 16 716 19   HOH HOH A . 
J 5 HOH 17 717 21   HOH HOH A . 
J 5 HOH 18 718 12   HOH HOH A . 
J 5 HOH 19 719 45   HOH HOH A . 
J 5 HOH 20 720 48   HOH HOH A . 
J 5 HOH 21 721 34   HOH HOH A . 
J 5 HOH 22 722 23   HOH HOH A . 
J 5 HOH 23 723 8    HOH HOH A . 
J 5 HOH 24 724 16   HOH HOH A . 
J 5 HOH 25 725 27   HOH HOH A . 
J 5 HOH 26 726 2    HOH HOH A . 
J 5 HOH 27 727 4    HOH HOH A . 
J 5 HOH 28 728 22   HOH HOH A . 
J 5 HOH 29 729 1    HOH HOH A . 
J 5 HOH 30 730 18   HOH HOH A . 
J 5 HOH 31 731 3    HOH HOH A . 
J 5 HOH 32 732 17   HOH HOH A . 
J 5 HOH 33 733 14   HOH HOH A . 
J 5 HOH 34 734 11   HOH HOH A . 
J 5 HOH 35 735 5    HOH HOH A . 
J 5 HOH 36 736 42   HOH HOH A . 
J 5 HOH 37 737 36   HOH HOH A . 
J 5 HOH 38 738 51   HOH HOH A . 
J 5 HOH 39 739 31   HOH HOH A . 
J 5 HOH 40 740 9    HOH HOH A . 
J 5 HOH 41 741 50   HOH HOH A . 
J 5 HOH 42 742 40   HOH HOH A . 
J 5 HOH 43 743 15   HOH HOH A . 
J 5 HOH 44 744 25   HOH HOH A . 
J 5 HOH 45 745 38   HOH HOH A . 
J 5 HOH 46 746 39   HOH HOH A . 
J 5 HOH 47 747 24   HOH HOH A . 
J 5 HOH 48 748 32   HOH HOH A . 
J 5 HOH 49 749 7    HOH HOH A . 
J 5 HOH 50 750 20   HOH HOH A . 
# 
loop_
_pdbx_unobs_or_zero_occ_atoms.id 
_pdbx_unobs_or_zero_occ_atoms.PDB_model_num 
_pdbx_unobs_or_zero_occ_atoms.polymer_flag 
_pdbx_unobs_or_zero_occ_atoms.occupancy_flag 
_pdbx_unobs_or_zero_occ_atoms.auth_asym_id 
_pdbx_unobs_or_zero_occ_atoms.auth_comp_id 
_pdbx_unobs_or_zero_occ_atoms.auth_seq_id 
_pdbx_unobs_or_zero_occ_atoms.PDB_ins_code 
_pdbx_unobs_or_zero_occ_atoms.auth_atom_id 
_pdbx_unobs_or_zero_occ_atoms.label_alt_id 
_pdbx_unobs_or_zero_occ_atoms.label_asym_id 
_pdbx_unobs_or_zero_occ_atoms.label_comp_id 
_pdbx_unobs_or_zero_occ_atoms.label_seq_id 
_pdbx_unobs_or_zero_occ_atoms.label_atom_id 
1 1 Y 1 A TRP 463 ? CG  ? A TRP 137 CG  
2 1 Y 1 A TRP 463 ? CD1 ? A TRP 137 CD1 
3 1 Y 1 A TRP 463 ? CD2 ? A TRP 137 CD2 
4 1 Y 1 A TRP 463 ? NE1 ? A TRP 137 NE1 
5 1 Y 1 A TRP 463 ? CE2 ? A TRP 137 CE2 
6 1 Y 1 A TRP 463 ? CE3 ? A TRP 137 CE3 
7 1 Y 1 A TRP 463 ? CZ2 ? A TRP 137 CZ2 
8 1 Y 1 A TRP 463 ? CZ3 ? A TRP 137 CZ3 
9 1 Y 1 A TRP 463 ? CH2 ? A TRP 137 CH2 
# 
loop_
_software.citation_id 
_software.classification 
_software.compiler_name 
_software.compiler_version 
_software.contact_author 
_software.contact_author_email 
_software.date 
_software.description 
_software.dependencies 
_software.hardware 
_software.language 
_software.location 
_software.mods 
_software.name 
_software.os 
_software.os_version 
_software.type 
_software.version 
_software.pdbx_ordinal 
? refinement        ? ? ? ? ? ? ? ? ? ? ? PHENIX      ? ? ? 1.17.1_3660 1 
? 'data scaling'    ? ? ? ? ? ? ? ? ? ? ? Aimless     ? ? ? 0.7.4       2 
? 'data extraction' ? ? ? ? ? ? ? ? ? ? ? PDB_EXTRACT ? ? ? 3.25        3 
? 'data reduction'  ? ? ? ? ? ? ? ? ? ? ? XDS         ? ? ? .           4 
? phasing           ? ? ? ? ? ? ? ? ? ? ? PHASER      ? ? ? 2.8.3       5 
# 
_cell.angle_alpha                  90.000 
_cell.angle_alpha_esd              ? 
_cell.angle_beta                   100.070 
_cell.angle_beta_esd               ? 
_cell.angle_gamma                  90.000 
_cell.angle_gamma_esd              ? 
_cell.entry_id                     7AZN 
_cell.details                      ? 
_cell.formula_units_Z              ? 
_cell.length_a                     65.995 
_cell.length_a_esd                 ? 
_cell.length_b                     49.397 
_cell.length_b_esd                 ? 
_cell.length_c                     61.691 
_cell.length_c_esd                 ? 
_cell.volume                       ? 
_cell.volume_esd                   ? 
_cell.Z_PDB                        4 
_cell.reciprocal_angle_alpha       ? 
_cell.reciprocal_angle_beta        ? 
_cell.reciprocal_angle_gamma       ? 
_cell.reciprocal_angle_alpha_esd   ? 
_cell.reciprocal_angle_beta_esd    ? 
_cell.reciprocal_angle_gamma_esd   ? 
_cell.reciprocal_length_a          ? 
_cell.reciprocal_length_b          ? 
_cell.reciprocal_length_c          ? 
_cell.reciprocal_length_a_esd      ? 
_cell.reciprocal_length_b_esd      ? 
_cell.reciprocal_length_c_esd      ? 
_cell.pdbx_unique_axis             ? 
# 
_symmetry.entry_id                         7AZN 
_symmetry.cell_setting                     ? 
_symmetry.Int_Tables_number                5 
_symmetry.space_group_name_Hall            ? 
_symmetry.space_group_name_H-M             'C 1 2 1' 
_symmetry.pdbx_full_space_group_name_H-M   ? 
# 
_exptl.absorpt_coefficient_mu     ? 
_exptl.absorpt_correction_T_max   ? 
_exptl.absorpt_correction_T_min   ? 
_exptl.absorpt_correction_type    ? 
_exptl.absorpt_process_details    ? 
_exptl.entry_id                   7AZN 
_exptl.crystals_number            1 
_exptl.details                    ? 
_exptl.method                     'X-RAY DIFFRACTION' 
_exptl.method_details             ? 
# 
_exptl_crystal.colour                      ? 
_exptl_crystal.density_diffrn              ? 
_exptl_crystal.density_Matthews            2.32 
_exptl_crystal.density_method              ? 
_exptl_crystal.density_percent_sol         47 
_exptl_crystal.description                 'A single 100-micrometres rectangular prism.' 
_exptl_crystal.F_000                       ? 
_exptl_crystal.id                          1 
_exptl_crystal.preparation                 ? 
_exptl_crystal.size_max                    ? 
_exptl_crystal.size_mid                    ? 
_exptl_crystal.size_min                    ? 
_exptl_crystal.size_rad                    ? 
_exptl_crystal.colour_lustre               ? 
_exptl_crystal.colour_modifier             ? 
_exptl_crystal.colour_primary              ? 
_exptl_crystal.density_meas                ? 
_exptl_crystal.density_meas_esd            ? 
_exptl_crystal.density_meas_gt             ? 
_exptl_crystal.density_meas_lt             ? 
_exptl_crystal.density_meas_temp           ? 
_exptl_crystal.density_meas_temp_esd       ? 
_exptl_crystal.density_meas_temp_gt        ? 
_exptl_crystal.density_meas_temp_lt        ? 
_exptl_crystal.pdbx_crystal_image_url      ? 
_exptl_crystal.pdbx_crystal_image_format   ? 
_exptl_crystal.pdbx_mosaicity              ? 
_exptl_crystal.pdbx_mosaicity_esd          ? 
# 
_exptl_crystal_grow.apparatus       ? 
_exptl_crystal_grow.atmosphere      ? 
_exptl_crystal_grow.crystal_id      1 
_exptl_crystal_grow.details         ? 
_exptl_crystal_grow.method          'VAPOR DIFFUSION, SITTING DROP' 
_exptl_crystal_grow.method_ref      ? 
_exptl_crystal_grow.pH              4 
_exptl_crystal_grow.pressure        ? 
_exptl_crystal_grow.pressure_esd    ? 
_exptl_crystal_grow.seeding         ? 
_exptl_crystal_grow.seeding_ref     ? 
_exptl_crystal_grow.temp            291 
_exptl_crystal_grow.temp_details    ? 
_exptl_crystal_grow.temp_esd        ? 
_exptl_crystal_grow.time            ? 
_exptl_crystal_grow.pdbx_details    
;0.1 M SPG buffer pH 4
25 % PEG 1500
;
_exptl_crystal_grow.pdbx_pH_range   ? 
# 
_diffrn.ambient_environment              ? 
_diffrn.ambient_temp                     293 
_diffrn.ambient_temp_details             ? 
_diffrn.ambient_temp_esd                 ? 
_diffrn.crystal_id                       1 
_diffrn.crystal_support                  ? 
_diffrn.crystal_treatment                ? 
_diffrn.details                          ? 
_diffrn.id                               1 
_diffrn.ambient_pressure                 ? 
_diffrn.ambient_pressure_esd             ? 
_diffrn.ambient_pressure_gt              ? 
_diffrn.ambient_pressure_lt              ? 
_diffrn.ambient_temp_gt                  ? 
_diffrn.ambient_temp_lt                  ? 
_diffrn.pdbx_serial_crystal_experiment   N 
# 
_diffrn_detector.details                      Mirrors 
_diffrn_detector.detector                     PIXEL 
_diffrn_detector.diffrn_id                    1 
_diffrn_detector.type                         'DECTRIS PILATUS3 6M' 
_diffrn_detector.area_resol_mean              ? 
_diffrn_detector.dtime                        ? 
_diffrn_detector.pdbx_frames_total            ? 
_diffrn_detector.pdbx_collection_time_total   ? 
_diffrn_detector.pdbx_collection_date         2019-12-15 
_diffrn_detector.pdbx_frequency               ? 
# 
_diffrn_radiation.collimation                      ? 
_diffrn_radiation.diffrn_id                        1 
_diffrn_radiation.filter_edge                      ? 
_diffrn_radiation.inhomogeneity                    ? 
_diffrn_radiation.monochromator                    'Double crystal monochromator 28.900 m' 
_diffrn_radiation.polarisn_norm                    ? 
_diffrn_radiation.polarisn_ratio                   ? 
_diffrn_radiation.probe                            ? 
_diffrn_radiation.type                             ? 
_diffrn_radiation.xray_symbol                      ? 
_diffrn_radiation.wavelength_id                    1 
_diffrn_radiation.pdbx_monochromatic_or_laue_m_l   M 
_diffrn_radiation.pdbx_wavelength_list             ? 
_diffrn_radiation.pdbx_wavelength                  ? 
_diffrn_radiation.pdbx_diffrn_protocol             'SINGLE WAVELENGTH' 
_diffrn_radiation.pdbx_analyzer                    ? 
_diffrn_radiation.pdbx_scattering_type             x-ray 
# 
_diffrn_radiation_wavelength.id           1 
_diffrn_radiation_wavelength.wavelength   0.976 
_diffrn_radiation_wavelength.wt           1.0 
# 
_diffrn_source.current                     ? 
_diffrn_source.details                     ? 
_diffrn_source.diffrn_id                   1 
_diffrn_source.power                       ? 
_diffrn_source.size                        ? 
_diffrn_source.source                      SYNCHROTRON 
_diffrn_source.target                      ? 
_diffrn_source.type                        'DIAMOND BEAMLINE I24' 
_diffrn_source.voltage                     ? 
_diffrn_source.take-off_angle              ? 
_diffrn_source.pdbx_wavelength_list        0.976 
_diffrn_source.pdbx_wavelength             ? 
_diffrn_source.pdbx_synchrotron_beamline   I24 
_diffrn_source.pdbx_synchrotron_site       Diamond 
# 
_reflns.B_iso_Wilson_estimate            ? 
_reflns.entry_id                         7AZN 
_reflns.data_reduction_details           ? 
_reflns.data_reduction_method            ? 
_reflns.d_resolution_high                2.09 
_reflns.d_resolution_low                 26.77 
_reflns.details                          ? 
_reflns.limit_h_max                      ? 
_reflns.limit_h_min                      ? 
_reflns.limit_k_max                      ? 
_reflns.limit_k_min                      ? 
_reflns.limit_l_max                      ? 
_reflns.limit_l_min                      ? 
_reflns.number_all                       ? 
_reflns.number_obs                       11465 
_reflns.observed_criterion               ? 
_reflns.observed_criterion_F_max         ? 
_reflns.observed_criterion_F_min         ? 
_reflns.observed_criterion_I_max         ? 
_reflns.observed_criterion_I_min         ? 
_reflns.observed_criterion_sigma_F       ? 
_reflns.observed_criterion_sigma_I       ? 
_reflns.percent_possible_obs             97.9 
_reflns.R_free_details                   ? 
_reflns.Rmerge_F_all                     ? 
_reflns.Rmerge_F_obs                     ? 
_reflns.Friedel_coverage                 ? 
_reflns.number_gt                        ? 
_reflns.threshold_expression             ? 
_reflns.pdbx_redundancy                  3.2 
_reflns.pdbx_Rmerge_I_obs                0.060 
_reflns.pdbx_Rmerge_I_all                ? 
_reflns.pdbx_Rsym_value                  ? 
_reflns.pdbx_netI_over_av_sigmaI         ? 
_reflns.pdbx_netI_over_sigmaI            7.1 
_reflns.pdbx_res_netI_over_av_sigmaI_2   ? 
_reflns.pdbx_res_netI_over_sigmaI_2      ? 
_reflns.pdbx_chi_squared                 0.69 
_reflns.pdbx_scaling_rejects             ? 
_reflns.pdbx_d_res_high_opt              ? 
_reflns.pdbx_d_res_low_opt               ? 
_reflns.pdbx_d_res_opt_method            ? 
_reflns.phase_calculation_details        ? 
_reflns.pdbx_Rrim_I_all                  0.083 
_reflns.pdbx_Rpim_I_all                  0.057 
_reflns.pdbx_d_opt                       ? 
_reflns.pdbx_number_measured_all         ? 
_reflns.pdbx_diffrn_id                   1 
_reflns.pdbx_ordinal                     1 
_reflns.pdbx_CC_half                     0.994 
_reflns.pdbx_CC_star                     ? 
_reflns.pdbx_R_split                     ? 
# 
_reflns_shell.d_res_high                  2.09 
_reflns_shell.d_res_low                   2.15 
_reflns_shell.meanI_over_sigI_all         ? 
_reflns_shell.meanI_over_sigI_obs         2.9 
_reflns_shell.number_measured_all         ? 
_reflns_shell.number_measured_obs         ? 
_reflns_shell.number_possible             ? 
_reflns_shell.number_unique_all           ? 
_reflns_shell.number_unique_obs           808 
_reflns_shell.percent_possible_all        84.2 
_reflns_shell.percent_possible_obs        ? 
_reflns_shell.Rmerge_F_all                ? 
_reflns_shell.Rmerge_F_obs                ? 
_reflns_shell.Rmerge_I_all                ? 
_reflns_shell.Rmerge_I_obs                0.252 
_reflns_shell.meanI_over_sigI_gt          ? 
_reflns_shell.meanI_over_uI_all           ? 
_reflns_shell.meanI_over_uI_gt            ? 
_reflns_shell.number_measured_gt          ? 
_reflns_shell.number_unique_gt            ? 
_reflns_shell.percent_possible_gt         ? 
_reflns_shell.Rmerge_F_gt                 ? 
_reflns_shell.Rmerge_I_gt                 ? 
_reflns_shell.pdbx_redundancy             2.7 
_reflns_shell.pdbx_Rsym_value             ? 
_reflns_shell.pdbx_chi_squared            0.65 
_reflns_shell.pdbx_netI_over_sigmaI_all   ? 
_reflns_shell.pdbx_netI_over_sigmaI_obs   ? 
_reflns_shell.pdbx_Rrim_I_all             0.347 
_reflns_shell.pdbx_Rpim_I_all             0.239 
_reflns_shell.pdbx_rejects                ? 
_reflns_shell.pdbx_ordinal                1 
_reflns_shell.pdbx_diffrn_id              1 
_reflns_shell.pdbx_CC_half                0.944 
_reflns_shell.pdbx_CC_star                ? 
_reflns_shell.pdbx_R_split                ? 
# 
_refine.aniso_B[1][1]                            ? 
_refine.aniso_B[1][2]                            ? 
_refine.aniso_B[1][3]                            ? 
_refine.aniso_B[2][2]                            ? 
_refine.aniso_B[2][3]                            ? 
_refine.aniso_B[3][3]                            ? 
_refine.B_iso_max                                92.050 
_refine.B_iso_mean                               41.7578 
_refine.B_iso_min                                16.360 
_refine.correlation_coeff_Fo_to_Fc               ? 
_refine.correlation_coeff_Fo_to_Fc_free          ? 
_refine.details                                  ? 
_refine.diff_density_max                         ? 
_refine.diff_density_max_esd                     ? 
_refine.diff_density_min                         ? 
_refine.diff_density_min_esd                     ? 
_refine.diff_density_rms                         ? 
_refine.diff_density_rms_esd                     ? 
_refine.entry_id                                 7AZN 
_refine.pdbx_refine_id                           'X-RAY DIFFRACTION' 
_refine.ls_abs_structure_details                 ? 
_refine.ls_abs_structure_Flack                   ? 
_refine.ls_abs_structure_Flack_esd               ? 
_refine.ls_abs_structure_Rogers                  ? 
_refine.ls_abs_structure_Rogers_esd              ? 
_refine.ls_d_res_high                            2.0900 
_refine.ls_d_res_low                             26.7700 
_refine.ls_extinction_coef                       ? 
_refine.ls_extinction_coef_esd                   ? 
_refine.ls_extinction_expression                 ? 
_refine.ls_extinction_method                     ? 
_refine.ls_goodness_of_fit_all                   ? 
_refine.ls_goodness_of_fit_all_esd               ? 
_refine.ls_goodness_of_fit_obs                   ? 
_refine.ls_goodness_of_fit_obs_esd               ? 
_refine.ls_hydrogen_treatment                    ? 
_refine.ls_matrix_type                           ? 
_refine.ls_number_constraints                    ? 
_refine.ls_number_parameters                     ? 
_refine.ls_number_reflns_all                     ? 
_refine.ls_number_reflns_obs                     11448 
_refine.ls_number_reflns_R_free                  580 
_refine.ls_number_reflns_R_work                  10868 
_refine.ls_number_restraints                     ? 
_refine.ls_percent_reflns_obs                    97.5900 
_refine.ls_percent_reflns_R_free                 5.0700 
_refine.ls_R_factor_all                          ? 
_refine.ls_R_factor_obs                          0.2193 
_refine.ls_R_factor_R_free                       0.2596 
_refine.ls_R_factor_R_free_error                 ? 
_refine.ls_R_factor_R_free_error_details         ? 
_refine.ls_R_factor_R_work                       0.2172 
_refine.ls_R_Fsqd_factor_obs                     ? 
_refine.ls_R_I_factor_obs                        ? 
_refine.ls_redundancy_reflns_all                 ? 
_refine.ls_redundancy_reflns_obs                 ? 
_refine.ls_restrained_S_all                      ? 
_refine.ls_restrained_S_obs                      ? 
_refine.ls_shift_over_esd_max                    ? 
_refine.ls_shift_over_esd_mean                   ? 
_refine.ls_structure_factor_coef                 ? 
_refine.ls_weighting_details                     ? 
_refine.ls_weighting_scheme                      ? 
_refine.ls_wR_factor_all                         ? 
_refine.ls_wR_factor_obs                         ? 
_refine.ls_wR_factor_R_free                      ? 
_refine.ls_wR_factor_R_work                      ? 
_refine.occupancy_max                            ? 
_refine.occupancy_min                            ? 
_refine.solvent_model_details                    'FLAT BULK SOLVENT MODEL' 
_refine.solvent_model_param_bsol                 ? 
_refine.solvent_model_param_ksol                 ? 
_refine.pdbx_R_complete                          ? 
_refine.ls_R_factor_gt                           ? 
_refine.ls_goodness_of_fit_gt                    ? 
_refine.ls_goodness_of_fit_ref                   ? 
_refine.ls_shift_over_su_max                     ? 
_refine.ls_shift_over_su_max_lt                  ? 
_refine.ls_shift_over_su_mean                    ? 
_refine.ls_shift_over_su_mean_lt                 ? 
_refine.pdbx_ls_sigma_I                          ? 
_refine.pdbx_ls_sigma_F                          1.350 
_refine.pdbx_ls_sigma_Fsqd                       ? 
_refine.pdbx_data_cutoff_high_absF               ? 
_refine.pdbx_data_cutoff_high_rms_absF           ? 
_refine.pdbx_data_cutoff_low_absF                ? 
_refine.pdbx_isotropic_thermal_model             ? 
_refine.pdbx_ls_cross_valid_method               THROUGHOUT 
_refine.pdbx_method_to_determine_struct          'MOLECULAR REPLACEMENT' 
_refine.pdbx_starting_model                      6gqf 
_refine.pdbx_stereochemistry_target_values       ML 
_refine.pdbx_R_Free_selection_details            ? 
_refine.pdbx_stereochem_target_val_spec_case     ? 
_refine.pdbx_overall_ESU_R                       ? 
_refine.pdbx_overall_ESU_R_Free                  ? 
_refine.pdbx_solvent_vdw_probe_radii             1.1100 
_refine.pdbx_solvent_ion_probe_radii             ? 
_refine.pdbx_solvent_shrinkage_radii             0.9000 
_refine.pdbx_real_space_R                        ? 
_refine.pdbx_density_correlation                 ? 
_refine.pdbx_pd_number_of_powder_patterns        ? 
_refine.pdbx_pd_number_of_points                 ? 
_refine.pdbx_pd_meas_number_of_points            ? 
_refine.pdbx_pd_proc_ls_prof_R_factor            ? 
_refine.pdbx_pd_proc_ls_prof_wR_factor           ? 
_refine.pdbx_pd_Marquardt_correlation_coeff      ? 
_refine.pdbx_pd_Fsqrd_R_factor                   ? 
_refine.pdbx_pd_ls_matrix_band_width             ? 
_refine.pdbx_overall_phase_error                 35.6700 
_refine.pdbx_overall_SU_R_free_Cruickshank_DPI   ? 
_refine.pdbx_overall_SU_R_free_Blow_DPI          ? 
_refine.pdbx_overall_SU_R_Blow_DPI               ? 
_refine.pdbx_TLS_residual_ADP_flag               ? 
_refine.pdbx_diffrn_id                           1 
_refine.overall_SU_B                             ? 
_refine.overall_SU_ML                            0.2700 
_refine.overall_SU_R_Cruickshank_DPI             ? 
_refine.overall_SU_R_free                        ? 
_refine.overall_FOM_free_R_set                   ? 
_refine.overall_FOM_work_R_set                   ? 
_refine.pdbx_average_fsc_overall                 ? 
_refine.pdbx_average_fsc_work                    ? 
_refine.pdbx_average_fsc_free                    ? 
# 
_refine_hist.pdbx_refine_id                   'X-RAY DIFFRACTION' 
_refine_hist.cycle_id                         final 
_refine_hist.details                          ? 
_refine_hist.d_res_high                       2.0900 
_refine_hist.d_res_low                        26.7700 
_refine_hist.number_atoms_solvent             50 
_refine_hist.number_atoms_total               1562 
_refine_hist.number_reflns_all                ? 
_refine_hist.number_reflns_obs                ? 
_refine_hist.number_reflns_R_free             ? 
_refine_hist.number_reflns_R_work             ? 
_refine_hist.R_factor_all                     ? 
_refine_hist.R_factor_obs                     ? 
_refine_hist.R_factor_R_free                  ? 
_refine_hist.R_factor_R_work                  ? 
_refine_hist.pdbx_number_residues_total       177 
_refine_hist.pdbx_B_iso_mean_ligand           37.19 
_refine_hist.pdbx_B_iso_mean_solvent          44.78 
_refine_hist.pdbx_number_atoms_protein        1458 
_refine_hist.pdbx_number_atoms_nucleic_acid   0 
_refine_hist.pdbx_number_atoms_ligand         54 
_refine_hist.pdbx_number_atoms_lipid          ? 
_refine_hist.pdbx_number_atoms_carb           ? 
_refine_hist.pdbx_pseudo_atom_details         ? 
# 
loop_
_refine_ls_shell.pdbx_refine_id 
_refine_ls_shell.d_res_high 
_refine_ls_shell.d_res_low 
_refine_ls_shell.number_reflns_all 
_refine_ls_shell.number_reflns_obs 
_refine_ls_shell.number_reflns_R_free 
_refine_ls_shell.number_reflns_R_work 
_refine_ls_shell.percent_reflns_obs 
_refine_ls_shell.percent_reflns_R_free 
_refine_ls_shell.R_factor_all 
_refine_ls_shell.R_factor_obs 
_refine_ls_shell.R_factor_R_free 
_refine_ls_shell.R_factor_R_free_error 
_refine_ls_shell.R_factor_R_work 
_refine_ls_shell.redundancy_reflns_all 
_refine_ls_shell.redundancy_reflns_obs 
_refine_ls_shell.wR_factor_all 
_refine_ls_shell.wR_factor_obs 
_refine_ls_shell.wR_factor_R_free 
_refine_ls_shell.wR_factor_R_work 
_refine_ls_shell.pdbx_R_complete 
_refine_ls_shell.pdbx_total_number_of_bins_used 
_refine_ls_shell.pdbx_phase_error 
_refine_ls_shell.pdbx_fsc_work 
_refine_ls_shell.pdbx_fsc_free 
'X-RAY DIFFRACTION' 2.0900 2.3000  2725 . 143 2582 94.0000  . . . 0.3431 0.0000 0.2943 . . . . . . . 4 . . . 
'X-RAY DIFFRACTION' 2.3000 2.6300  2904 . 150 2754 100.0000 . . . 0.3290 0.0000 0.2473 . . . . . . . 4 . . . 
'X-RAY DIFFRACTION' 2.6300 3.3100  2912 . 149 2763 100.0000 . . . 0.2538 0.0000 0.2369 . . . . . . . 4 . . . 
'X-RAY DIFFRACTION' 3.3100 26.7700 2907 . 138 2769 97.0000  . . . 0.2240 0.0000 0.1870 . . . . . . . 4 . . . 
# 
_struct.entry_id                     7AZN 
_struct.title                        'Structure of mouse AsterC (GramD1c) with a new cholesterol-derived compound' 
_struct.pdbx_model_details           ? 
_struct.pdbx_formula_weight          ? 
_struct.pdbx_formula_weight_method   ? 
_struct.pdbx_model_type_details      ? 
_struct.pdbx_CASP_flag               N 
# 
_struct_keywords.entry_id        7AZN 
_struct_keywords.text            
'Non vesicular cholesterol transport, lipid-binding, endoplasmic reticulum, membrane contact sites, LIPID TRANSPORT' 
_struct_keywords.pdbx_keywords   'LIPID TRANSPORT' 
# 
loop_
_struct_asym.id 
_struct_asym.pdbx_blank_PDB_chainid_flag 
_struct_asym.pdbx_modified 
_struct_asym.entity_id 
_struct_asym.details 
A N N 1 ? 
B N N 2 ? 
C N N 3 ? 
D N N 3 ? 
E N N 3 ? 
F N N 3 ? 
G N N 3 ? 
H N N 3 ? 
I N N 4 ? 
J N N 5 ? 
# 
_struct_ref.id                         1 
_struct_ref.db_name                    UNP 
_struct_ref.db_code                    ASTRC_MOUSE 
_struct_ref.pdbx_db_accession          Q8CI52 
_struct_ref.pdbx_db_isoform            ? 
_struct_ref.entity_id                  1 
_struct_ref.pdbx_seq_one_letter_code   
;GRLYINRVFHISAERMFELLFTSSHFMQRFANSRNIIDVVSTPWTVESGGNQLRTMTYTIVLSNPLTGKYTAATEKQTLY
KESREAQFYLVDSEVLTHDVPYHDYFYTLNRYCIVRSAKQRCRLRVSTDLKYRKQPWGLIKSLIEKNSWSSLESYFKKLE
SDLLMEESVLSQSIEDA
;
_struct_ref.pdbx_align_begin           327 
# 
_struct_ref_seq.align_id                      1 
_struct_ref_seq.ref_id                        1 
_struct_ref_seq.pdbx_PDB_id_code              7AZN 
_struct_ref_seq.pdbx_strand_id                A 
_struct_ref_seq.seq_align_beg                 1 
_struct_ref_seq.pdbx_seq_align_beg_ins_code   ? 
_struct_ref_seq.seq_align_end                 177 
_struct_ref_seq.pdbx_seq_align_end_ins_code   ? 
_struct_ref_seq.pdbx_db_accession             Q8CI52 
_struct_ref_seq.db_align_beg                  327 
_struct_ref_seq.pdbx_db_align_beg_ins_code    ? 
_struct_ref_seq.db_align_end                  503 
_struct_ref_seq.pdbx_db_align_end_ins_code    ? 
_struct_ref_seq.pdbx_auth_seq_align_beg       327 
_struct_ref_seq.pdbx_auth_seq_align_end       503 
# 
_pdbx_struct_assembly.id                   1 
_pdbx_struct_assembly.details              author_and_software_defined_assembly 
_pdbx_struct_assembly.method_details       PISA 
_pdbx_struct_assembly.oligomeric_details   monomeric 
_pdbx_struct_assembly.oligomeric_count     1 
# 
loop_
_pdbx_struct_assembly_prop.biol_id 
_pdbx_struct_assembly_prop.type 
_pdbx_struct_assembly_prop.value 
_pdbx_struct_assembly_prop.details 
1 'ABSA (A^2)' 1440 ? 
1 MORE         20   ? 
1 'SSA (A^2)'  9500 ? 
# 
_pdbx_struct_assembly_gen.assembly_id       1 
_pdbx_struct_assembly_gen.oper_expression   1 
_pdbx_struct_assembly_gen.asym_id_list      A,B,C,D,E,F,G,H,I,J 
# 
_pdbx_struct_assembly_auth_evidence.id                     1 
_pdbx_struct_assembly_auth_evidence.assembly_id            1 
_pdbx_struct_assembly_auth_evidence.experimental_support   'gel filtration' 
_pdbx_struct_assembly_auth_evidence.details                
'NBD-Cholesterol Binding experiments and competition assays were performed to obtain the dissociation constant for this compound.' 
# 
_pdbx_struct_oper_list.id                   1 
_pdbx_struct_oper_list.type                 'identity operation' 
_pdbx_struct_oper_list.name                 1_555 
_pdbx_struct_oper_list.symmetry_operation   x,y,z 
_pdbx_struct_oper_list.matrix[1][1]         1.0000000000 
_pdbx_struct_oper_list.matrix[1][2]         0.0000000000 
_pdbx_struct_oper_list.matrix[1][3]         0.0000000000 
_pdbx_struct_oper_list.vector[1]            0.0000000000 
_pdbx_struct_oper_list.matrix[2][1]         0.0000000000 
_pdbx_struct_oper_list.matrix[2][2]         1.0000000000 
_pdbx_struct_oper_list.matrix[2][3]         0.0000000000 
_pdbx_struct_oper_list.vector[2]            0.0000000000 
_pdbx_struct_oper_list.matrix[3][1]         0.0000000000 
_pdbx_struct_oper_list.matrix[3][2]         0.0000000000 
_pdbx_struct_oper_list.matrix[3][3]         1.0000000000 
_pdbx_struct_oper_list.vector[3]            0.0000000000 
# 
loop_
_struct_conf.conf_type_id 
_struct_conf.id 
_struct_conf.pdbx_PDB_helix_id 
_struct_conf.beg_label_comp_id 
_struct_conf.beg_label_asym_id 
_struct_conf.beg_label_seq_id 
_struct_conf.pdbx_beg_PDB_ins_code 
_struct_conf.end_label_comp_id 
_struct_conf.end_label_asym_id 
_struct_conf.end_label_seq_id 
_struct_conf.pdbx_end_PDB_ins_code 
_struct_conf.beg_auth_comp_id 
_struct_conf.beg_auth_asym_id 
_struct_conf.beg_auth_seq_id 
_struct_conf.end_auth_comp_id 
_struct_conf.end_auth_asym_id 
_struct_conf.end_auth_seq_id 
_struct_conf.pdbx_PDB_helix_class 
_struct_conf.details 
_struct_conf.pdbx_PDB_helix_length 
HELX_P HELX_P1 AA1 SER A 12  ? THR A 22  ? SER A 338 THR A 348 1 ? 11 
HELX_P HELX_P2 AA2 SER A 24  ? ARG A 34  ? SER A 350 ARG A 360 1 ? 11 
HELX_P HELX_P3 AA3 TYR A 102 ? ASP A 104 ? TYR A 428 ASP A 430 5 ? 3  
HELX_P HELX_P4 AA4 GLY A 138 ? ASN A 147 ? GLY A 464 ASN A 473 1 ? 10 
HELX_P HELX_P5 AA5 SER A 148 ? ALA A 177 ? SER A 474 ALA A 503 1 ? 30 
# 
_struct_conf_type.id          HELX_P 
_struct_conf_type.criteria    ? 
_struct_conf_type.reference   ? 
# 
loop_
_struct_sheet.id 
_struct_sheet.type 
_struct_sheet.number_strands 
_struct_sheet.details 
AA1 ? 7 ? 
AA2 ? 7 ? 
# 
loop_
_struct_sheet_order.sheet_id 
_struct_sheet_order.range_id_1 
_struct_sheet_order.range_id_2 
_struct_sheet_order.offset 
_struct_sheet_order.sense 
AA1 1 2 ? anti-parallel 
AA1 2 3 ? anti-parallel 
AA1 3 4 ? anti-parallel 
AA1 4 5 ? anti-parallel 
AA1 5 6 ? anti-parallel 
AA1 6 7 ? anti-parallel 
AA2 1 2 ? anti-parallel 
AA2 2 3 ? anti-parallel 
AA2 3 4 ? anti-parallel 
AA2 4 5 ? anti-parallel 
AA2 5 6 ? anti-parallel 
AA2 6 7 ? anti-parallel 
# 
loop_
_struct_sheet_range.sheet_id 
_struct_sheet_range.id 
_struct_sheet_range.beg_label_comp_id 
_struct_sheet_range.beg_label_asym_id 
_struct_sheet_range.beg_label_seq_id 
_struct_sheet_range.pdbx_beg_PDB_ins_code 
_struct_sheet_range.end_label_comp_id 
_struct_sheet_range.end_label_asym_id 
_struct_sheet_range.end_label_seq_id 
_struct_sheet_range.pdbx_end_PDB_ins_code 
_struct_sheet_range.beg_auth_comp_id 
_struct_sheet_range.beg_auth_asym_id 
_struct_sheet_range.beg_auth_seq_id 
_struct_sheet_range.end_auth_comp_id 
_struct_sheet_range.end_auth_asym_id 
_struct_sheet_range.end_auth_seq_id 
AA1 1 ARG A 2   ? PHE A 9   ? ARG A 328 PHE A 335 
AA1 2 CYS A 122 ? TYR A 132 ? CYS A 448 TYR A 458 
AA1 3 PHE A 106 ? ARG A 116 ? PHE A 432 ARG A 442 
AA1 4 PHE A 88  ? THR A 97  ? PHE A 414 THR A 423 
AA1 5 TYR A 70  ? LEU A 79  ? TYR A 396 LEU A 405 
AA1 6 GLN A 52  ? VAL A 61  ? GLN A 378 VAL A 387 
AA1 7 ILE A 36  ? SER A 41  ? ILE A 362 SER A 367 
AA2 1 ARG A 2   ? PHE A 9   ? ARG A 328 PHE A 335 
AA2 2 CYS A 122 ? TYR A 132 ? CYS A 448 TYR A 458 
AA2 3 PHE A 106 ? ARG A 116 ? PHE A 432 ARG A 442 
AA2 4 PHE A 88  ? THR A 97  ? PHE A 414 THR A 423 
AA2 5 TYR A 70  ? LEU A 79  ? TYR A 396 LEU A 405 
AA2 6 GLN A 52  ? VAL A 61  ? GLN A 378 VAL A 387 
AA2 7 THR A 45  ? VAL A 46  ? THR A 371 VAL A 372 
# 
loop_
_pdbx_struct_sheet_hbond.sheet_id 
_pdbx_struct_sheet_hbond.range_id_1 
_pdbx_struct_sheet_hbond.range_id_2 
_pdbx_struct_sheet_hbond.range_1_label_atom_id 
_pdbx_struct_sheet_hbond.range_1_label_comp_id 
_pdbx_struct_sheet_hbond.range_1_label_asym_id 
_pdbx_struct_sheet_hbond.range_1_label_seq_id 
_pdbx_struct_sheet_hbond.range_1_PDB_ins_code 
_pdbx_struct_sheet_hbond.range_1_auth_atom_id 
_pdbx_struct_sheet_hbond.range_1_auth_comp_id 
_pdbx_struct_sheet_hbond.range_1_auth_asym_id 
_pdbx_struct_sheet_hbond.range_1_auth_seq_id 
_pdbx_struct_sheet_hbond.range_2_label_atom_id 
_pdbx_struct_sheet_hbond.range_2_label_comp_id 
_pdbx_struct_sheet_hbond.range_2_label_asym_id 
_pdbx_struct_sheet_hbond.range_2_label_seq_id 
_pdbx_struct_sheet_hbond.range_2_PDB_ins_code 
_pdbx_struct_sheet_hbond.range_2_auth_atom_id 
_pdbx_struct_sheet_hbond.range_2_auth_comp_id 
_pdbx_struct_sheet_hbond.range_2_auth_asym_id 
_pdbx_struct_sheet_hbond.range_2_auth_seq_id 
AA1 1 2 N PHE A 9   ? N PHE A 335 O CYS A 122 ? O CYS A 448 
AA1 2 3 O LYS A 131 ? O LYS A 457 N TYR A 107 ? N TYR A 433 
AA1 3 4 O ASN A 110 ? O ASN A 436 N SER A 93  ? N SER A 419 
AA1 4 5 O LEU A 96  ? O LEU A 422 N THR A 74  ? N THR A 400 
AA1 5 6 O GLN A 77  ? O GLN A 403 N ARG A 54  ? N ARG A 380 
AA1 6 7 O THR A 57  ? O THR A 383 N VAL A 40  ? N VAL A 366 
AA2 1 2 N PHE A 9   ? N PHE A 335 O CYS A 122 ? O CYS A 448 
AA2 2 3 O LYS A 131 ? O LYS A 457 N TYR A 107 ? N TYR A 433 
AA2 3 4 O ASN A 110 ? O ASN A 436 N SER A 93  ? N SER A 419 
AA2 4 5 O LEU A 96  ? O LEU A 422 N THR A 74  ? N THR A 400 
AA2 5 6 O GLN A 77  ? O GLN A 403 N ARG A 54  ? N ARG A 380 
AA2 6 7 O LEU A 53  ? O LEU A 379 N THR A 45  ? N THR A 371 
# 
loop_
_struct_site.id 
_struct_site.pdbx_evidence_code 
_struct_site.pdbx_auth_asym_id 
_struct_site.pdbx_auth_comp_id 
_struct_site.pdbx_auth_seq_id 
_struct_site.pdbx_auth_ins_code 
_struct_site.pdbx_num_residues 
_struct_site.details 
AC1 Software A YK8 601 ? 12 'binding site for residue YK8 A 601' 
AC2 Software A EOH 602 ? 7  'binding site for residue EOH A 602' 
AC3 Software A EOH 603 ? 4  'binding site for residue EOH A 603' 
AC4 Software A EOH 604 ? 5  'binding site for residue EOH A 604' 
AC5 Software A EOH 605 ? 1  'binding site for residue EOH A 605' 
AC6 Software A EOH 606 ? 5  'binding site for residue EOH A 606' 
AC7 Software A EOH 607 ? 3  'binding site for residue EOH A 607' 
AC8 Software A GOL 608 ? 9  'binding site for residue GOL A 608' 
# 
loop_
_struct_site_gen.id 
_struct_site_gen.site_id 
_struct_site_gen.pdbx_num_res 
_struct_site_gen.label_comp_id 
_struct_site_gen.label_asym_id 
_struct_site_gen.label_seq_id 
_struct_site_gen.pdbx_auth_ins_code 
_struct_site_gen.auth_comp_id 
_struct_site_gen.auth_asym_id 
_struct_site_gen.auth_seq_id 
_struct_site_gen.label_atom_id 
_struct_site_gen.label_alt_id 
_struct_site_gen.symmetry 
_struct_site_gen.details 
1  AC1 12 TYR A 58  ? TYR A 384 . ? 1_555 ? 
2  AC1 12 ILE A 60  ? ILE A 386 . ? 1_555 ? 
3  AC1 12 GLU A 75  ? GLU A 401 . ? 1_555 ? 
4  AC1 12 PRO A 101 ? PRO A 427 . ? 1_555 ? 
5  AC1 12 THR A 108 ? THR A 434 . ? 1_555 ? 
6  AC1 12 ASN A 110 ? ASN A 436 . ? 1_555 ? 
7  AC1 12 ASN A 147 ? ASN A 473 . ? 1_555 ? 
8  AC1 12 SER A 151 ? SER A 477 . ? 1_555 ? 
9  AC1 12 LEU A 152 ? LEU A 478 . ? 1_555 ? 
10 AC1 12 TYR A 155 ? TYR A 481 . ? 1_555 ? 
11 AC1 12 GOL I .   ? GOL A 608 . ? 1_555 ? 
12 AC1 12 HOH J .   ? HOH A 708 . ? 1_555 ? 
13 AC2 7  ASP A 38  ? ASP A 364 . ? 2_555 ? 
14 AC2 7  THR A 57  ? THR A 383 . ? 1_555 ? 
15 AC2 7  TYR A 58  ? TYR A 384 . ? 1_555 ? 
16 AC2 7  THR A 59  ? THR A 385 . ? 1_555 ? 
17 AC2 7  ALA A 72  ? ALA A 398 . ? 1_555 ? 
18 AC2 7  ALA A 73  ? ALA A 399 . ? 1_555 ? 
19 AC2 7  HOH J .   ? HOH A 701 . ? 1_555 ? 
20 AC3 4  SER A 23  ? SER A 349 . ? 1_555 ? 
21 AC3 4  SER A 41  ? SER A 367 . ? 1_555 ? 
22 AC3 4  THR A 42  ? THR A 368 . ? 1_555 ? 
23 AC3 4  ARG A 54  ? ARG A 380 . ? 1_555 ? 
24 AC4 5  GLU A 47  ? GLU A 373 . ? 4_555 ? 
25 AC4 5  ASP A 99  ? ASP A 425 . ? 1_555 ? 
26 AC4 5  VAL A 100 ? VAL A 426 . ? 1_555 ? 
27 AC4 5  PRO A 101 ? PRO A 427 . ? 1_555 ? 
28 AC4 5  HIS A 103 ? HIS A 429 . ? 1_555 ? 
29 AC5 1  ARG A 34  ? ARG A 360 . ? 1_555 ? 
30 AC6 5  GLU A 75  ? GLU A 401 . ? 1_555 ? 
31 AC6 5  GLN A 77  ? GLN A 403 . ? 1_555 ? 
32 AC6 5  TYR A 112 ? TYR A 438 . ? 1_555 ? 
33 AC6 5  TYR A 155 ? TYR A 481 . ? 1_555 ? 
34 AC6 5  GOL I .   ? GOL A 608 . ? 1_555 ? 
35 AC7 3  ASN A 6   ? ASN A 332 . ? 1_555 ? 
36 AC7 3  ARG A 7   ? ARG A 333 . ? 1_555 ? 
37 AC7 3  GLU A 160 ? GLU A 486 . ? 1_555 ? 
38 AC8 9  MET A 27  ? MET A 353 . ? 1_555 ? 
39 AC8 9  ALA A 31  ? ALA A 357 . ? 1_555 ? 
40 AC8 9  MET A 56  ? MET A 382 . ? 1_555 ? 
41 AC8 9  TYR A 58  ? TYR A 384 . ? 1_555 ? 
42 AC8 9  GLU A 75  ? GLU A 401 . ? 1_555 ? 
43 AC8 9  TYR A 155 ? TYR A 481 . ? 1_555 ? 
44 AC8 9  YK8 B .   ? YK8 A 601 . ? 1_555 ? 
45 AC8 9  EOH G .   ? EOH A 606 . ? 1_555 ? 
46 AC8 9  HOH J .   ? HOH A 710 . ? 1_555 ? 
# 
loop_
_pdbx_validate_torsion.id 
_pdbx_validate_torsion.PDB_model_num 
_pdbx_validate_torsion.auth_comp_id 
_pdbx_validate_torsion.auth_asym_id 
_pdbx_validate_torsion.auth_seq_id 
_pdbx_validate_torsion.PDB_ins_code 
_pdbx_validate_torsion.label_alt_id 
_pdbx_validate_torsion.phi 
_pdbx_validate_torsion.psi 
1 1 HIS A 336 ? ? -85.55  45.13   
2 1 ALA A 412 ? ? 56.26   11.52   
3 1 GLN A 413 ? ? -125.68 -50.48  
4 1 ALA A 444 ? ? -125.05 -122.76 
5 1 GLN A 461 ? ? 50.12   76.97   
6 1 SER A 474 ? ? -136.47 -56.67  
# 
_pdbx_entry_details.entry_id                 7AZN 
_pdbx_entry_details.nonpolymer_details       ? 
_pdbx_entry_details.sequence_details         ? 
_pdbx_entry_details.compound_details         ? 
_pdbx_entry_details.source_details           ? 
_pdbx_entry_details.has_ligand_of_interest   Y 
# 
loop_
_chem_comp_atom.comp_id 
_chem_comp_atom.atom_id 
_chem_comp_atom.type_symbol 
_chem_comp_atom.pdbx_aromatic_flag 
_chem_comp_atom.pdbx_stereo_config 
_chem_comp_atom.pdbx_ordinal 
ALA N    N N N 1   
ALA CA   C N S 2   
ALA C    C N N 3   
ALA O    O N N 4   
ALA CB   C N N 5   
ALA OXT  O N N 6   
ALA H    H N N 7   
ALA H2   H N N 8   
ALA HA   H N N 9   
ALA HB1  H N N 10  
ALA HB2  H N N 11  
ALA HB3  H N N 12  
ALA HXT  H N N 13  
ARG N    N N N 14  
ARG CA   C N S 15  
ARG C    C N N 16  
ARG O    O N N 17  
ARG CB   C N N 18  
ARG CG   C N N 19  
ARG CD   C N N 20  
ARG NE   N N N 21  
ARG CZ   C N N 22  
ARG NH1  N N N 23  
ARG NH2  N N N 24  
ARG OXT  O N N 25  
ARG H    H N N 26  
ARG H2   H N N 27  
ARG HA   H N N 28  
ARG HB2  H N N 29  
ARG HB3  H N N 30  
ARG HG2  H N N 31  
ARG HG3  H N N 32  
ARG HD2  H N N 33  
ARG HD3  H N N 34  
ARG HE   H N N 35  
ARG HH11 H N N 36  
ARG HH12 H N N 37  
ARG HH21 H N N 38  
ARG HH22 H N N 39  
ARG HXT  H N N 40  
ASN N    N N N 41  
ASN CA   C N S 42  
ASN C    C N N 43  
ASN O    O N N 44  
ASN CB   C N N 45  
ASN CG   C N N 46  
ASN OD1  O N N 47  
ASN ND2  N N N 48  
ASN OXT  O N N 49  
ASN H    H N N 50  
ASN H2   H N N 51  
ASN HA   H N N 52  
ASN HB2  H N N 53  
ASN HB3  H N N 54  
ASN HD21 H N N 55  
ASN HD22 H N N 56  
ASN HXT  H N N 57  
ASP N    N N N 58  
ASP CA   C N S 59  
ASP C    C N N 60  
ASP O    O N N 61  
ASP CB   C N N 62  
ASP CG   C N N 63  
ASP OD1  O N N 64  
ASP OD2  O N N 65  
ASP OXT  O N N 66  
ASP H    H N N 67  
ASP H2   H N N 68  
ASP HA   H N N 69  
ASP HB2  H N N 70  
ASP HB3  H N N 71  
ASP HD2  H N N 72  
ASP HXT  H N N 73  
CYS N    N N N 74  
CYS CA   C N R 75  
CYS C    C N N 76  
CYS O    O N N 77  
CYS CB   C N N 78  
CYS SG   S N N 79  
CYS OXT  O N N 80  
CYS H    H N N 81  
CYS H2   H N N 82  
CYS HA   H N N 83  
CYS HB2  H N N 84  
CYS HB3  H N N 85  
CYS HG   H N N 86  
CYS HXT  H N N 87  
EOH C1   C N N 88  
EOH C2   C N N 89  
EOH O    O N N 90  
EOH H11  H N N 91  
EOH H12  H N N 92  
EOH H21  H N N 93  
EOH H22  H N N 94  
EOH H23  H N N 95  
EOH HO   H N N 96  
GLN N    N N N 97  
GLN CA   C N S 98  
GLN C    C N N 99  
GLN O    O N N 100 
GLN CB   C N N 101 
GLN CG   C N N 102 
GLN CD   C N N 103 
GLN OE1  O N N 104 
GLN NE2  N N N 105 
GLN OXT  O N N 106 
GLN H    H N N 107 
GLN H2   H N N 108 
GLN HA   H N N 109 
GLN HB2  H N N 110 
GLN HB3  H N N 111 
GLN HG2  H N N 112 
GLN HG3  H N N 113 
GLN HE21 H N N 114 
GLN HE22 H N N 115 
GLN HXT  H N N 116 
GLU N    N N N 117 
GLU CA   C N S 118 
GLU C    C N N 119 
GLU O    O N N 120 
GLU CB   C N N 121 
GLU CG   C N N 122 
GLU CD   C N N 123 
GLU OE1  O N N 124 
GLU OE2  O N N 125 
GLU OXT  O N N 126 
GLU H    H N N 127 
GLU H2   H N N 128 
GLU HA   H N N 129 
GLU HB2  H N N 130 
GLU HB3  H N N 131 
GLU HG2  H N N 132 
GLU HG3  H N N 133 
GLU HE2  H N N 134 
GLU HXT  H N N 135 
GLY N    N N N 136 
GLY CA   C N N 137 
GLY C    C N N 138 
GLY O    O N N 139 
GLY OXT  O N N 140 
GLY H    H N N 141 
GLY H2   H N N 142 
GLY HA2  H N N 143 
GLY HA3  H N N 144 
GLY HXT  H N N 145 
GOL C1   C N N 146 
GOL O1   O N N 147 
GOL C2   C N N 148 
GOL O2   O N N 149 
GOL C3   C N N 150 
GOL O3   O N N 151 
GOL H11  H N N 152 
GOL H12  H N N 153 
GOL HO1  H N N 154 
GOL H2   H N N 155 
GOL HO2  H N N 156 
GOL H31  H N N 157 
GOL H32  H N N 158 
GOL HO3  H N N 159 
HIS N    N N N 160 
HIS CA   C N S 161 
HIS C    C N N 162 
HIS O    O N N 163 
HIS CB   C N N 164 
HIS CG   C Y N 165 
HIS ND1  N Y N 166 
HIS CD2  C Y N 167 
HIS CE1  C Y N 168 
HIS NE2  N Y N 169 
HIS OXT  O N N 170 
HIS H    H N N 171 
HIS H2   H N N 172 
HIS HA   H N N 173 
HIS HB2  H N N 174 
HIS HB3  H N N 175 
HIS HD1  H N N 176 
HIS HD2  H N N 177 
HIS HE1  H N N 178 
HIS HE2  H N N 179 
HIS HXT  H N N 180 
HOH O    O N N 181 
HOH H1   H N N 182 
HOH H2   H N N 183 
ILE N    N N N 184 
ILE CA   C N S 185 
ILE C    C N N 186 
ILE O    O N N 187 
ILE CB   C N S 188 
ILE CG1  C N N 189 
ILE CG2  C N N 190 
ILE CD1  C N N 191 
ILE OXT  O N N 192 
ILE H    H N N 193 
ILE H2   H N N 194 
ILE HA   H N N 195 
ILE HB   H N N 196 
ILE HG12 H N N 197 
ILE HG13 H N N 198 
ILE HG21 H N N 199 
ILE HG22 H N N 200 
ILE HG23 H N N 201 
ILE HD11 H N N 202 
ILE HD12 H N N 203 
ILE HD13 H N N 204 
ILE HXT  H N N 205 
LEU N    N N N 206 
LEU CA   C N S 207 
LEU C    C N N 208 
LEU O    O N N 209 
LEU CB   C N N 210 
LEU CG   C N N 211 
LEU CD1  C N N 212 
LEU CD2  C N N 213 
LEU OXT  O N N 214 
LEU H    H N N 215 
LEU H2   H N N 216 
LEU HA   H N N 217 
LEU HB2  H N N 218 
LEU HB3  H N N 219 
LEU HG   H N N 220 
LEU HD11 H N N 221 
LEU HD12 H N N 222 
LEU HD13 H N N 223 
LEU HD21 H N N 224 
LEU HD22 H N N 225 
LEU HD23 H N N 226 
LEU HXT  H N N 227 
LYS N    N N N 228 
LYS CA   C N S 229 
LYS C    C N N 230 
LYS O    O N N 231 
LYS CB   C N N 232 
LYS CG   C N N 233 
LYS CD   C N N 234 
LYS CE   C N N 235 
LYS NZ   N N N 236 
LYS OXT  O N N 237 
LYS H    H N N 238 
LYS H2   H N N 239 
LYS HA   H N N 240 
LYS HB2  H N N 241 
LYS HB3  H N N 242 
LYS HG2  H N N 243 
LYS HG3  H N N 244 
LYS HD2  H N N 245 
LYS HD3  H N N 246 
LYS HE2  H N N 247 
LYS HE3  H N N 248 
LYS HZ1  H N N 249 
LYS HZ2  H N N 250 
LYS HZ3  H N N 251 
LYS HXT  H N N 252 
MET N    N N N 253 
MET CA   C N S 254 
MET C    C N N 255 
MET O    O N N 256 
MET CB   C N N 257 
MET CG   C N N 258 
MET SD   S N N 259 
MET CE   C N N 260 
MET OXT  O N N 261 
MET H    H N N 262 
MET H2   H N N 263 
MET HA   H N N 264 
MET HB2  H N N 265 
MET HB3  H N N 266 
MET HG2  H N N 267 
MET HG3  H N N 268 
MET HE1  H N N 269 
MET HE2  H N N 270 
MET HE3  H N N 271 
MET HXT  H N N 272 
PHE N    N N N 273 
PHE CA   C N S 274 
PHE C    C N N 275 
PHE O    O N N 276 
PHE CB   C N N 277 
PHE CG   C Y N 278 
PHE CD1  C Y N 279 
PHE CD2  C Y N 280 
PHE CE1  C Y N 281 
PHE CE2  C Y N 282 
PHE CZ   C Y N 283 
PHE OXT  O N N 284 
PHE H    H N N 285 
PHE H2   H N N 286 
PHE HA   H N N 287 
PHE HB2  H N N 288 
PHE HB3  H N N 289 
PHE HD1  H N N 290 
PHE HD2  H N N 291 
PHE HE1  H N N 292 
PHE HE2  H N N 293 
PHE HZ   H N N 294 
PHE HXT  H N N 295 
PRO N    N N N 296 
PRO CA   C N S 297 
PRO C    C N N 298 
PRO O    O N N 299 
PRO CB   C N N 300 
PRO CG   C N N 301 
PRO CD   C N N 302 
PRO OXT  O N N 303 
PRO H    H N N 304 
PRO HA   H N N 305 
PRO HB2  H N N 306 
PRO HB3  H N N 307 
PRO HG2  H N N 308 
PRO HG3  H N N 309 
PRO HD2  H N N 310 
PRO HD3  H N N 311 
PRO HXT  H N N 312 
SER N    N N N 313 
SER CA   C N S 314 
SER C    C N N 315 
SER O    O N N 316 
SER CB   C N N 317 
SER OG   O N N 318 
SER OXT  O N N 319 
SER H    H N N 320 
SER H2   H N N 321 
SER HA   H N N 322 
SER HB2  H N N 323 
SER HB3  H N N 324 
SER HG   H N N 325 
SER HXT  H N N 326 
THR N    N N N 327 
THR CA   C N S 328 
THR C    C N N 329 
THR O    O N N 330 
THR CB   C N R 331 
THR OG1  O N N 332 
THR CG2  C N N 333 
THR OXT  O N N 334 
THR H    H N N 335 
THR H2   H N N 336 
THR HA   H N N 337 
THR HB   H N N 338 
THR HG1  H N N 339 
THR HG21 H N N 340 
THR HG22 H N N 341 
THR HG23 H N N 342 
THR HXT  H N N 343 
TRP N    N N N 344 
TRP CA   C N S 345 
TRP C    C N N 346 
TRP O    O N N 347 
TRP CB   C N N 348 
TRP CG   C Y N 349 
TRP CD1  C Y N 350 
TRP CD2  C Y N 351 
TRP NE1  N Y N 352 
TRP CE2  C Y N 353 
TRP CE3  C Y N 354 
TRP CZ2  C Y N 355 
TRP CZ3  C Y N 356 
TRP CH2  C Y N 357 
TRP OXT  O N N 358 
TRP H    H N N 359 
TRP H2   H N N 360 
TRP HA   H N N 361 
TRP HB2  H N N 362 
TRP HB3  H N N 363 
TRP HD1  H N N 364 
TRP HE1  H N N 365 
TRP HE3  H N N 366 
TRP HZ2  H N N 367 
TRP HZ3  H N N 368 
TRP HH2  H N N 369 
TRP HXT  H N N 370 
TYR N    N N N 371 
TYR CA   C N S 372 
TYR C    C N N 373 
TYR O    O N N 374 
TYR CB   C N N 375 
TYR CG   C Y N 376 
TYR CD1  C Y N 377 
TYR CD2  C Y N 378 
TYR CE1  C Y N 379 
TYR CE2  C Y N 380 
TYR CZ   C Y N 381 
TYR OH   O N N 382 
TYR OXT  O N N 383 
TYR H    H N N 384 
TYR H2   H N N 385 
TYR HA   H N N 386 
TYR HB2  H N N 387 
TYR HB3  H N N 388 
TYR HD1  H N N 389 
TYR HD2  H N N 390 
TYR HE1  H N N 391 
TYR HE2  H N N 392 
TYR HH   H N N 393 
TYR HXT  H N N 394 
VAL N    N N N 395 
VAL CA   C N S 396 
VAL C    C N N 397 
VAL O    O N N 398 
VAL CB   C N N 399 
VAL CG1  C N N 400 
VAL CG2  C N N 401 
VAL OXT  O N N 402 
VAL H    H N N 403 
VAL H2   H N N 404 
VAL HA   H N N 405 
VAL HB   H N N 406 
VAL HG11 H N N 407 
VAL HG12 H N N 408 
VAL HG13 H N N 409 
VAL HG21 H N N 410 
VAL HG22 H N N 411 
VAL HG23 H N N 412 
VAL HXT  H N N 413 
YK8 C3   C N S 414 
YK8 C15  C N N 415 
YK8 C16  C N N 416 
YK8 C17  C N S 417 
YK8 C20  C N S 418 
YK8 C22  C N N 419 
YK8 C23  C N N 420 
YK8 C24  C N N 421 
YK8 C25  C N N 422 
YK8 C26  C N N 423 
YK8 C21  C N N 424 
YK8 C2   C N N 425 
YK8 C13  C N S 426 
YK8 C18  C N N 427 
YK8 C12  C N N 428 
YK8 C11  C N N 429 
YK8 C9   C N S 430 
YK8 C10  C N R 431 
YK8 C19  C N N 432 
YK8 C27  C N N 433 
YK8 C28  C N N 434 
YK8 C1   C N N 435 
YK8 C4   C N N 436 
YK8 C5   C N N 437 
YK8 C6   C N N 438 
YK8 C7   C N N 439 
YK8 C8   C N S 440 
YK8 C14  C N S 441 
YK8 O1   O N N 442 
YK8 O2   O N N 443 
YK8 H1   H N N 444 
YK8 H2   H N N 445 
YK8 H3   H N N 446 
YK8 H4   H N N 447 
YK8 H5   H N N 448 
YK8 H6   H N N 449 
YK8 H7   H N N 450 
YK8 H8   H N N 451 
YK8 H9   H N N 452 
YK8 H10  H N N 453 
YK8 H11  H N N 454 
YK8 H12  H N N 455 
YK8 H13  H N N 456 
YK8 H14  H N N 457 
YK8 H15  H N N 458 
YK8 H16  H N N 459 
YK8 H17  H N N 460 
YK8 H18  H N N 461 
YK8 H19  H N N 462 
YK8 H20  H N N 463 
YK8 H21  H N N 464 
YK8 H22  H N N 465 
YK8 H23  H N N 466 
YK8 H24  H N N 467 
YK8 H25  H N N 468 
YK8 H26  H N N 469 
YK8 H27  H N N 470 
YK8 H28  H N N 471 
YK8 H29  H N N 472 
YK8 H30  H N N 473 
YK8 H31  H N N 474 
YK8 H32  H N N 475 
YK8 H33  H N N 476 
YK8 H34  H N N 477 
YK8 H35  H N N 478 
YK8 H36  H N N 479 
YK8 H37  H N N 480 
YK8 H38  H N N 481 
YK8 H39  H N N 482 
YK8 H40  H N N 483 
YK8 H41  H N N 484 
YK8 H42  H N N 485 
YK8 H43  H N N 486 
YK8 H44  H N N 487 
YK8 H45  H N N 488 
YK8 H46  H N N 489 
YK8 H47  H N N 490 
YK8 H48  H N N 491 
# 
loop_
_chem_comp_bond.comp_id 
_chem_comp_bond.atom_id_1 
_chem_comp_bond.atom_id_2 
_chem_comp_bond.value_order 
_chem_comp_bond.pdbx_aromatic_flag 
_chem_comp_bond.pdbx_stereo_config 
_chem_comp_bond.pdbx_ordinal 
ALA N   CA   sing N N 1   
ALA N   H    sing N N 2   
ALA N   H2   sing N N 3   
ALA CA  C    sing N N 4   
ALA CA  CB   sing N N 5   
ALA CA  HA   sing N N 6   
ALA C   O    doub N N 7   
ALA C   OXT  sing N N 8   
ALA CB  HB1  sing N N 9   
ALA CB  HB2  sing N N 10  
ALA CB  HB3  sing N N 11  
ALA OXT HXT  sing N N 12  
ARG N   CA   sing N N 13  
ARG N   H    sing N N 14  
ARG N   H2   sing N N 15  
ARG CA  C    sing N N 16  
ARG CA  CB   sing N N 17  
ARG CA  HA   sing N N 18  
ARG C   O    doub N N 19  
ARG C   OXT  sing N N 20  
ARG CB  CG   sing N N 21  
ARG CB  HB2  sing N N 22  
ARG CB  HB3  sing N N 23  
ARG CG  CD   sing N N 24  
ARG CG  HG2  sing N N 25  
ARG CG  HG3  sing N N 26  
ARG CD  NE   sing N N 27  
ARG CD  HD2  sing N N 28  
ARG CD  HD3  sing N N 29  
ARG NE  CZ   sing N N 30  
ARG NE  HE   sing N N 31  
ARG CZ  NH1  sing N N 32  
ARG CZ  NH2  doub N N 33  
ARG NH1 HH11 sing N N 34  
ARG NH1 HH12 sing N N 35  
ARG NH2 HH21 sing N N 36  
ARG NH2 HH22 sing N N 37  
ARG OXT HXT  sing N N 38  
ASN N   CA   sing N N 39  
ASN N   H    sing N N 40  
ASN N   H2   sing N N 41  
ASN CA  C    sing N N 42  
ASN CA  CB   sing N N 43  
ASN CA  HA   sing N N 44  
ASN C   O    doub N N 45  
ASN C   OXT  sing N N 46  
ASN CB  CG   sing N N 47  
ASN CB  HB2  sing N N 48  
ASN CB  HB3  sing N N 49  
ASN CG  OD1  doub N N 50  
ASN CG  ND2  sing N N 51  
ASN ND2 HD21 sing N N 52  
ASN ND2 HD22 sing N N 53  
ASN OXT HXT  sing N N 54  
ASP N   CA   sing N N 55  
ASP N   H    sing N N 56  
ASP N   H2   sing N N 57  
ASP CA  C    sing N N 58  
ASP CA  CB   sing N N 59  
ASP CA  HA   sing N N 60  
ASP C   O    doub N N 61  
ASP C   OXT  sing N N 62  
ASP CB  CG   sing N N 63  
ASP CB  HB2  sing N N 64  
ASP CB  HB3  sing N N 65  
ASP CG  OD1  doub N N 66  
ASP CG  OD2  sing N N 67  
ASP OD2 HD2  sing N N 68  
ASP OXT HXT  sing N N 69  
CYS N   CA   sing N N 70  
CYS N   H    sing N N 71  
CYS N   H2   sing N N 72  
CYS CA  C    sing N N 73  
CYS CA  CB   sing N N 74  
CYS CA  HA   sing N N 75  
CYS C   O    doub N N 76  
CYS C   OXT  sing N N 77  
CYS CB  SG   sing N N 78  
CYS CB  HB2  sing N N 79  
CYS CB  HB3  sing N N 80  
CYS SG  HG   sing N N 81  
CYS OXT HXT  sing N N 82  
EOH C1  C2   sing N N 83  
EOH C1  O    sing N N 84  
EOH C1  H11  sing N N 85  
EOH C1  H12  sing N N 86  
EOH C2  H21  sing N N 87  
EOH C2  H22  sing N N 88  
EOH C2  H23  sing N N 89  
EOH O   HO   sing N N 90  
GLN N   CA   sing N N 91  
GLN N   H    sing N N 92  
GLN N   H2   sing N N 93  
GLN CA  C    sing N N 94  
GLN CA  CB   sing N N 95  
GLN CA  HA   sing N N 96  
GLN C   O    doub N N 97  
GLN C   OXT  sing N N 98  
GLN CB  CG   sing N N 99  
GLN CB  HB2  sing N N 100 
GLN CB  HB3  sing N N 101 
GLN CG  CD   sing N N 102 
GLN CG  HG2  sing N N 103 
GLN CG  HG3  sing N N 104 
GLN CD  OE1  doub N N 105 
GLN CD  NE2  sing N N 106 
GLN NE2 HE21 sing N N 107 
GLN NE2 HE22 sing N N 108 
GLN OXT HXT  sing N N 109 
GLU N   CA   sing N N 110 
GLU N   H    sing N N 111 
GLU N   H2   sing N N 112 
GLU CA  C    sing N N 113 
GLU CA  CB   sing N N 114 
GLU CA  HA   sing N N 115 
GLU C   O    doub N N 116 
GLU C   OXT  sing N N 117 
GLU CB  CG   sing N N 118 
GLU CB  HB2  sing N N 119 
GLU CB  HB3  sing N N 120 
GLU CG  CD   sing N N 121 
GLU CG  HG2  sing N N 122 
GLU CG  HG3  sing N N 123 
GLU CD  OE1  doub N N 124 
GLU CD  OE2  sing N N 125 
GLU OE2 HE2  sing N N 126 
GLU OXT HXT  sing N N 127 
GLY N   CA   sing N N 128 
GLY N   H    sing N N 129 
GLY N   H2   sing N N 130 
GLY CA  C    sing N N 131 
GLY CA  HA2  sing N N 132 
GLY CA  HA3  sing N N 133 
GLY C   O    doub N N 134 
GLY C   OXT  sing N N 135 
GLY OXT HXT  sing N N 136 
GOL C1  O1   sing N N 137 
GOL C1  C2   sing N N 138 
GOL C1  H11  sing N N 139 
GOL C1  H12  sing N N 140 
GOL O1  HO1  sing N N 141 
GOL C2  O2   sing N N 142 
GOL C2  C3   sing N N 143 
GOL C2  H2   sing N N 144 
GOL O2  HO2  sing N N 145 
GOL C3  O3   sing N N 146 
GOL C3  H31  sing N N 147 
GOL C3  H32  sing N N 148 
GOL O3  HO3  sing N N 149 
HIS N   CA   sing N N 150 
HIS N   H    sing N N 151 
HIS N   H2   sing N N 152 
HIS CA  C    sing N N 153 
HIS CA  CB   sing N N 154 
HIS CA  HA   sing N N 155 
HIS C   O    doub N N 156 
HIS C   OXT  sing N N 157 
HIS CB  CG   sing N N 158 
HIS CB  HB2  sing N N 159 
HIS CB  HB3  sing N N 160 
HIS CG  ND1  sing Y N 161 
HIS CG  CD2  doub Y N 162 
HIS ND1 CE1  doub Y N 163 
HIS ND1 HD1  sing N N 164 
HIS CD2 NE2  sing Y N 165 
HIS CD2 HD2  sing N N 166 
HIS CE1 NE2  sing Y N 167 
HIS CE1 HE1  sing N N 168 
HIS NE2 HE2  sing N N 169 
HIS OXT HXT  sing N N 170 
HOH O   H1   sing N N 171 
HOH O   H2   sing N N 172 
ILE N   CA   sing N N 173 
ILE N   H    sing N N 174 
ILE N   H2   sing N N 175 
ILE CA  C    sing N N 176 
ILE CA  CB   sing N N 177 
ILE CA  HA   sing N N 178 
ILE C   O    doub N N 179 
ILE C   OXT  sing N N 180 
ILE CB  CG1  sing N N 181 
ILE CB  CG2  sing N N 182 
ILE CB  HB   sing N N 183 
ILE CG1 CD1  sing N N 184 
ILE CG1 HG12 sing N N 185 
ILE CG1 HG13 sing N N 186 
ILE CG2 HG21 sing N N 187 
ILE CG2 HG22 sing N N 188 
ILE CG2 HG23 sing N N 189 
ILE CD1 HD11 sing N N 190 
ILE CD1 HD12 sing N N 191 
ILE CD1 HD13 sing N N 192 
ILE OXT HXT  sing N N 193 
LEU N   CA   sing N N 194 
LEU N   H    sing N N 195 
LEU N   H2   sing N N 196 
LEU CA  C    sing N N 197 
LEU CA  CB   sing N N 198 
LEU CA  HA   sing N N 199 
LEU C   O    doub N N 200 
LEU C   OXT  sing N N 201 
LEU CB  CG   sing N N 202 
LEU CB  HB2  sing N N 203 
LEU CB  HB3  sing N N 204 
LEU CG  CD1  sing N N 205 
LEU CG  CD2  sing N N 206 
LEU CG  HG   sing N N 207 
LEU CD1 HD11 sing N N 208 
LEU CD1 HD12 sing N N 209 
LEU CD1 HD13 sing N N 210 
LEU CD2 HD21 sing N N 211 
LEU CD2 HD22 sing N N 212 
LEU CD2 HD23 sing N N 213 
LEU OXT HXT  sing N N 214 
LYS N   CA   sing N N 215 
LYS N   H    sing N N 216 
LYS N   H2   sing N N 217 
LYS CA  C    sing N N 218 
LYS CA  CB   sing N N 219 
LYS CA  HA   sing N N 220 
LYS C   O    doub N N 221 
LYS C   OXT  sing N N 222 
LYS CB  CG   sing N N 223 
LYS CB  HB2  sing N N 224 
LYS CB  HB3  sing N N 225 
LYS CG  CD   sing N N 226 
LYS CG  HG2  sing N N 227 
LYS CG  HG3  sing N N 228 
LYS CD  CE   sing N N 229 
LYS CD  HD2  sing N N 230 
LYS CD  HD3  sing N N 231 
LYS CE  NZ   sing N N 232 
LYS CE  HE2  sing N N 233 
LYS CE  HE3  sing N N 234 
LYS NZ  HZ1  sing N N 235 
LYS NZ  HZ2  sing N N 236 
LYS NZ  HZ3  sing N N 237 
LYS OXT HXT  sing N N 238 
MET N   CA   sing N N 239 
MET N   H    sing N N 240 
MET N   H2   sing N N 241 
MET CA  C    sing N N 242 
MET CA  CB   sing N N 243 
MET CA  HA   sing N N 244 
MET C   O    doub N N 245 
MET C   OXT  sing N N 246 
MET CB  CG   sing N N 247 
MET CB  HB2  sing N N 248 
MET CB  HB3  sing N N 249 
MET CG  SD   sing N N 250 
MET CG  HG2  sing N N 251 
MET CG  HG3  sing N N 252 
MET SD  CE   sing N N 253 
MET CE  HE1  sing N N 254 
MET CE  HE2  sing N N 255 
MET CE  HE3  sing N N 256 
MET OXT HXT  sing N N 257 
PHE N   CA   sing N N 258 
PHE N   H    sing N N 259 
PHE N   H2   sing N N 260 
PHE CA  C    sing N N 261 
PHE CA  CB   sing N N 262 
PHE CA  HA   sing N N 263 
PHE C   O    doub N N 264 
PHE C   OXT  sing N N 265 
PHE CB  CG   sing N N 266 
PHE CB  HB2  sing N N 267 
PHE CB  HB3  sing N N 268 
PHE CG  CD1  doub Y N 269 
PHE CG  CD2  sing Y N 270 
PHE CD1 CE1  sing Y N 271 
PHE CD1 HD1  sing N N 272 
PHE CD2 CE2  doub Y N 273 
PHE CD2 HD2  sing N N 274 
PHE CE1 CZ   doub Y N 275 
PHE CE1 HE1  sing N N 276 
PHE CE2 CZ   sing Y N 277 
PHE CE2 HE2  sing N N 278 
PHE CZ  HZ   sing N N 279 
PHE OXT HXT  sing N N 280 
PRO N   CA   sing N N 281 
PRO N   CD   sing N N 282 
PRO N   H    sing N N 283 
PRO CA  C    sing N N 284 
PRO CA  CB   sing N N 285 
PRO CA  HA   sing N N 286 
PRO C   O    doub N N 287 
PRO C   OXT  sing N N 288 
PRO CB  CG   sing N N 289 
PRO CB  HB2  sing N N 290 
PRO CB  HB3  sing N N 291 
PRO CG  CD   sing N N 292 
PRO CG  HG2  sing N N 293 
PRO CG  HG3  sing N N 294 
PRO CD  HD2  sing N N 295 
PRO CD  HD3  sing N N 296 
PRO OXT HXT  sing N N 297 
SER N   CA   sing N N 298 
SER N   H    sing N N 299 
SER N   H2   sing N N 300 
SER CA  C    sing N N 301 
SER CA  CB   sing N N 302 
SER CA  HA   sing N N 303 
SER C   O    doub N N 304 
SER C   OXT  sing N N 305 
SER CB  OG   sing N N 306 
SER CB  HB2  sing N N 307 
SER CB  HB3  sing N N 308 
SER OG  HG   sing N N 309 
SER OXT HXT  sing N N 310 
THR N   CA   sing N N 311 
THR N   H    sing N N 312 
THR N   H2   sing N N 313 
THR CA  C    sing N N 314 
THR CA  CB   sing N N 315 
THR CA  HA   sing N N 316 
THR C   O    doub N N 317 
THR C   OXT  sing N N 318 
THR CB  OG1  sing N N 319 
THR CB  CG2  sing N N 320 
THR CB  HB   sing N N 321 
THR OG1 HG1  sing N N 322 
THR CG2 HG21 sing N N 323 
THR CG2 HG22 sing N N 324 
THR CG2 HG23 sing N N 325 
THR OXT HXT  sing N N 326 
TRP N   CA   sing N N 327 
TRP N   H    sing N N 328 
TRP N   H2   sing N N 329 
TRP CA  C    sing N N 330 
TRP CA  CB   sing N N 331 
TRP CA  HA   sing N N 332 
TRP C   O    doub N N 333 
TRP C   OXT  sing N N 334 
TRP CB  CG   sing N N 335 
TRP CB  HB2  sing N N 336 
TRP CB  HB3  sing N N 337 
TRP CG  CD1  doub Y N 338 
TRP CG  CD2  sing Y N 339 
TRP CD1 NE1  sing Y N 340 
TRP CD1 HD1  sing N N 341 
TRP CD2 CE2  doub Y N 342 
TRP CD2 CE3  sing Y N 343 
TRP NE1 CE2  sing Y N 344 
TRP NE1 HE1  sing N N 345 
TRP CE2 CZ2  sing Y N 346 
TRP CE3 CZ3  doub Y N 347 
TRP CE3 HE3  sing N N 348 
TRP CZ2 CH2  doub Y N 349 
TRP CZ2 HZ2  sing N N 350 
TRP CZ3 CH2  sing Y N 351 
TRP CZ3 HZ3  sing N N 352 
TRP CH2 HH2  sing N N 353 
TRP OXT HXT  sing N N 354 
TYR N   CA   sing N N 355 
TYR N   H    sing N N 356 
TYR N   H2   sing N N 357 
TYR CA  C    sing N N 358 
TYR CA  CB   sing N N 359 
TYR CA  HA   sing N N 360 
TYR C   O    doub N N 361 
TYR C   OXT  sing N N 362 
TYR CB  CG   sing N N 363 
TYR CB  HB2  sing N N 364 
TYR CB  HB3  sing N N 365 
TYR CG  CD1  doub Y N 366 
TYR CG  CD2  sing Y N 367 
TYR CD1 CE1  sing Y N 368 
TYR CD1 HD1  sing N N 369 
TYR CD2 CE2  doub Y N 370 
TYR CD2 HD2  sing N N 371 
TYR CE1 CZ   doub Y N 372 
TYR CE1 HE1  sing N N 373 
TYR CE2 CZ   sing Y N 374 
TYR CE2 HE2  sing N N 375 
TYR CZ  OH   sing N N 376 
TYR OH  HH   sing N N 377 
TYR OXT HXT  sing N N 378 
VAL N   CA   sing N N 379 
VAL N   H    sing N N 380 
VAL N   H2   sing N N 381 
VAL CA  C    sing N N 382 
VAL CA  CB   sing N N 383 
VAL CA  HA   sing N N 384 
VAL C   O    doub N N 385 
VAL C   OXT  sing N N 386 
VAL CB  CG1  sing N N 387 
VAL CB  CG2  sing N N 388 
VAL CB  HB   sing N N 389 
VAL CG1 HG11 sing N N 390 
VAL CG1 HG12 sing N N 391 
VAL CG1 HG13 sing N N 392 
VAL CG2 HG21 sing N N 393 
VAL CG2 HG22 sing N N 394 
VAL CG2 HG23 sing N N 395 
VAL OXT HXT  sing N N 396 
YK8 C28 C26  sing N N 397 
YK8 C27 C26  sing N N 398 
YK8 C26 C25  sing N N 399 
YK8 C25 C24  sing N N 400 
YK8 C24 C23  sing N N 401 
YK8 C23 C22  sing N N 402 
YK8 C22 C20  sing N N 403 
YK8 C21 C20  sing N N 404 
YK8 C20 C17  sing N N 405 
YK8 C20 O2   sing N N 406 
YK8 C17 C16  sing N N 407 
YK8 C17 C13  sing N N 408 
YK8 C16 C15  sing N N 409 
YK8 C12 C13  sing N N 410 
YK8 C12 C11  sing N N 411 
YK8 C13 C14  sing N N 412 
YK8 C13 C18  sing N N 413 
YK8 C14 C15  sing N N 414 
YK8 C14 C8   sing N N 415 
YK8 C11 C9   sing N N 416 
YK8 C9  C8   sing N N 417 
YK8 C9  C10  sing N N 418 
YK8 C8  C7   sing N N 419 
YK8 C7  C6   sing N N 420 
YK8 C1  C10  sing N N 421 
YK8 C1  C2   sing N N 422 
YK8 C10 C5   sing N N 423 
YK8 C10 C19  sing N N 424 
YK8 C6  C5   doub N N 425 
YK8 C5  C4   sing N N 426 
YK8 C2  C3   sing N N 427 
YK8 C3  C4   sing N N 428 
YK8 C3  O1   sing N N 429 
YK8 C3  H1   sing N N 430 
YK8 C15 H2   sing N N 431 
YK8 C15 H3   sing N N 432 
YK8 C16 H4   sing N N 433 
YK8 C16 H5   sing N N 434 
YK8 C17 H6   sing N N 435 
YK8 C22 H7   sing N N 436 
YK8 C22 H8   sing N N 437 
YK8 C23 H9   sing N N 438 
YK8 C23 H10  sing N N 439 
YK8 C24 H11  sing N N 440 
YK8 C24 H12  sing N N 441 
YK8 C25 H13  sing N N 442 
YK8 C25 H14  sing N N 443 
YK8 C26 H15  sing N N 444 
YK8 C21 H16  sing N N 445 
YK8 C21 H17  sing N N 446 
YK8 C21 H18  sing N N 447 
YK8 C2  H19  sing N N 448 
YK8 C2  H20  sing N N 449 
YK8 C18 H21  sing N N 450 
YK8 C18 H22  sing N N 451 
YK8 C18 H23  sing N N 452 
YK8 C12 H24  sing N N 453 
YK8 C12 H25  sing N N 454 
YK8 C11 H26  sing N N 455 
YK8 C11 H27  sing N N 456 
YK8 C9  H28  sing N N 457 
YK8 C19 H29  sing N N 458 
YK8 C19 H30  sing N N 459 
YK8 C19 H31  sing N N 460 
YK8 C27 H32  sing N N 461 
YK8 C27 H33  sing N N 462 
YK8 C27 H34  sing N N 463 
YK8 C28 H35  sing N N 464 
YK8 C28 H36  sing N N 465 
YK8 C28 H37  sing N N 466 
YK8 C1  H38  sing N N 467 
YK8 C1  H39  sing N N 468 
YK8 C4  H40  sing N N 469 
YK8 C4  H41  sing N N 470 
YK8 C6  H42  sing N N 471 
YK8 C7  H43  sing N N 472 
YK8 C7  H44  sing N N 473 
YK8 C8  H45  sing N N 474 
YK8 C14 H46  sing N N 475 
YK8 O1  H47  sing N N 476 
YK8 O2  H48  sing N N 477 
# 
_pdbx_audit_support.funding_organization   'Leducq Foundation' 
_pdbx_audit_support.country                France 
_pdbx_audit_support.grant_number           'Transatlantic Networks of Excellence for Cardiovascular and Neurovascular Research' 
_pdbx_audit_support.ordinal                1 
# 
_pdbx_entity_instance_feature.ordinal        1 
_pdbx_entity_instance_feature.comp_id        YK8 
_pdbx_entity_instance_feature.asym_id        ? 
_pdbx_entity_instance_feature.seq_num        ? 
_pdbx_entity_instance_feature.auth_comp_id   YK8 
_pdbx_entity_instance_feature.auth_asym_id   ? 
_pdbx_entity_instance_feature.auth_seq_num   ? 
_pdbx_entity_instance_feature.feature_type   'SUBJECT OF INVESTIGATION' 
_pdbx_entity_instance_feature.details        ? 
# 
_pdbx_initial_refinement_model.id               1 
_pdbx_initial_refinement_model.entity_id_list   ? 
_pdbx_initial_refinement_model.type             'experimental model' 
_pdbx_initial_refinement_model.source_name      PDB 
_pdbx_initial_refinement_model.accession_code   6GQF 
_pdbx_initial_refinement_model.details          ? 
# 
_atom_sites.entry_id                    7AZN 
_atom_sites.Cartn_transf_matrix[1][1]   ? 
_atom_sites.Cartn_transf_matrix[1][2]   ? 
_atom_sites.Cartn_transf_matrix[1][3]   ? 
_atom_sites.Cartn_transf_matrix[2][1]   ? 
_atom_sites.Cartn_transf_matrix[2][2]   ? 
_atom_sites.Cartn_transf_matrix[2][3]   ? 
_atom_sites.Cartn_transf_matrix[3][1]   ? 
_atom_sites.Cartn_transf_matrix[3][2]   ? 
_atom_sites.Cartn_transf_matrix[3][3]   ? 
_atom_sites.Cartn_transf_vector[1]      ? 
_atom_sites.Cartn_transf_vector[2]      ? 
_atom_sites.Cartn_transf_vector[3]      ? 
_atom_sites.fract_transf_matrix[1][1]   -0.00535462 
_atom_sites.fract_transf_matrix[1][2]   0.00787553 
_atom_sites.fract_transf_matrix[1][3]   -0.01208940 
_atom_sites.fract_transf_matrix[2][1]   -0.01218127 
_atom_sites.fract_transf_matrix[2][2]   -0.01547512 
_atom_sites.fract_transf_matrix[2][3]   -0.00468581 
_atom_sites.fract_transf_matrix[3][1]   -0.01265489 
_atom_sites.fract_transf_matrix[3][2]   0.00782901 
_atom_sites.fract_transf_matrix[3][3]   0.00704206 
_atom_sites.fract_transf_vector[1]      0.211428 
_atom_sites.fract_transf_vector[2]      0.345874 
_atom_sites.fract_transf_vector[3]      0.238353 
_atom_sites.solution_primary            ? 
_atom_sites.solution_secondary          ? 
_atom_sites.solution_hydrogens          ? 
_atom_sites.special_details             ? 
# 
loop_
_atom_type.symbol 
C 
N 
O 
S 
# 
loop_
_atom_site.group_PDB 
_atom_site.id 
_atom_site.type_symbol 
_atom_site.label_atom_id 
_atom_site.label_alt_id 
_atom_site.label_comp_id 
_atom_site.label_asym_id 
_atom_site.label_entity_id 
_atom_site.label_seq_id 
_atom_site.pdbx_PDB_ins_code 
_atom_site.Cartn_x 
_atom_site.Cartn_y 
_atom_site.Cartn_z 
_atom_site.occupancy 
_atom_site.B_iso_or_equiv 
_atom_site.pdbx_formal_charge 
_atom_site.auth_seq_id 
_atom_site.auth_comp_id 
_atom_site.auth_asym_id 
_atom_site.auth_atom_id 
_atom_site.pdbx_PDB_model_num 
ATOM   1    N N   . GLY A 1 1   ? -6.134  4.950   -12.752 1.00 63.75 ? 327 GLY A N   1 
ATOM   2    C CA  . GLY A 1 1   ? -6.271  3.521   -12.965 1.00 61.41 ? 327 GLY A CA  1 
ATOM   3    C C   . GLY A 1 1   ? -7.541  2.950   -12.366 1.00 63.45 ? 327 GLY A C   1 
ATOM   4    O O   . GLY A 1 1   ? -8.593  2.954   -13.003 1.00 72.68 ? 327 GLY A O   1 
ATOM   5    N N   . ARG A 1 2   ? -7.442  2.456   -11.134 1.00 59.62 ? 328 ARG A N   1 
ATOM   6    C CA  . ARG A 1 2   ? -8.579  1.899   -10.417 1.00 50.08 ? 328 ARG A CA  1 
ATOM   7    C C   . ARG A 1 2   ? -8.590  2.427   -8.991  1.00 51.73 ? 328 ARG A C   1 
ATOM   8    O O   . ARG A 1 2   ? -7.541  2.516   -8.345  1.00 44.71 ? 328 ARG A O   1 
ATOM   9    C CB  . ARG A 1 2   ? -8.542  0.365   -10.405 1.00 49.17 ? 328 ARG A CB  1 
ATOM   10   C CG  . ARG A 1 2   ? -9.255  -0.291  -11.579 1.00 50.83 ? 328 ARG A CG  1 
ATOM   11   C CD  . ARG A 1 2   ? -8.274  -0.672  -12.677 1.00 54.19 ? 328 ARG A CD  1 
ATOM   12   N NE  . ARG A 1 2   ? -8.914  -1.409  -13.764 1.00 55.73 ? 328 ARG A NE  1 
ATOM   13   C CZ  . ARG A 1 2   ? -9.208  -2.705  -13.722 1.00 59.41 ? 328 ARG A CZ  1 
ATOM   14   N NH1 . ARG A 1 2   ? -8.920  -3.422  -12.643 1.00 60.93 ? 328 ARG A NH1 1 
ATOM   15   N NH2 . ARG A 1 2   ? -9.790  -3.288  -14.760 1.00 57.71 ? 328 ARG A NH2 1 
ATOM   16   N N   . LEU A 1 3   ? -9.779  2.777   -8.506  1.00 52.81 ? 329 LEU A N   1 
ATOM   17   C CA  . LEU A 1 3   ? -9.971  3.250   -7.140  1.00 45.49 ? 329 LEU A CA  1 
ATOM   18   C C   . LEU A 1 3   ? -10.474 2.080   -6.301  1.00 47.04 ? 329 LEU A C   1 
ATOM   19   O O   . LEU A 1 3   ? -11.585 1.587   -6.518  1.00 44.93 ? 329 LEU A O   1 
ATOM   20   C CB  . LEU A 1 3   ? -10.949 4.422   -7.102  1.00 51.47 ? 329 LEU A CB  1 
ATOM   21   C CG  . LEU A 1 3   ? -11.130 5.128   -5.756  1.00 46.05 ? 329 LEU A CG  1 
ATOM   22   C CD1 . LEU A 1 3   ? -9.826  5.764   -5.296  1.00 43.44 ? 329 LEU A CD1 1 
ATOM   23   C CD2 . LEU A 1 3   ? -12.238 6.166   -5.841  1.00 52.54 ? 329 LEU A CD2 1 
ATOM   24   N N   . TYR A 1 4   ? -9.657  1.640   -5.345  1.00 39.93 ? 330 TYR A N   1 
ATOM   25   C CA  . TYR A 1 4   ? -9.957  0.439   -4.579  1.00 42.44 ? 330 TYR A CA  1 
ATOM   26   C C   . TYR A 1 4   ? -10.512 0.718   -3.190  1.00 41.69 ? 330 TYR A C   1 
ATOM   27   O O   . TYR A 1 4   ? -11.314 -0.077  -2.690  1.00 45.67 ? 330 TYR A O   1 
ATOM   28   C CB  . TYR A 1 4   ? -8.702  -0.431  -4.454  1.00 41.13 ? 330 TYR A CB  1 
ATOM   29   C CG  . TYR A 1 4   ? -8.371  -1.174  -5.724  1.00 49.00 ? 330 TYR A CG  1 
ATOM   30   C CD1 . TYR A 1 4   ? -9.241  -2.127  -6.237  1.00 49.34 ? 330 TYR A CD1 1 
ATOM   31   C CD2 . TYR A 1 4   ? -7.198  -0.918  -6.418  1.00 48.56 ? 330 TYR A CD2 1 
ATOM   32   C CE1 . TYR A 1 4   ? -8.949  -2.806  -7.401  1.00 57.67 ? 330 TYR A CE1 1 
ATOM   33   C CE2 . TYR A 1 4   ? -6.898  -1.596  -7.583  1.00 47.34 ? 330 TYR A CE2 1 
ATOM   34   C CZ  . TYR A 1 4   ? -7.775  -2.538  -8.070  1.00 49.82 ? 330 TYR A CZ  1 
ATOM   35   O OH  . TYR A 1 4   ? -7.478  -3.212  -9.231  1.00 56.41 ? 330 TYR A OH  1 
ATOM   36   N N   . ILE A 1 5   ? -10.107 1.812   -2.553  1.00 45.09 ? 331 ILE A N   1 
ATOM   37   C CA  . ILE A 1 5   ? -10.598 2.171   -1.228  1.00 45.16 ? 331 ILE A CA  1 
ATOM   38   C C   . ILE A 1 5   ? -11.007 3.637   -1.252  1.00 47.97 ? 331 ILE A C   1 
ATOM   39   O O   . ILE A 1 5   ? -10.190 4.508   -1.571  1.00 44.46 ? 331 ILE A O   1 
ATOM   40   C CB  . ILE A 1 5   ? -9.551  1.921   -0.130  1.00 36.87 ? 331 ILE A CB  1 
ATOM   41   C CG1 . ILE A 1 5   ? -9.195  0.435   -0.054  1.00 40.16 ? 331 ILE A CG1 1 
ATOM   42   C CG2 . ILE A 1 5   ? -10.069 2.407   1.216   1.00 33.34 ? 331 ILE A CG2 1 
ATOM   43   C CD1 . ILE A 1 5   ? -8.114  0.116   0.955   1.00 33.19 ? 331 ILE A CD1 1 
ATOM   44   N N   . ASN A 1 6   ? -12.272 3.902   -0.933  1.00 50.45 ? 332 ASN A N   1 
ATOM   45   C CA  . ASN A 1 6   ? -12.768 5.256   -0.700  1.00 48.79 ? 332 ASN A CA  1 
ATOM   46   C C   . ASN A 1 6   ? -13.751 5.169   0.459   1.00 52.84 ? 332 ASN A C   1 
ATOM   47   O O   . ASN A 1 6   ? -14.883 4.706   0.280   1.00 52.50 ? 332 ASN A O   1 
ATOM   48   C CB  . ASN A 1 6   ? -13.426 5.848   -1.948  1.00 55.03 ? 332 ASN A CB  1 
ATOM   49   C CG  . ASN A 1 6   ? -13.798 7.306   -1.773  1.00 56.69 ? 332 ASN A CG  1 
ATOM   50   O OD1 . ASN A 1 6   ? -13.222 8.011   -0.943  1.00 53.28 ? 332 ASN A OD1 1 
ATOM   51   N ND2 . ASN A 1 6   ? -14.757 7.774   -2.564  1.00 60.73 ? 332 ASN A ND2 1 
ATOM   52   N N   . ARG A 1 7   ? -13.322 5.609   1.640   1.00 50.43 ? 333 ARG A N   1 
ATOM   53   C CA  . ARG A 1 7   ? -14.057 5.319   2.862   1.00 51.07 ? 333 ARG A CA  1 
ATOM   54   C C   . ARG A 1 7   ? -13.614 6.279   3.955   1.00 56.01 ? 333 ARG A C   1 
ATOM   55   O O   . ARG A 1 7   ? -12.435 6.630   4.037   1.00 45.47 ? 333 ARG A O   1 
ATOM   56   C CB  . ARG A 1 7   ? -13.819 3.866   3.293   1.00 48.24 ? 333 ARG A CB  1 
ATOM   57   C CG  . ARG A 1 7   ? -14.360 3.502   4.662   1.00 50.81 ? 333 ARG A CG  1 
ATOM   58   C CD  . ARG A 1 7   ? -14.371 1.995   4.847   1.00 45.62 ? 333 ARG A CD  1 
ATOM   59   N NE  . ARG A 1 7   ? -15.312 1.350   3.940   1.00 55.95 ? 333 ARG A NE  1 
ATOM   60   C CZ  . ARG A 1 7   ? -16.618 1.255   4.167   1.00 51.31 ? 333 ARG A CZ  1 
ATOM   61   N NH1 . ARG A 1 7   ? -17.141 1.757   5.276   1.00 53.85 ? 333 ARG A NH1 1 
ATOM   62   N NH2 . ARG A 1 7   ? -17.402 0.652   3.283   1.00 55.26 ? 333 ARG A NH2 1 
ATOM   63   N N   . VAL A 1 8   ? -14.566 6.701   4.788   1.00 53.00 ? 334 VAL A N   1 
ATOM   64   C CA  . VAL A 1 8   ? -14.260 7.453   5.997   1.00 45.37 ? 334 VAL A CA  1 
ATOM   65   C C   . VAL A 1 8   ? -14.234 6.485   7.171   1.00 41.75 ? 334 VAL A C   1 
ATOM   66   O O   . VAL A 1 8   ? -15.196 5.740   7.397   1.00 42.50 ? 334 VAL A O   1 
ATOM   67   C CB  . VAL A 1 8   ? -15.265 8.596   6.235   1.00 43.71 ? 334 VAL A CB  1 
ATOM   68   C CG1 . VAL A 1 8   ? -16.697 8.104   6.116   1.00 49.83 ? 334 VAL A CG1 1 
ATOM   69   C CG2 . VAL A 1 8   ? -15.027 9.237   7.598   1.00 49.37 ? 334 VAL A CG2 1 
ATOM   70   N N   . PHE A 1 9   ? -13.127 6.478   7.904   1.00 44.01 ? 335 PHE A N   1 
ATOM   71   C CA  . PHE A 1 9   ? -12.966 5.642   9.083   1.00 45.58 ? 335 PHE A CA  1 
ATOM   72   C C   . PHE A 1 9   ? -13.082 6.494   10.339  1.00 41.74 ? 335 PHE A C   1 
ATOM   73   O O   . PHE A 1 9   ? -12.789 7.693   10.326  1.00 49.57 ? 335 PHE A O   1 
ATOM   74   C CB  . PHE A 1 9   ? -11.610 4.927   9.081   1.00 44.97 ? 335 PHE A CB  1 
ATOM   75   C CG  . PHE A 1 9   ? -11.444 3.922   7.977   1.00 45.70 ? 335 PHE A CG  1 
ATOM   76   C CD1 . PHE A 1 9   ? -10.940 4.303   6.745   1.00 46.62 ? 335 PHE A CD1 1 
ATOM   77   C CD2 . PHE A 1 9   ? -11.774 2.592   8.177   1.00 36.73 ? 335 PHE A CD2 1 
ATOM   78   C CE1 . PHE A 1 9   ? -10.777 3.379   5.727   1.00 40.96 ? 335 PHE A CE1 1 
ATOM   79   C CE2 . PHE A 1 9   ? -11.614 1.662   7.165   1.00 42.16 ? 335 PHE A CE2 1 
ATOM   80   C CZ  . PHE A 1 9   ? -11.113 2.056   5.939   1.00 36.20 ? 335 PHE A CZ  1 
ATOM   81   N N   . HIS A 1 10  ? -13.505 5.863   11.430  1.00 36.07 ? 336 HIS A N   1 
ATOM   82   C CA  . HIS A 1 10  ? -13.516 6.524   12.734  1.00 47.09 ? 336 HIS A CA  1 
ATOM   83   C C   . HIS A 1 10  ? -12.158 6.399   13.416  1.00 48.70 ? 336 HIS A C   1 
ATOM   84   O O   . HIS A 1 10  ? -12.039 6.082   14.598  1.00 50.23 ? 336 HIS A O   1 
ATOM   85   C CB  . HIS A 1 10  ? -14.633 5.963   13.604  1.00 46.59 ? 336 HIS A CB  1 
ATOM   86   C CG  . HIS A 1 10  ? -15.970 6.573   13.317  1.00 62.34 ? 336 HIS A CG  1 
ATOM   87   N ND1 . HIS A 1 10  ? -16.939 6.739   14.284  1.00 66.62 ? 336 HIS A ND1 1 
ATOM   88   C CD2 . HIS A 1 10  ? -16.495 7.066   12.171  1.00 66.12 ? 336 HIS A CD2 1 
ATOM   89   C CE1 . HIS A 1 10  ? -18.002 7.307   13.744  1.00 69.72 ? 336 HIS A CE1 1 
ATOM   90   N NE2 . HIS A 1 10  ? -17.760 7.513   12.462  1.00 65.01 ? 336 HIS A NE2 1 
ATOM   91   N N   . ILE A 1 11  ? -11.115 6.645   12.629  1.00 47.06 ? 337 ILE A N   1 
ATOM   92   C CA  . ILE A 1 11  ? -9.738  6.716   13.093  1.00 38.65 ? 337 ILE A CA  1 
ATOM   93   C C   . ILE A 1 11  ? -9.186  8.072   12.683  1.00 41.15 ? 337 ILE A C   1 
ATOM   94   O O   . ILE A 1 11  ? -9.488  8.565   11.590  1.00 46.62 ? 337 ILE A O   1 
ATOM   95   C CB  . ILE A 1 11  ? -8.875  5.577   12.507  1.00 49.12 ? 337 ILE A CB  1 
ATOM   96   C CG1 . ILE A 1 11  ? -9.540  4.220   12.744  1.00 41.30 ? 337 ILE A CG1 1 
ATOM   97   C CG2 . ILE A 1 11  ? -7.477  5.596   13.107  1.00 46.92 ? 337 ILE A CG2 1 
ATOM   98   C CD1 . ILE A 1 11  ? -9.025  3.129   11.833  1.00 43.26 ? 337 ILE A CD1 1 
ATOM   99   N N   . SER A 1 12  ? -8.390  8.681   13.558  1.00 41.92 ? 338 SER A N   1 
ATOM   100  C CA  . SER A 1 12  ? -7.794  9.967   13.235  1.00 40.22 ? 338 SER A CA  1 
ATOM   101  C C   . SER A 1 12  ? -6.821  9.821   12.070  1.00 45.75 ? 338 SER A C   1 
ATOM   102  O O   . SER A 1 12  ? -6.250  8.752   11.837  1.00 41.12 ? 338 SER A O   1 
ATOM   103  C CB  . SER A 1 12  ? -7.075  10.550  14.451  1.00 40.86 ? 338 SER A CB  1 
ATOM   104  O OG  . SER A 1 12  ? -5.942  9.774   14.799  1.00 45.28 ? 338 SER A OG  1 
ATOM   105  N N   . ALA A 1 13  ? -6.643  10.916  11.328  1.00 41.32 ? 339 ALA A N   1 
ATOM   106  C CA  . ALA A 1 13  ? -5.703  10.906  10.211  1.00 40.82 ? 339 ALA A CA  1 
ATOM   107  C C   . ALA A 1 13  ? -4.291  10.590  10.685  1.00 43.93 ? 339 ALA A C   1 
ATOM   108  O O   . ALA A 1 13  ? -3.524  9.922   9.979   1.00 36.03 ? 339 ALA A O   1 
ATOM   109  C CB  . ALA A 1 13  ? -5.734  12.248  9.483   1.00 41.39 ? 339 ALA A CB  1 
ATOM   110  N N   . GLU A 1 14  ? -3.932  11.055  11.882  1.00 37.79 ? 340 GLU A N   1 
ATOM   111  C CA  . GLU A 1 14  ? -2.624  10.733  12.439  1.00 41.59 ? 340 GLU A CA  1 
ATOM   112  C C   . GLU A 1 14  ? -2.476  9.233   12.657  1.00 40.42 ? 340 GLU A C   1 
ATOM   113  O O   . GLU A 1 14  ? -1.511  8.619   12.193  1.00 40.77 ? 340 GLU A O   1 
ATOM   114  C CB  . GLU A 1 14  ? -2.411  11.490  13.749  1.00 50.22 ? 340 GLU A CB  1 
ATOM   115  C CG  . GLU A 1 14  ? -1.070  11.235  14.406  1.00 62.49 ? 340 GLU A CG  1 
ATOM   116  C CD  . GLU A 1 14  ? -1.066  11.634  15.865  1.00 80.50 ? 340 GLU A CD  1 
ATOM   117  O OE1 . GLU A 1 14  ? -0.489  10.890  16.686  1.00 71.96 ? 340 GLU A OE1 1 
ATOM   118  O OE2 . GLU A 1 14  ? -1.653  12.685  16.193  1.00 92.05 ? 340 GLU A OE2 1 
ATOM   119  N N   . ARG A 1 15  ? -3.436  8.621   13.351  1.00 36.48 ? 341 ARG A N   1 
ATOM   120  C CA  . ARG A 1 15  ? -3.324  7.201   13.669  1.00 44.30 ? 341 ARG A CA  1 
ATOM   121  C C   . ARG A 1 15  ? -3.431  6.327   12.425  1.00 38.41 ? 341 ARG A C   1 
ATOM   122  O O   . ARG A 1 15  ? -2.836  5.244   12.381  1.00 38.02 ? 341 ARG A O   1 
ATOM   123  C CB  . ARG A 1 15  ? -4.394  6.806   14.688  1.00 47.15 ? 341 ARG A CB  1 
ATOM   124  C CG  . ARG A 1 15  ? -4.068  7.227   16.108  1.00 53.82 ? 341 ARG A CG  1 
ATOM   125  C CD  . ARG A 1 15  ? -5.042  6.612   17.095  1.00 59.28 ? 341 ARG A CD  1 
ATOM   126  N NE  . ARG A 1 15  ? -4.366  6.067   18.267  1.00 66.51 ? 341 ARG A NE  1 
ATOM   127  C CZ  . ARG A 1 15  ? -3.738  4.896   18.292  1.00 66.73 ? 341 ARG A CZ  1 
ATOM   128  N NH1 . ARG A 1 15  ? -3.697  4.137   17.204  1.00 56.22 ? 341 ARG A NH1 1 
ATOM   129  N NH2 . ARG A 1 15  ? -3.152  4.480   19.407  1.00 60.94 ? 341 ARG A NH2 1 
ATOM   130  N N   . MET A 1 16  ? -4.179  6.770   11.412  1.00 35.90 ? 342 MET A N   1 
ATOM   131  C CA  . MET A 1 16  ? -4.280  5.994   10.180  1.00 31.85 ? 342 MET A CA  1 
ATOM   132  C C   . MET A 1 16  ? -2.942  5.937   9.455   1.00 32.18 ? 342 MET A C   1 
ATOM   133  O O   . MET A 1 16  ? -2.551  4.882   8.940   1.00 27.81 ? 342 MET A O   1 
ATOM   134  C CB  . MET A 1 16  ? -5.358  6.586   9.271   1.00 34.13 ? 342 MET A CB  1 
ATOM   135  C CG  . MET A 1 16  ? -5.473  5.908   7.914   1.00 32.20 ? 342 MET A CG  1 
ATOM   136  S SD  . MET A 1 16  ? -5.990  4.185   8.038   1.00 36.52 ? 342 MET A SD  1 
ATOM   137  C CE  . MET A 1 16  ? -7.697  4.380   8.551   1.00 48.58 ? 342 MET A CE  1 
ATOM   138  N N   . PHE A 1 17  ? -2.222  7.059   9.409   1.00 32.08 ? 343 PHE A N   1 
ATOM   139  C CA  . PHE A 1 17  ? -0.917  7.075   8.756   1.00 33.08 ? 343 PHE A CA  1 
ATOM   140  C C   . PHE A 1 17  ? 0.072   6.175   9.486   1.00 32.61 ? 343 PHE A C   1 
ATOM   141  O O   . PHE A 1 17  ? 0.802   5.397   8.861   1.00 29.24 ? 343 PHE A O   1 
ATOM   142  C CB  . PHE A 1 17  ? -0.384  8.506   8.676   1.00 33.14 ? 343 PHE A CB  1 
ATOM   143  C CG  . PHE A 1 17  ? 1.020   8.598   8.146   1.00 30.85 ? 343 PHE A CG  1 
ATOM   144  C CD1 . PHE A 1 17  ? 1.259   8.640   6.782   1.00 33.55 ? 343 PHE A CD1 1 
ATOM   145  C CD2 . PHE A 1 17  ? 2.102   8.641   9.011   1.00 32.57 ? 343 PHE A CD2 1 
ATOM   146  C CE1 . PHE A 1 17  ? 2.549   8.720   6.292   1.00 27.67 ? 343 PHE A CE1 1 
ATOM   147  C CE2 . PHE A 1 17  ? 3.392   8.721   8.528   1.00 30.34 ? 343 PHE A CE2 1 
ATOM   148  C CZ  . PHE A 1 17  ? 3.616   8.761   7.166   1.00 32.40 ? 343 PHE A CZ  1 
ATOM   149  N N   . GLU A 1 18  ? 0.115   6.273   10.817  1.00 31.12 ? 344 GLU A N   1 
ATOM   150  C CA  . GLU A 1 18  ? 1.037   5.445   11.587  1.00 36.63 ? 344 GLU A CA  1 
ATOM   151  C C   . GLU A 1 18  ? 0.654   3.971   11.522  1.00 37.90 ? 344 GLU A C   1 
ATOM   152  O O   . GLU A 1 18  ? 1.522   3.102   11.658  1.00 32.80 ? 344 GLU A O   1 
ATOM   153  C CB  . GLU A 1 18  ? 1.089   5.928   13.037  1.00 39.73 ? 344 GLU A CB  1 
ATOM   154  C CG  . GLU A 1 18  ? 1.210   7.442   13.171  1.00 46.28 ? 344 GLU A CG  1 
ATOM   155  C CD  . GLU A 1 18  ? 2.172   7.865   14.263  1.00 70.45 ? 344 GLU A CD  1 
ATOM   156  O OE1 . GLU A 1 18  ? 2.443   7.047   15.167  1.00 77.04 ? 344 GLU A OE1 1 
ATOM   157  O OE2 . GLU A 1 18  ? 2.655   9.016   14.217  1.00 74.35 ? 344 GLU A OE2 1 
ATOM   158  N N   . LEU A 1 19  ? -0.631  3.674   11.314  1.00 31.06 ? 345 LEU A N   1 
ATOM   159  C CA  . LEU A 1 19  ? -1.051  2.292   11.110  1.00 30.97 ? 345 LEU A CA  1 
ATOM   160  C C   . LEU A 1 19  ? -0.469  1.732   9.819   1.00 31.99 ? 345 LEU A C   1 
ATOM   161  O O   . LEU A 1 19  ? 0.058   0.613   9.791   1.00 26.08 ? 345 LEU A O   1 
ATOM   162  C CB  . LEU A 1 19  ? -2.579  2.203   11.079  1.00 30.73 ? 345 LEU A CB  1 
ATOM   163  C CG  . LEU A 1 19  ? -3.356  2.020   12.384  1.00 38.31 ? 345 LEU A CG  1 
ATOM   164  C CD1 . LEU A 1 19  ? -4.856  2.023   12.111  1.00 35.88 ? 345 LEU A CD1 1 
ATOM   165  C CD2 . LEU A 1 19  ? -2.940  0.739   13.086  1.00 29.40 ? 345 LEU A CD2 1 
ATOM   166  N N   . LEU A 1 20  ? -0.546  2.506   8.737   1.00 24.87 ? 346 LEU A N   1 
ATOM   167  C CA  . LEU A 1 20  ? -0.216  2.012   7.406   1.00 30.83 ? 346 LEU A CA  1 
ATOM   168  C C   . LEU A 1 20  ? 1.242   2.221   7.021   1.00 29.54 ? 346 LEU A C   1 
ATOM   169  O O   . LEU A 1 20  ? 1.779   1.431   6.237   1.00 25.07 ? 346 LEU A O   1 
ATOM   170  C CB  . LEU A 1 20  ? -1.105  2.690   6.357   1.00 21.07 ? 346 LEU A CB  1 
ATOM   171  C CG  . LEU A 1 20  ? -2.607  2.405   6.391   1.00 28.48 ? 346 LEU A CG  1 
ATOM   172  C CD1 . LEU A 1 20  ? -3.349  3.316   5.421   1.00 29.23 ? 346 LEU A CD1 1 
ATOM   173  C CD2 . LEU A 1 20  ? -2.886  0.946   6.076   1.00 35.30 ? 346 LEU A CD2 1 
ATOM   174  N N   . PHE A 1 21  ? 1.898   3.262   7.537   1.00 22.42 ? 347 PHE A N   1 
ATOM   175  C CA  . PHE A 1 21  ? 3.207   3.656   7.027   1.00 30.05 ? 347 PHE A CA  1 
ATOM   176  C C   . PHE A 1 21  ? 4.287   3.661   8.103   1.00 28.02 ? 347 PHE A C   1 
ATOM   177  O O   . PHE A 1 21  ? 5.304   4.344   7.957   1.00 27.20 ? 347 PHE A O   1 
ATOM   178  C CB  . PHE A 1 21  ? 3.104   5.017   6.338   1.00 27.83 ? 347 PHE A CB  1 
ATOM   179  C CG  . PHE A 1 21  ? 2.186   5.011   5.150   1.00 24.92 ? 347 PHE A CG  1 
ATOM   180  C CD1 . PHE A 1 21  ? 0.934   5.598   5.219   1.00 33.62 ? 347 PHE A CD1 1 
ATOM   181  C CD2 . PHE A 1 21  ? 2.565   4.387   3.973   1.00 23.68 ? 347 PHE A CD2 1 
ATOM   182  C CE1 . PHE A 1 21  ? 0.085   5.582   4.128   1.00 31.31 ? 347 PHE A CE1 1 
ATOM   183  C CE2 . PHE A 1 21  ? 1.720   4.367   2.879   1.00 30.36 ? 347 PHE A CE2 1 
ATOM   184  C CZ  . PHE A 1 21  ? 0.479   4.965   2.958   1.00 30.70 ? 347 PHE A CZ  1 
ATOM   185  N N   . THR A 1 22  ? 4.082   2.912   9.182   1.00 24.11 ? 348 THR A N   1 
ATOM   186  C CA  . THR A 1 22  ? 5.140   2.558   10.113  1.00 27.03 ? 348 THR A CA  1 
ATOM   187  C C   . THR A 1 22  ? 5.120   1.047   10.295  1.00 28.36 ? 348 THR A C   1 
ATOM   188  O O   . THR A 1 22  ? 4.200   0.357   9.848   1.00 30.43 ? 348 THR A O   1 
ATOM   189  C CB  . THR A 1 22  ? 4.987   3.269   11.467  1.00 30.33 ? 348 THR A CB  1 
ATOM   190  O OG1 . THR A 1 22  ? 3.771   2.854   12.099  1.00 32.59 ? 348 THR A OG1 1 
ATOM   191  C CG2 . THR A 1 22  ? 4.976   4.778   11.283  1.00 32.95 ? 348 THR A CG2 1 
ATOM   192  N N   . SER A 1 23  ? 6.150   0.525   10.957  1.00 29.43 ? 349 SER A N   1 
ATOM   193  C CA  . SER A 1 23  ? 6.255   -0.913  11.201  1.00 29.77 ? 349 SER A CA  1 
ATOM   194  C C   . SER A 1 23  ? 5.300   -1.336  12.319  1.00 39.88 ? 349 SER A C   1 
ATOM   195  O O   . SER A 1 23  ? 5.694   -1.856  13.361  1.00 44.40 ? 349 SER A O   1 
ATOM   196  C CB  . SER A 1 23  ? 7.692   -1.291  11.527  1.00 42.38 ? 349 SER A CB  1 
ATOM   197  O OG  . SER A 1 23  ? 8.547   -0.978  10.448  1.00 52.09 ? 349 SER A OG  1 
ATOM   198  N N   . SER A 1 24  ? 4.015   -1.105  12.072  1.00 33.00 ? 350 SER A N   1 
ATOM   199  C CA  . SER A 1 24  ? 2.981   -1.418  13.041  1.00 32.16 ? 350 SER A CA  1 
ATOM   200  C C   . SER A 1 24  ? 2.734   -2.919  13.091  1.00 26.04 ? 350 SER A C   1 
ATOM   201  O O   . SER A 1 24  ? 2.943   -3.638  12.108  1.00 29.11 ? 350 SER A O   1 
ATOM   202  C CB  . SER A 1 24  ? 1.686   -0.688  12.686  1.00 33.11 ? 350 SER A CB  1 
ATOM   203  O OG  . SER A 1 24  ? 1.212   -1.080  11.408  1.00 27.58 ? 350 SER A OG  1 
ATOM   204  N N   . HIS A 1 25  ? 2.296   -3.393  14.259  1.00 36.77 ? 351 HIS A N   1 
ATOM   205  C CA  . HIS A 1 25  ? 1.838   -4.771  14.358  1.00 36.95 ? 351 HIS A CA  1 
ATOM   206  C C   . HIS A 1 25  ? 0.616   -5.008  13.482  1.00 27.54 ? 351 HIS A C   1 
ATOM   207  O O   . HIS A 1 25  ? 0.384   -6.134  13.026  1.00 32.52 ? 351 HIS A O   1 
ATOM   208  C CB  . HIS A 1 25  ? 1.526   -5.121  15.809  1.00 35.74 ? 351 HIS A CB  1 
ATOM   209  C CG  . HIS A 1 25  ? 0.951   -6.492  15.980  1.00 53.82 ? 351 HIS A CG  1 
ATOM   210  N ND1 . HIS A 1 25  ? 1.688   -7.636  15.760  1.00 51.13 ? 351 HIS A ND1 1 
ATOM   211  C CD2 . HIS A 1 25  ? -0.290  -6.904  16.328  1.00 54.43 ? 351 HIS A CD2 1 
ATOM   212  C CE1 . HIS A 1 25  ? 0.928   -8.695  15.976  1.00 58.05 ? 351 HIS A CE1 1 
ATOM   213  N NE2 . HIS A 1 25  ? -0.278  -8.279  16.321  1.00 50.51 ? 351 HIS A NE2 1 
ATOM   214  N N   . PHE A 1 26  ? -0.175  -3.960  13.242  1.00 21.10 ? 352 PHE A N   1 
ATOM   215  C CA  . PHE A 1 26  ? -1.287  -4.065  12.306  1.00 27.68 ? 352 PHE A CA  1 
ATOM   216  C C   . PHE A 1 26  ? -0.796  -4.473  10.924  1.00 29.32 ? 352 PHE A C   1 
ATOM   217  O O   . PHE A 1 26  ? -1.343  -5.390  10.302  1.00 22.85 ? 352 PHE A O   1 
ATOM   218  C CB  . PHE A 1 26  ? -2.039  -2.735  12.241  1.00 19.83 ? 352 PHE A CB  1 
ATOM   219  C CG  . PHE A 1 26  ? -3.076  -2.676  11.153  1.00 27.88 ? 352 PHE A CG  1 
ATOM   220  C CD1 . PHE A 1 26  ? -4.344  -3.195  11.358  1.00 24.22 ? 352 PHE A CD1 1 
ATOM   221  C CD2 . PHE A 1 26  ? -2.783  -2.101  9.927   1.00 26.97 ? 352 PHE A CD2 1 
ATOM   222  C CE1 . PHE A 1 26  ? -5.298  -3.143  10.359  1.00 28.81 ? 352 PHE A CE1 1 
ATOM   223  C CE2 . PHE A 1 26  ? -3.732  -2.049  8.925   1.00 33.88 ? 352 PHE A CE2 1 
ATOM   224  C CZ  . PHE A 1 26  ? -4.991  -2.570  9.142   1.00 29.17 ? 352 PHE A CZ  1 
ATOM   225  N N   . MET A 1 27  ? 0.248   -3.802  10.427  1.00 28.12 ? 353 MET A N   1 
ATOM   226  C CA  . MET A 1 27  ? 0.762   -4.119  9.099   1.00 28.21 ? 353 MET A CA  1 
ATOM   227  C C   . MET A 1 27  ? 1.433   -5.487  9.073   1.00 25.90 ? 353 MET A C   1 
ATOM   228  O O   . MET A 1 27  ? 1.356   -6.200  8.067   1.00 32.14 ? 353 MET A O   1 
ATOM   229  C CB  . MET A 1 27  ? 1.735   -3.034  8.635   1.00 21.67 ? 353 MET A CB  1 
ATOM   230  C CG  . MET A 1 27  ? 1.064   -1.840  7.977   1.00 26.19 ? 353 MET A CG  1 
ATOM   231  S SD  . MET A 1 27  ? -0.182  -2.297  6.752   1.00 38.90 ? 353 MET A SD  1 
ATOM   232  C CE  . MET A 1 27  ? 0.775   -3.305  5.624   1.00 35.74 ? 353 MET A CE  1 
ATOM   233  N N   . GLN A 1 28  ? 2.099   -5.868  10.165  1.00 27.70 ? 354 GLN A N   1 
ATOM   234  C CA  . GLN A 1 28  ? 2.735   -7.180  10.215  1.00 35.70 ? 354 GLN A CA  1 
ATOM   235  C C   . GLN A 1 28  ? 1.697   -8.293  10.144  1.00 36.72 ? 354 GLN A C   1 
ATOM   236  O O   . GLN A 1 28  ? 1.881   -9.282  9.424   1.00 42.14 ? 354 GLN A O   1 
ATOM   237  C CB  . GLN A 1 28  ? 3.579   -7.314  11.483  1.00 38.80 ? 354 GLN A CB  1 
ATOM   238  C CG  . GLN A 1 28  ? 4.089   -8.728  11.728  1.00 55.66 ? 354 GLN A CG  1 
ATOM   239  C CD  . GLN A 1 28  ? 4.517   -8.962  13.162  1.00 65.12 ? 354 GLN A CD  1 
ATOM   240  O OE1 . GLN A 1 28  ? 4.776   -8.020  13.911  1.00 68.97 ? 354 GLN A OE1 1 
ATOM   241  N NE2 . GLN A 1 28  ? 4.592   -10.229 13.554  1.00 63.33 ? 354 GLN A NE2 1 
ATOM   242  N N   . ARG A 1 29  ? 0.594   -8.148  10.883  1.00 30.10 ? 355 ARG A N   1 
ATOM   243  C CA  . ARG A 1 29  ? -0.474  -9.137  10.813  1.00 35.92 ? 355 ARG A CA  1 
ATOM   244  C C   . ARG A 1 29  ? -1.133  -9.140  9.439   1.00 30.81 ? 355 ARG A C   1 
ATOM   245  O O   . ARG A 1 29  ? -1.447  -10.208 8.900   1.00 33.08 ? 355 ARG A O   1 
ATOM   246  C CB  . ARG A 1 29  ? -1.509  -8.869  11.905  1.00 35.07 ? 355 ARG A CB  1 
ATOM   247  C CG  . ARG A 1 29  ? -2.604  -9.919  11.984  1.00 38.90 ? 355 ARG A CG  1 
ATOM   248  C CD  . ARG A 1 29  ? -3.578  -9.633  13.117  1.00 36.81 ? 355 ARG A CD  1 
ATOM   249  N NE  . ARG A 1 29  ? -4.233  -8.338  12.964  1.00 40.32 ? 355 ARG A NE  1 
ATOM   250  C CZ  . ARG A 1 29  ? -4.072  -7.316  13.798  1.00 40.85 ? 355 ARG A CZ  1 
ATOM   251  N NH1 . ARG A 1 29  ? -3.274  -7.436  14.851  1.00 49.30 ? 355 ARG A NH1 1 
ATOM   252  N NH2 . ARG A 1 29  ? -4.708  -6.173  13.581  1.00 37.09 ? 355 ARG A NH2 1 
ATOM   253  N N   . PHE A 1 30  ? -1.344  -7.958  8.856   1.00 25.39 ? 356 PHE A N   1 
ATOM   254  C CA  . PHE A 1 30  ? -1.978  -7.891  7.544   1.00 28.02 ? 356 PHE A CA  1 
ATOM   255  C C   . PHE A 1 30  ? -1.087  -8.491  6.464   1.00 28.04 ? 356 PHE A C   1 
ATOM   256  O O   . PHE A 1 30  ? -1.566  -9.226  5.593   1.00 24.64 ? 356 PHE A O   1 
ATOM   257  C CB  . PHE A 1 30  ? -2.332  -6.447  7.193   1.00 23.25 ? 356 PHE A CB  1 
ATOM   258  C CG  . PHE A 1 30  ? -2.707  -6.260  5.753   1.00 28.04 ? 356 PHE A CG  1 
ATOM   259  C CD1 . PHE A 1 30  ? -3.902  -6.765  5.269   1.00 32.84 ? 356 PHE A CD1 1 
ATOM   260  C CD2 . PHE A 1 30  ? -1.860  -5.600  4.879   1.00 33.64 ? 356 PHE A CD2 1 
ATOM   261  C CE1 . PHE A 1 30  ? -4.250  -6.609  3.943   1.00 31.25 ? 356 PHE A CE1 1 
ATOM   262  C CE2 . PHE A 1 30  ? -2.205  -5.438  3.549   1.00 32.39 ? 356 PHE A CE2 1 
ATOM   263  C CZ  . PHE A 1 30  ? -3.402  -5.943  3.082   1.00 26.72 ? 356 PHE A CZ  1 
ATOM   264  N N   . ALA A 1 31  ? 0.212   -8.181  6.499   1.00 27.29 ? 357 ALA A N   1 
ATOM   265  C CA  . ALA A 1 31  ? 1.130   -8.730  5.508   1.00 28.69 ? 357 ALA A CA  1 
ATOM   266  C C   . ALA A 1 31  ? 1.192   -10.249 5.598   1.00 27.06 ? 357 ALA A C   1 
ATOM   267  O O   . ALA A 1 31  ? 1.236   -10.937 4.572   1.00 26.73 ? 357 ALA A O   1 
ATOM   268  C CB  . ALA A 1 31  ? 2.520   -8.122  5.686   1.00 27.02 ? 357 ALA A CB  1 
ATOM   269  N N   . ASN A 1 32  ? 1.190   -10.790 6.818   1.00 28.72 ? 358 ASN A N   1 
ATOM   270  C CA  . ASN A 1 32  ? 1.210   -12.239 6.989   1.00 35.27 ? 358 ASN A CA  1 
ATOM   271  C C   . ASN A 1 32  ? -0.025  -12.883 6.374   1.00 35.71 ? 358 ASN A C   1 
ATOM   272  O O   . ASN A 1 32  ? 0.075   -13.913 5.697   1.00 28.11 ? 358 ASN A O   1 
ATOM   273  C CB  . ASN A 1 32  ? 1.310   -12.592 8.472   1.00 41.48 ? 358 ASN A CB  1 
ATOM   274  C CG  . ASN A 1 32  ? 2.705   -12.394 9.027   1.00 49.93 ? 358 ASN A CG  1 
ATOM   275  O OD1 . ASN A 1 32  ? 2.903   -12.378 10.242  1.00 62.41 ? 358 ASN A OD1 1 
ATOM   276  N ND2 . ASN A 1 32  ? 3.684   -12.248 8.142   1.00 55.33 ? 358 ASN A ND2 1 
ATOM   277  N N   . SER A 1 33  ? -1.199  -12.291 6.602   1.00 25.69 ? 359 SER A N   1 
ATOM   278  C CA  . SER A 1 33  ? -2.432  -12.833 6.042   1.00 31.45 ? 359 SER A CA  1 
ATOM   279  C C   . SER A 1 33  ? -2.445  -12.782 4.521   1.00 35.95 ? 359 SER A C   1 
ATOM   280  O O   . SER A 1 33  ? -3.204  -13.527 3.892   1.00 29.48 ? 359 SER A O   1 
ATOM   281  C CB  . SER A 1 33  ? -3.639  -12.078 6.603   1.00 37.10 ? 359 SER A CB  1 
ATOM   282  O OG  . SER A 1 33  ? -3.828  -10.845 5.932   1.00 39.67 ? 359 SER A OG  1 
ATOM   283  N N   . ARG A 1 34  ? -1.630  -11.921 3.916   1.00 27.37 ? 360 ARG A N   1 
ATOM   284  C CA  . ARG A 1 34  ? -1.499  -11.845 2.470   1.00 26.40 ? 360 ARG A CA  1 
ATOM   285  C C   . ARG A 1 34  ? -0.299  -12.629 1.953   1.00 27.63 ? 360 ARG A C   1 
ATOM   286  O O   . ARG A 1 34  ? 0.054   -12.496 0.776   1.00 32.88 ? 360 ARG A O   1 
ATOM   287  C CB  . ARG A 1 34  ? -1.401  -10.384 2.026   1.00 34.38 ? 360 ARG A CB  1 
ATOM   288  C CG  . ARG A 1 34  ? -2.593  -9.534  2.433   1.00 36.50 ? 360 ARG A CG  1 
ATOM   289  C CD  . ARG A 1 34  ? -3.882  -10.083 1.844   1.00 27.87 ? 360 ARG A CD  1 
ATOM   290  N NE  . ARG A 1 34  ? -3.770  -10.305 0.407   1.00 39.97 ? 360 ARG A NE  1 
ATOM   291  C CZ  . ARG A 1 34  ? -4.764  -10.730 -0.365  1.00 41.13 ? 360 ARG A CZ  1 
ATOM   292  N NH1 . ARG A 1 34  ? -5.955  -10.980 0.160   1.00 41.25 ? 360 ARG A NH1 1 
ATOM   293  N NH2 . ARG A 1 34  ? -4.567  -10.904 -1.665  1.00 44.82 ? 360 ARG A NH2 1 
ATOM   294  N N   . ASN A 1 35  ? 0.324   -13.446 2.806   1.00 29.86 ? 361 ASN A N   1 
ATOM   295  C CA  . ASN A 1 35  ? 1.507   -14.232 2.451   1.00 33.81 ? 361 ASN A CA  1 
ATOM   296  C C   . ASN A 1 35  ? 2.638   -13.338 1.944   1.00 30.34 ? 361 ASN A C   1 
ATOM   297  O O   . ASN A 1 35  ? 3.291   -13.633 0.941   1.00 26.11 ? 361 ASN A O   1 
ATOM   298  C CB  . ASN A 1 35  ? 1.165   -15.323 1.432   1.00 33.20 ? 361 ASN A CB  1 
ATOM   299  C CG  . ASN A 1 35  ? 0.865   -16.658 2.092   1.00 43.50 ? 361 ASN A CG  1 
ATOM   300  O OD1 . ASN A 1 35  ? 1.674   -17.585 2.041   1.00 50.18 ? 361 ASN A OD1 1 
ATOM   301  N ND2 . ASN A 1 35  ? -0.298  -16.755 2.726   1.00 37.59 ? 361 ASN A ND2 1 
ATOM   302  N N   . ILE A 1 36  ? 2.864   -12.230 2.645   1.00 28.32 ? 362 ILE A N   1 
ATOM   303  C CA  . ILE A 1 36  ? 3.998   -11.346 2.409   1.00 21.20 ? 362 ILE A CA  1 
ATOM   304  C C   . ILE A 1 36  ? 4.898   -11.432 3.632   1.00 28.75 ? 362 ILE A C   1 
ATOM   305  O O   . ILE A 1 36  ? 4.492   -11.051 4.737   1.00 27.12 ? 362 ILE A O   1 
ATOM   306  C CB  . ILE A 1 36  ? 3.545   -9.900  2.153   1.00 27.52 ? 362 ILE A CB  1 
ATOM   307  C CG1 . ILE A 1 36  ? 2.596   -9.842  0.951   1.00 27.25 ? 362 ILE A CG1 1 
ATOM   308  C CG2 . ILE A 1 36  ? 4.749   -8.999  1.938   1.00 24.75 ? 362 ILE A CG2 1 
ATOM   309  C CD1 . ILE A 1 36  ? 2.146   -8.441  0.595   1.00 25.62 ? 362 ILE A CD1 1 
ATOM   310  N N   . ILE A 1 37  ? 6.117   -11.936 3.441   1.00 24.10 ? 363 ILE A N   1 
ATOM   311  C CA  . ILE A 1 37  ? 7.004   -12.265 4.548   1.00 23.90 ? 363 ILE A CA  1 
ATOM   312  C C   . ILE A 1 37  ? 8.305   -11.478 4.417   1.00 24.12 ? 363 ILE A C   1 
ATOM   313  O O   . ILE A 1 37  ? 8.605   -10.889 3.378   1.00 22.87 ? 363 ILE A O   1 
ATOM   314  C CB  . ILE A 1 37  ? 7.293   -13.776 4.629   1.00 33.83 ? 363 ILE A CB  1 
ATOM   315  C CG1 . ILE A 1 37  ? 8.095   -14.231 3.408   1.00 33.29 ? 363 ILE A CG1 1 
ATOM   316  C CG2 . ILE A 1 37  ? 5.997   -14.562 4.738   1.00 32.14 ? 363 ILE A CG2 1 
ATOM   317  C CD1 . ILE A 1 37  ? 8.574   -15.662 3.493   1.00 38.88 ? 363 ILE A CD1 1 
ATOM   318  N N   . ASP A 1 38  ? 9.079   -11.488 5.505   1.00 25.17 ? 364 ASP A N   1 
ATOM   319  C CA  . ASP A 1 38  ? 10.401  -10.866 5.563   1.00 32.83 ? 364 ASP A CA  1 
ATOM   320  C C   . ASP A 1 38  ? 10.343  -9.394  5.161   1.00 27.91 ? 364 ASP A C   1 
ATOM   321  O O   . ASP A 1 38  ? 11.096  -8.919  4.309   1.00 28.44 ? 364 ASP A O   1 
ATOM   322  C CB  . ASP A 1 38  ? 11.403  -11.632 4.701   1.00 34.39 ? 364 ASP A CB  1 
ATOM   323  C CG  . ASP A 1 38  ? 11.736  -12.989 5.277   1.00 44.22 ? 364 ASP A CG  1 
ATOM   324  O OD1 . ASP A 1 38  ? 11.773  -13.116 6.518   1.00 46.19 ? 364 ASP A OD1 1 
ATOM   325  O OD2 . ASP A 1 38  ? 11.959  -13.935 4.495   1.00 40.21 ? 364 ASP A OD2 1 
ATOM   326  N N   . VAL A 1 39  ? 9.429   -8.668  5.796   1.00 25.10 ? 365 VAL A N   1 
ATOM   327  C CA  . VAL A 1 39  ? 9.264   -7.245  5.526   1.00 31.11 ? 365 VAL A CA  1 
ATOM   328  C C   . VAL A 1 39  ? 10.400  -6.484  6.199   1.00 28.87 ? 365 VAL A C   1 
ATOM   329  O O   . VAL A 1 39  ? 10.565  -6.544  7.420   1.00 27.28 ? 365 VAL A O   1 
ATOM   330  C CB  . VAL A 1 39  ? 7.897   -6.745  6.016   1.00 35.73 ? 365 VAL A CB  1 
ATOM   331  C CG1 . VAL A 1 39  ? 7.769   -5.249  5.786   1.00 24.09 ? 365 VAL A CG1 1 
ATOM   332  C CG2 . VAL A 1 39  ? 6.778   -7.496  5.311   1.00 24.78 ? 365 VAL A CG2 1 
ATOM   333  N N   . VAL A 1 40  ? 11.191  -5.779  5.396   1.00 29.38 ? 366 VAL A N   1 
ATOM   334  C CA  . VAL A 1 40  ? 12.248  -4.901  5.881   1.00 31.60 ? 366 VAL A CA  1 
ATOM   335  C C   . VAL A 1 40  ? 11.937  -3.499  5.381   1.00 28.07 ? 366 VAL A C   1 
ATOM   336  O O   . VAL A 1 40  ? 11.601  -3.320  4.206   1.00 27.79 ? 366 VAL A O   1 
ATOM   337  C CB  . VAL A 1 40  ? 13.636  -5.361  5.399   1.00 35.23 ? 366 VAL A CB  1 
ATOM   338  C CG1 . VAL A 1 40  ? 14.702  -4.351  5.799   1.00 36.96 ? 366 VAL A CG1 1 
ATOM   339  C CG2 . VAL A 1 40  ? 13.963  -6.736  5.956   1.00 35.15 ? 366 VAL A CG2 1 
ATOM   340  N N   . SER A 1 41  ? 12.037  -2.514  6.269   1.00 25.58 ? 367 SER A N   1 
ATOM   341  C CA  . SER A 1 41  ? 11.696  -1.148  5.910   1.00 32.37 ? 367 SER A CA  1 
ATOM   342  C C   . SER A 1 41  ? 12.680  -0.181  6.549   1.00 33.77 ? 367 SER A C   1 
ATOM   343  O O   . SER A 1 41  ? 13.436  -0.529  7.460   1.00 30.98 ? 367 SER A O   1 
ATOM   344  C CB  . SER A 1 41  ? 10.263  -0.795  6.327   1.00 37.59 ? 367 SER A CB  1 
ATOM   345  O OG  . SER A 1 41  ? 10.096  -0.919  7.730   1.00 36.28 ? 367 SER A OG  1 
ATOM   346  N N   . THR A 1 42  ? 12.664  1.036   6.049   1.00 34.18 ? 368 THR A N   1 
ATOM   347  C CA  . THR A 1 42  ? 13.408  2.167   6.561   1.00 35.61 ? 368 THR A CA  1 
ATOM   348  C C   . THR A 1 42  ? 12.514  3.028   7.434   1.00 37.92 ? 368 THR A C   1 
ATOM   349  O O   . THR A 1 42  ? 11.283  2.947   7.361   1.00 34.10 ? 368 THR A O   1 
ATOM   350  C CB  . THR A 1 42  ? 13.940  3.026   5.409   1.00 26.21 ? 368 THR A CB  1 
ATOM   351  O OG1 . THR A 1 42  ? 12.835  3.540   4.654   1.00 32.32 ? 368 THR A OG1 1 
ATOM   352  C CG2 . THR A 1 42  ? 14.839  2.212   4.501   1.00 33.80 ? 368 THR A CG2 1 
ATOM   353  N N   . PRO A 1 43  ? 13.098  3.867   8.280   1.00 37.59 ? 369 PRO A N   1 
ATOM   354  C CA  . PRO A 1 43  ? 12.336  4.986   8.835   1.00 34.48 ? 369 PRO A CA  1 
ATOM   355  C C   . PRO A 1 43  ? 12.067  6.016   7.749   1.00 30.81 ? 369 PRO A C   1 
ATOM   356  O O   . PRO A 1 43  ? 12.725  6.047   6.707   1.00 40.57 ? 369 PRO A O   1 
ATOM   357  C CB  . PRO A 1 43  ? 13.260  5.544   9.922   1.00 34.41 ? 369 PRO A CB  1 
ATOM   358  C CG  . PRO A 1 43  ? 14.635  5.119   9.500   1.00 40.76 ? 369 PRO A CG  1 
ATOM   359  C CD  . PRO A 1 43  ? 14.455  3.782   8.849   1.00 33.75 ? 369 PRO A CD  1 
ATOM   360  N N   . TRP A 1 44  ? 11.065  6.854   7.993   1.00 27.24 ? 370 TRP A N   1 
ATOM   361  C CA  . TRP A 1 44  ? 10.789  7.943   7.069   1.00 23.92 ? 370 TRP A CA  1 
ATOM   362  C C   . TRP A 1 44  ? 11.959  8.917   7.081   1.00 33.96 ? 370 TRP A C   1 
ATOM   363  O O   . TRP A 1 44  ? 12.420  9.337   8.147   1.00 29.62 ? 370 TRP A O   1 
ATOM   364  C CB  . TRP A 1 44  ? 9.484   8.649   7.434   1.00 27.86 ? 370 TRP A CB  1 
ATOM   365  C CG  . TRP A 1 44  ? 8.272   7.958   6.883   1.00 26.64 ? 370 TRP A CG  1 
ATOM   366  C CD1 . TRP A 1 44  ? 7.371   7.203   7.577   1.00 30.53 ? 370 TRP A CD1 1 
ATOM   367  C CD2 . TRP A 1 44  ? 7.835   7.948   5.517   1.00 34.19 ? 370 TRP A CD2 1 
ATOM   368  N NE1 . TRP A 1 44  ? 6.398   6.729   6.730   1.00 28.57 ? 370 TRP A NE1 1 
ATOM   369  C CE2 . TRP A 1 44  ? 6.660   7.171   5.460   1.00 27.02 ? 370 TRP A CE2 1 
ATOM   370  C CE3 . TRP A 1 44  ? 8.323   8.522   4.339   1.00 25.18 ? 370 TRP A CE3 1 
ATOM   371  C CZ2 . TRP A 1 44  ? 5.966   6.954   4.270   1.00 27.51 ? 370 TRP A CZ2 1 
ATOM   372  C CZ3 . TRP A 1 44  ? 7.632   8.305   3.160   1.00 26.83 ? 370 TRP A CZ3 1 
ATOM   373  C CH2 . TRP A 1 44  ? 6.466   7.530   3.134   1.00 25.60 ? 370 TRP A CH2 1 
ATOM   374  N N   . THR A 1 45  ? 12.456  9.256   5.895   1.00 27.40 ? 371 THR A N   1 
ATOM   375  C CA  . THR A 1 45  ? 13.693  10.010  5.758   1.00 34.76 ? 371 THR A CA  1 
ATOM   376  C C   . THR A 1 45  ? 13.439  11.266  4.939   1.00 39.17 ? 371 THR A C   1 
ATOM   377  O O   . THR A 1 45  ? 12.804  11.206  3.883   1.00 43.00 ? 371 THR A O   1 
ATOM   378  C CB  . THR A 1 45  ? 14.779  9.153   5.103   1.00 39.67 ? 371 THR A CB  1 
ATOM   379  O OG1 . THR A 1 45  ? 15.021  7.992   5.907   1.00 55.29 ? 371 THR A OG1 1 
ATOM   380  C CG2 . THR A 1 45  ? 16.066  9.937   4.973   1.00 54.79 ? 371 THR A CG2 1 
ATOM   381  N N   . VAL A 1 46  ? 13.936  12.394  5.430   1.00 38.35 ? 372 VAL A N   1 
ATOM   382  C CA  . VAL A 1 46  ? 13.776  13.683  4.769   1.00 35.35 ? 372 VAL A CA  1 
ATOM   383  C C   . VAL A 1 46  ? 14.857  13.840  3.709   1.00 43.89 ? 372 VAL A C   1 
ATOM   384  O O   . VAL A 1 46  ? 15.971  13.319  3.839   1.00 49.68 ? 372 VAL A O   1 
ATOM   385  C CB  . VAL A 1 46  ? 13.817  14.833  5.800   1.00 52.29 ? 372 VAL A CB  1 
ATOM   386  C CG1 . VAL A 1 46  ? 15.222  15.010  6.363   1.00 54.53 ? 372 VAL A CG1 1 
ATOM   387  C CG2 . VAL A 1 46  ? 13.312  16.128  5.182   1.00 42.93 ? 372 VAL A CG2 1 
ATOM   388  N N   . GLU A 1 47  ? 14.518  14.550  2.635   1.00 36.67 ? 373 GLU A N   1 
ATOM   389  C CA  . GLU A 1 47  ? 15.449  14.844  1.556   1.00 49.33 ? 373 GLU A CA  1 
ATOM   390  C C   . GLU A 1 47  ? 15.392  16.336  1.245   1.00 61.12 ? 373 GLU A C   1 
ATOM   391  O O   . GLU A 1 47  ? 14.597  17.084  1.823   1.00 52.65 ? 373 GLU A O   1 
ATOM   392  C CB  . GLU A 1 47  ? 15.145  13.994  0.315   1.00 47.88 ? 373 GLU A CB  1 
ATOM   393  C CG  . GLU A 1 47  ? 15.529  12.526  0.467   1.00 60.54 ? 373 GLU A CG  1 
ATOM   394  C CD  . GLU A 1 47  ? 16.114  11.932  -0.802  1.00 55.11 ? 373 GLU A CD  1 
ATOM   395  O OE1 . GLU A 1 47  ? 15.336  11.464  -1.659  1.00 57.53 ? 373 GLU A OE1 1 
ATOM   396  O OE2 . GLU A 1 47  ? 17.355  11.930  -0.939  1.00 63.41 ? 373 GLU A OE2 1 
ATOM   397  N N   . SER A 1 48  ? 16.252  16.764  0.316   1.00 49.91 ? 374 SER A N   1 
ATOM   398  C CA  . SER A 1 48  ? 16.429  18.191  0.056   1.00 56.56 ? 374 SER A CA  1 
ATOM   399  C C   . SER A 1 48  ? 15.141  18.843  -0.433  1.00 61.40 ? 374 SER A C   1 
ATOM   400  O O   . SER A 1 48  ? 14.850  19.993  -0.085  1.00 62.88 ? 374 SER A O   1 
ATOM   401  C CB  . SER A 1 48  ? 17.546  18.399  -0.965  1.00 43.02 ? 374 SER A CB  1 
ATOM   402  O OG  . SER A 1 48  ? 17.181  17.865  -2.226  1.00 52.13 ? 374 SER A OG  1 
ATOM   403  N N   . GLY A 1 49  ? 14.363  18.130  -1.251  1.00 57.16 ? 375 GLY A N   1 
ATOM   404  C CA  . GLY A 1 49  ? 13.149  18.715  -1.795  1.00 63.93 ? 375 GLY A CA  1 
ATOM   405  C C   . GLY A 1 49  ? 12.158  19.141  -0.732  1.00 65.07 ? 375 GLY A C   1 
ATOM   406  O O   . GLY A 1 49  ? 11.466  20.150  -0.890  1.00 77.41 ? 375 GLY A O   1 
ATOM   407  N N   . GLY A 1 50  ? 12.093  18.400  0.377   1.00 62.19 ? 376 GLY A N   1 
ATOM   408  C CA  . GLY A 1 50  ? 11.109  18.610  1.424   1.00 48.22 ? 376 GLY A CA  1 
ATOM   409  C C   . GLY A 1 50  ? 10.195  17.418  1.626   1.00 54.19 ? 376 GLY A C   1 
ATOM   410  O O   . GLY A 1 50  ? 9.682   17.216  2.732   1.00 51.55 ? 376 GLY A O   1 
ATOM   411  N N   . ASN A 1 51  ? 9.985   16.628  0.577   1.00 53.84 ? 377 ASN A N   1 
ATOM   412  C CA  . ASN A 1 51  ? 9.248   15.384  0.698   1.00 51.86 ? 377 ASN A CA  1 
ATOM   413  C C   . ASN A 1 51  ? 10.036  14.382  1.535   1.00 45.36 ? 377 ASN A C   1 
ATOM   414  O O   . ASN A 1 51  ? 11.241  14.529  1.763   1.00 42.92 ? 377 ASN A O   1 
ATOM   415  C CB  . ASN A 1 51  ? 8.957   14.798  -0.685  1.00 47.81 ? 377 ASN A CB  1 
ATOM   416  C CG  . ASN A 1 51  ? 10.187  14.769  -1.576  1.00 58.34 ? 377 ASN A CG  1 
ATOM   417  O OD1 . ASN A 1 51  ? 10.525  15.762  -2.219  1.00 72.39 ? 377 ASN A OD1 1 
ATOM   418  N ND2 . ASN A 1 51  ? 10.862  13.625  -1.616  1.00 65.78 ? 377 ASN A ND2 1 
ATOM   419  N N   . GLN A 1 52  ? 9.340   13.348  1.996   1.00 35.90 ? 378 GLN A N   1 
ATOM   420  C CA  . GLN A 1 52  ? 9.953   12.303  2.799   1.00 32.28 ? 378 GLN A CA  1 
ATOM   421  C C   . GLN A 1 52  ? 9.920   10.981  2.044   1.00 34.01 ? 378 GLN A C   1 
ATOM   422  O O   . GLN A 1 52  ? 9.075   10.756  1.173   1.00 30.98 ? 378 GLN A O   1 
ATOM   423  C CB  . GLN A 1 52  ? 9.260   12.169  4.159   1.00 34.07 ? 378 GLN A CB  1 
ATOM   424  C CG  . GLN A 1 52  ? 9.582   13.318  5.104   1.00 38.61 ? 378 GLN A CG  1 
ATOM   425  C CD  . GLN A 1 52  ? 9.106   13.064  6.516   1.00 40.50 ? 378 GLN A CD  1 
ATOM   426  O OE1 . GLN A 1 52  ? 9.650   12.217  7.225   1.00 45.24 ? 378 GLN A OE1 1 
ATOM   427  N NE2 . GLN A 1 52  ? 8.084   13.800  6.935   1.00 49.36 ? 378 GLN A NE2 1 
ATOM   428  N N   . LEU A 1 53  ? 10.860  10.102  2.390   1.00 30.21 ? 379 LEU A N   1 
ATOM   429  C CA  . LEU A 1 53  ? 11.108  8.897   1.616   1.00 32.04 ? 379 LEU A CA  1 
ATOM   430  C C   . LEU A 1 53  ? 11.244  7.697   2.542   1.00 34.86 ? 379 LEU A C   1 
ATOM   431  O O   . LEU A 1 53  ? 11.923  7.767   3.570   1.00 27.57 ? 379 LEU A O   1 
ATOM   432  C CB  . LEU A 1 53  ? 12.366  9.070   0.761   1.00 37.03 ? 379 LEU A CB  1 
ATOM   433  C CG  . LEU A 1 53  ? 12.785  7.979   -0.215  1.00 43.21 ? 379 LEU A CG  1 
ATOM   434  C CD1 . LEU A 1 53  ? 11.809  7.912   -1.377  1.00 40.67 ? 379 LEU A CD1 1 
ATOM   435  C CD2 . LEU A 1 53  ? 14.174  8.300   -0.714  1.00 42.48 ? 379 LEU A CD2 1 
ATOM   436  N N   . ARG A 1 54  ? 10.589  6.601   2.168   1.00 27.34 ? 380 ARG A N   1 
ATOM   437  C CA  . ARG A 1 54  ? 10.631  5.348   2.905   1.00 28.35 ? 380 ARG A CA  1 
ATOM   438  C C   . ARG A 1 54  ? 10.666  4.210   1.896   1.00 21.90 ? 380 ARG A C   1 
ATOM   439  O O   . ARG A 1 54  ? 9.895   4.208   0.933   1.00 28.19 ? 380 ARG A O   1 
ATOM   440  C CB  . ARG A 1 54  ? 9.416   5.206   3.837   1.00 27.70 ? 380 ARG A CB  1 
ATOM   441  C CG  . ARG A 1 54  ? 9.378   3.929   4.675   1.00 28.68 ? 380 ARG A CG  1 
ATOM   442  C CD  . ARG A 1 54  ? 8.297   4.027   5.752   1.00 27.17 ? 380 ARG A CD  1 
ATOM   443  N NE  . ARG A 1 54  ? 8.196   2.831   6.588   1.00 32.61 ? 380 ARG A NE  1 
ATOM   444  C CZ  . ARG A 1 54  ? 7.219   1.933   6.497   1.00 30.08 ? 380 ARG A CZ  1 
ATOM   445  N NH1 . ARG A 1 54  ? 6.255   2.086   5.600   1.00 24.92 ? 380 ARG A NH1 1 
ATOM   446  N NH2 . ARG A 1 54  ? 7.206   0.879   7.302   1.00 33.83 ? 380 ARG A NH2 1 
ATOM   447  N N   . THR A 1 55  ? 11.571  3.258   2.104   1.00 16.36 ? 381 THR A N   1 
ATOM   448  C CA  . THR A 1 55  ? 11.708  2.128   1.198   1.00 21.75 ? 381 THR A CA  1 
ATOM   449  C C   . THR A 1 55  ? 11.578  0.824   1.968   1.00 23.80 ? 381 THR A C   1 
ATOM   450  O O   . THR A 1 55  ? 12.005  0.716   3.121   1.00 28.34 ? 381 THR A O   1 
ATOM   451  C CB  . THR A 1 55  ? 13.042  2.151   0.441   1.00 25.87 ? 381 THR A CB  1 
ATOM   452  O OG1 . THR A 1 55  ? 14.130  2.167   1.371   1.00 41.57 ? 381 THR A OG1 1 
ATOM   453  C CG2 . THR A 1 55  ? 13.125  3.380   -0.453  1.00 25.42 ? 381 THR A CG2 1 
ATOM   454  N N   . MET A 1 56  ? 10.971  -0.166  1.316   1.00 26.36 ? 382 MET A N   1 
ATOM   455  C CA  . MET A 1 56  ? 10.725  -1.465  1.917   1.00 27.71 ? 382 MET A CA  1 
ATOM   456  C C   . MET A 1 56  ? 11.112  -2.576  0.953   1.00 25.48 ? 382 MET A C   1 
ATOM   457  O O   . MET A 1 56  ? 11.060  -2.411  -0.269  1.00 22.13 ? 382 MET A O   1 
ATOM   458  C CB  . MET A 1 56  ? 9.252   -1.649  2.314   1.00 24.63 ? 382 MET A CB  1 
ATOM   459  C CG  . MET A 1 56  ? 8.585   -0.410  2.868   1.00 31.00 ? 382 MET A CG  1 
ATOM   460  S SD  . MET A 1 56  ? 6.876   -0.734  3.336   1.00 48.26 ? 382 MET A SD  1 
ATOM   461  C CE  . MET A 1 56  ? 7.122   -1.858  4.706   1.00 37.08 ? 382 MET A CE  1 
ATOM   462  N N   . THR A 1 57  ? 11.507  -3.710  1.523   1.00 21.98 ? 383 THR A N   1 
ATOM   463  C CA  . THR A 1 57  ? 11.660  -4.954  0.785   1.00 33.15 ? 383 THR A CA  1 
ATOM   464  C C   . THR A 1 57  ? 10.914  -6.052  1.526   1.00 30.15 ? 383 THR A C   1 
ATOM   465  O O   . THR A 1 57  ? 10.761  -6.004  2.750   1.00 21.79 ? 383 THR A O   1 
ATOM   466  C CB  . THR A 1 57  ? 13.132  -5.358  0.610   1.00 26.17 ? 383 THR A CB  1 
ATOM   467  O OG1 . THR A 1 57  ? 13.752  -5.487  1.895   1.00 32.05 ? 383 THR A OG1 1 
ATOM   468  C CG2 . THR A 1 57  ? 13.880  -4.325  -0.217  1.00 30.30 ? 383 THR A CG2 1 
ATOM   469  N N   . TYR A 1 58  ? 10.448  -7.038  0.769   1.00 20.48 ? 384 TYR A N   1 
ATOM   470  C CA  . TYR A 1 58  ? 9.717   -8.174  1.317   1.00 26.04 ? 384 TYR A CA  1 
ATOM   471  C C   . TYR A 1 58  ? 9.601   -9.221  0.221   1.00 22.17 ? 384 TYR A C   1 
ATOM   472  O O   . TYR A 1 58  ? 9.905   -8.962  -0.947  1.00 28.53 ? 384 TYR A O   1 
ATOM   473  C CB  . TYR A 1 58  ? 8.334   -7.768  1.836   1.00 17.83 ? 384 TYR A CB  1 
ATOM   474  C CG  . TYR A 1 58  ? 7.588   -6.821  0.923   1.00 24.47 ? 384 TYR A CG  1 
ATOM   475  C CD1 . TYR A 1 58  ? 6.882   -7.296  -0.175  1.00 24.69 ? 384 TYR A CD1 1 
ATOM   476  C CD2 . TYR A 1 58  ? 7.590   -5.454  1.157   1.00 27.22 ? 384 TYR A CD2 1 
ATOM   477  C CE1 . TYR A 1 58  ? 6.198   -6.435  -1.012  1.00 28.26 ? 384 TYR A CE1 1 
ATOM   478  C CE2 . TYR A 1 58  ? 6.911   -4.584  0.324   1.00 24.87 ? 384 TYR A CE2 1 
ATOM   479  C CZ  . TYR A 1 58  ? 6.217   -5.081  -0.758  1.00 32.34 ? 384 TYR A CZ  1 
ATOM   480  O OH  . TYR A 1 58  ? 5.539   -4.220  -1.589  1.00 25.72 ? 384 TYR A OH  1 
ATOM   481  N N   . THR A 1 59  ? 9.154   -10.410 0.610   1.00 27.76 ? 385 THR A N   1 
ATOM   482  C CA  . THR A 1 59  ? 8.980   -11.524 -0.310  1.00 30.18 ? 385 THR A CA  1 
ATOM   483  C C   . THR A 1 59  ? 7.516   -11.931 -0.341  1.00 24.75 ? 385 THR A C   1 
ATOM   484  O O   . THR A 1 59  ? 6.907   -12.157 0.710   1.00 25.96 ? 385 THR A O   1 
ATOM   485  C CB  . THR A 1 59  ? 9.851   -12.714 0.091   1.00 32.08 ? 385 THR A CB  1 
ATOM   486  O OG1 . THR A 1 59  ? 11.225  -12.397 -0.157  1.00 28.43 ? 385 THR A OG1 1 
ATOM   487  C CG2 . THR A 1 59  ? 9.474   -13.954 -0.711  1.00 26.74 ? 385 THR A CG2 1 
ATOM   488  N N   . ILE A 1 60  ? 6.960   -12.023 -1.544  1.00 23.17 ? 386 ILE A N   1 
ATOM   489  C CA  . ILE A 1 60  ? 5.570   -12.404 -1.746  1.00 31.18 ? 386 ILE A CA  1 
ATOM   490  C C   . ILE A 1 60  ? 5.527   -13.882 -2.107  1.00 30.92 ? 386 ILE A C   1 
ATOM   491  O O   . ILE A 1 60  ? 6.147   -14.309 -3.090  1.00 28.56 ? 386 ILE A O   1 
ATOM   492  C CB  . ILE A 1 60  ? 4.909   -11.548 -2.836  1.00 23.79 ? 386 ILE A CB  1 
ATOM   493  C CG1 . ILE A 1 60  ? 5.161   -10.063 -2.569  1.00 25.09 ? 386 ILE A CG1 1 
ATOM   494  C CG2 . ILE A 1 60  ? 3.418   -11.844 -2.910  1.00 28.16 ? 386 ILE A CG2 1 
ATOM   495  C CD1 . ILE A 1 60  ? 5.183   -9.216  -3.818  1.00 25.42 ? 386 ILE A CD1 1 
ATOM   496  N N   . VAL A 1 61  ? 4.801   -14.662 -1.314  1.00 30.19 ? 387 VAL A N   1 
ATOM   497  C CA  . VAL A 1 61  ? 4.596   -16.077 -1.606  1.00 33.42 ? 387 VAL A CA  1 
ATOM   498  C C   . VAL A 1 61  ? 3.443   -16.192 -2.594  1.00 31.82 ? 387 VAL A C   1 
ATOM   499  O O   . VAL A 1 61  ? 2.323   -15.753 -2.312  1.00 27.32 ? 387 VAL A O   1 
ATOM   500  C CB  . VAL A 1 61  ? 4.320   -16.872 -0.324  1.00 43.01 ? 387 VAL A CB  1 
ATOM   501  C CG1 . VAL A 1 61  ? 4.176   -18.353 -0.637  1.00 34.02 ? 387 VAL A CG1 1 
ATOM   502  C CG2 . VAL A 1 61  ? 5.437   -16.638 0.685   1.00 28.38 ? 387 VAL A CG2 1 
ATOM   503  N N   . LEU A 1 62  ? 3.712   -16.782 -3.754  1.00 34.31 ? 388 LEU A N   1 
ATOM   504  C CA  . LEU A 1 62  ? 2.810   -16.699 -4.891  1.00 34.63 ? 388 LEU A CA  1 
ATOM   505  C C   . LEU A 1 62  ? 2.001   -17.979 -5.069  1.00 39.35 ? 388 LEU A C   1 
ATOM   506  O O   . LEU A 1 62  ? 2.435   -19.073 -4.702  1.00 29.23 ? 388 LEU A O   1 
ATOM   507  C CB  . LEU A 1 62  ? 3.591   -16.396 -6.170  1.00 38.24 ? 388 LEU A CB  1 
ATOM   508  C CG  . LEU A 1 62  ? 4.335   -15.059 -6.159  1.00 33.94 ? 388 LEU A CG  1 
ATOM   509  C CD1 . LEU A 1 62  ? 5.213   -14.918 -7.393  1.00 32.85 ? 388 LEU A CD1 1 
ATOM   510  C CD2 . LEU A 1 62  ? 3.350   -13.904 -6.056  1.00 30.64 ? 388 LEU A CD2 1 
ATOM   511  N N   . SER A 1 63  ? 0.812   -17.817 -5.648  1.00 32.07 ? 389 SER A N   1 
ATOM   512  C CA  . SER A 1 63  ? -0.088  -18.920 -5.955  1.00 47.89 ? 389 SER A CA  1 
ATOM   513  C C   . SER A 1 63  ? -0.253  -19.124 -7.455  1.00 46.42 ? 389 SER A C   1 
ATOM   514  O O   . SER A 1 63  ? -1.130  -19.883 -7.877  1.00 56.16 ? 389 SER A O   1 
ATOM   515  C CB  . SER A 1 63  ? -1.454  -18.677 -5.309  1.00 46.56 ? 389 SER A CB  1 
ATOM   516  O OG  . SER A 1 63  ? -1.794  -17.300 -5.351  1.00 68.11 ? 389 SER A OG  1 
ATOM   517  N N   . ASN A 1 64  ? 0.573   -18.466 -8.267  1.00 47.00 ? 390 ASN A N   1 
ATOM   518  C CA  . ASN A 1 64  ? 0.420   -18.439 -9.717  1.00 41.66 ? 390 ASN A CA  1 
ATOM   519  C C   . ASN A 1 64  ? 1.179   -19.596 -10.353 1.00 38.16 ? 390 ASN A C   1 
ATOM   520  O O   . ASN A 1 64  ? 2.367   -19.784 -10.062 1.00 47.29 ? 390 ASN A O   1 
ATOM   521  C CB  . ASN A 1 64  ? 0.928   -17.121 -10.284 1.00 46.84 ? 390 ASN A CB  1 
ATOM   522  C CG  . ASN A 1 64  ? 0.322   -16.792 -11.632 1.00 43.45 ? 390 ASN A CG  1 
ATOM   523  O OD1 . ASN A 1 64  ? 0.312   -17.621 -12.542 1.00 52.08 ? 390 ASN A OD1 1 
ATOM   524  N ND2 . ASN A 1 64  ? -0.190  -15.575 -11.767 1.00 42.99 ? 390 ASN A ND2 1 
ATOM   525  N N   . PRO A 1 65  ? 0.536   -20.388 -11.215 1.00 46.53 ? 391 PRO A N   1 
ATOM   526  C CA  . PRO A 1 65  ? 1.276   -21.429 -11.944 1.00 42.50 ? 391 PRO A CA  1 
ATOM   527  C C   . PRO A 1 65  ? 2.256   -20.873 -12.965 1.00 36.08 ? 391 PRO A C   1 
ATOM   528  O O   . PRO A 1 65  ? 3.171   -21.598 -13.373 1.00 37.39 ? 391 PRO A O   1 
ATOM   529  C CB  . PRO A 1 65  ? 0.165   -22.241 -12.625 1.00 44.68 ? 391 PRO A CB  1 
ATOM   530  C CG  . PRO A 1 65  ? -0.996  -21.304 -12.701 1.00 45.21 ? 391 PRO A CG  1 
ATOM   531  C CD  . PRO A 1 65  ? -0.910  -20.439 -11.484 1.00 43.31 ? 391 PRO A CD  1 
ATOM   532  N N   . LEU A 1 66  ? 2.095   -19.620 -13.391 1.00 41.48 ? 392 LEU A N   1 
ATOM   533  C CA  . LEU A 1 66  ? 3.022   -19.015 -14.340 1.00 39.93 ? 392 LEU A CA  1 
ATOM   534  C C   . LEU A 1 66  ? 4.266   -18.444 -13.674 1.00 43.70 ? 392 LEU A C   1 
ATOM   535  O O   . LEU A 1 66  ? 5.191   -18.031 -14.381 1.00 33.21 ? 392 LEU A O   1 
ATOM   536  C CB  . LEU A 1 66  ? 2.324   -17.907 -15.133 1.00 35.44 ? 392 LEU A CB  1 
ATOM   537  C CG  . LEU A 1 66  ? 1.105   -18.286 -15.974 1.00 43.47 ? 392 LEU A CG  1 
ATOM   538  C CD1 . LEU A 1 66  ? 0.589   -17.065 -16.718 1.00 33.49 ? 392 LEU A CD1 1 
ATOM   539  C CD2 . LEU A 1 66  ? 1.442   -19.405 -16.946 1.00 34.90 ? 392 LEU A CD2 1 
ATOM   540  N N   . THR A 1 67  ? 4.313   -18.407 -12.346 1.00 41.62 ? 393 THR A N   1 
ATOM   541  C CA  . THR A 1 67  ? 5.431   -17.838 -11.611 1.00 34.58 ? 393 THR A CA  1 
ATOM   542  C C   . THR A 1 67  ? 6.049   -18.891 -10.702 1.00 39.34 ? 393 THR A C   1 
ATOM   543  O O   . THR A 1 67  ? 5.541   -20.007 -10.561 1.00 43.58 ? 393 THR A O   1 
ATOM   544  C CB  . THR A 1 67  ? 4.990   -16.629 -10.777 1.00 36.97 ? 393 THR A CB  1 
ATOM   545  O OG1 . THR A 1 67  ? 4.233   -17.081 -9.647  1.00 40.18 ? 393 THR A OG1 1 
ATOM   546  C CG2 . THR A 1 67  ? 4.134   -15.686 -11.607 1.00 38.07 ? 393 THR A CG2 1 
ATOM   547  N N   . GLY A 1 68  ? 7.166   -18.517 -10.081 1.00 35.33 ? 394 GLY A N   1 
ATOM   548  C CA  . GLY A 1 68  ? 7.794   -19.352 -9.084  1.00 31.20 ? 394 GLY A CA  1 
ATOM   549  C C   . GLY A 1 68  ? 7.062   -19.296 -7.757  1.00 40.12 ? 394 GLY A C   1 
ATOM   550  O O   . GLY A 1 68  ? 6.010   -18.676 -7.610  1.00 34.81 ? 394 GLY A O   1 
ATOM   551  N N   . LYS A 1 69  ? 7.647   -19.967 -6.764  1.00 34.35 ? 395 LYS A N   1 
ATOM   552  C CA  . LYS A 1 69  ? 7.022   -20.015 -5.447  1.00 40.76 ? 395 LYS A CA  1 
ATOM   553  C C   . LYS A 1 69  ? 7.101   -18.673 -4.731  1.00 42.64 ? 395 LYS A C   1 
ATOM   554  O O   . LYS A 1 69  ? 6.214   -18.347 -3.933  1.00 40.88 ? 395 LYS A O   1 
ATOM   555  C CB  . LYS A 1 69  ? 7.675   -21.103 -4.594  1.00 40.09 ? 395 LYS A CB  1 
ATOM   556  C CG  . LYS A 1 69  ? 7.261   -22.515 -4.963  1.00 47.66 ? 395 LYS A CG  1 
ATOM   557  C CD  . LYS A 1 69  ? 7.936   -23.530 -4.057  1.00 59.32 ? 395 LYS A CD  1 
ATOM   558  C CE  . LYS A 1 69  ? 7.331   -24.913 -4.224  1.00 66.69 ? 395 LYS A CE  1 
ATOM   559  N NZ  . LYS A 1 69  ? 8.093   -25.938 -3.458  1.00 67.33 ? 395 LYS A NZ  1 
ATOM   560  N N   . TYR A 1 70  ? 8.143   -17.888 -4.996  1.00 33.49 ? 396 TYR A N   1 
ATOM   561  C CA  . TYR A 1 70  ? 8.354   -16.625 -4.308  1.00 36.64 ? 396 TYR A CA  1 
ATOM   562  C C   . TYR A 1 70  ? 8.863   -15.584 -5.292  1.00 32.70 ? 396 TYR A C   1 
ATOM   563  O O   . TYR A 1 70  ? 9.440   -15.918 -6.331  1.00 27.06 ? 396 TYR A O   1 
ATOM   564  C CB  . TYR A 1 70  ? 9.361   -16.765 -3.158  1.00 34.50 ? 396 TYR A CB  1 
ATOM   565  C CG  . TYR A 1 70  ? 9.244   -18.056 -2.382  1.00 38.80 ? 396 TYR A CG  1 
ATOM   566  C CD1 . TYR A 1 70  ? 8.304   -18.199 -1.372  1.00 42.79 ? 396 TYR A CD1 1 
ATOM   567  C CD2 . TYR A 1 70  ? 10.072  -19.134 -2.664  1.00 44.84 ? 396 TYR A CD2 1 
ATOM   568  C CE1 . TYR A 1 70  ? 8.193   -19.379 -0.661  1.00 44.72 ? 396 TYR A CE1 1 
ATOM   569  C CE2 . TYR A 1 70  ? 9.968   -20.319 -1.959  1.00 38.57 ? 396 TYR A CE2 1 
ATOM   570  C CZ  . TYR A 1 70  ? 9.027   -20.434 -0.958  1.00 38.51 ? 396 TYR A CZ  1 
ATOM   571  O OH  . TYR A 1 70  ? 8.918   -21.609 -0.253  1.00 39.41 ? 396 TYR A OH  1 
ATOM   572  N N   . THR A 1 71  ? 8.649   -14.315 -4.951  1.00 28.75 ? 397 THR A N   1 
ATOM   573  C CA  . THR A 1 71  ? 9.279   -13.216 -5.666  1.00 25.12 ? 397 THR A CA  1 
ATOM   574  C C   . THR A 1 71  ? 9.736   -12.169 -4.665  1.00 34.23 ? 397 THR A C   1 
ATOM   575  O O   . THR A 1 71  ? 9.000   -11.826 -3.733  1.00 27.21 ? 397 THR A O   1 
ATOM   576  C CB  . THR A 1 71  ? 8.341   -12.580 -6.704  1.00 32.79 ? 397 THR A CB  1 
ATOM   577  O OG1 . THR A 1 71  ? 9.006   -11.476 -7.332  1.00 27.19 ? 397 THR A OG1 1 
ATOM   578  C CG2 . THR A 1 71  ? 7.053   -12.086 -6.060  1.00 27.82 ? 397 THR A CG2 1 
ATOM   579  N N   . ALA A 1 72  ? 10.962  -11.694 -4.842  1.00 25.03 ? 398 ALA A N   1 
ATOM   580  C CA  . ALA A 1 72  ? 11.414  -10.519 -4.120  1.00 24.99 ? 398 ALA A CA  1 
ATOM   581  C C   . ALA A 1 72  ? 10.640  -9.297  -4.598  1.00 31.77 ? 398 ALA A C   1 
ATOM   582  O O   . ALA A 1 72  ? 10.164  -9.243  -5.736  1.00 24.35 ? 398 ALA A O   1 
ATOM   583  C CB  . ALA A 1 72  ? 12.913  -10.310 -4.328  1.00 29.19 ? 398 ALA A CB  1 
ATOM   584  N N   . ALA A 1 73  ? 10.505  -8.314  -3.715  1.00 23.55 ? 399 ALA A N   1 
ATOM   585  C CA  . ALA A 1 73  ? 9.824   -7.080  -4.067  1.00 27.88 ? 399 ALA A CA  1 
ATOM   586  C C   . ALA A 1 73  ? 10.509  -5.909  -3.382  1.00 21.51 ? 399 ALA A C   1 
ATOM   587  O O   . ALA A 1 73  ? 11.118  -6.058  -2.320  1.00 23.99 ? 399 ALA A O   1 
ATOM   588  C CB  . ALA A 1 73  ? 8.339   -7.119  -3.686  1.00 25.07 ? 399 ALA A CB  1 
ATOM   589  N N   . THR A 1 74  ? 10.411  -4.744  -4.013  1.00 23.37 ? 400 THR A N   1 
ATOM   590  C CA  . THR A 1 74  ? 10.942  -3.503  -3.468  1.00 26.43 ? 400 THR A CA  1 
ATOM   591  C C   . THR A 1 74  ? 9.866   -2.436  -3.574  1.00 23.78 ? 400 THR A C   1 
ATOM   592  O O   . THR A 1 74  ? 9.259   -2.266  -4.636  1.00 27.01 ? 400 THR A O   1 
ATOM   593  C CB  . THR A 1 74  ? 12.212  -3.061  -4.207  1.00 25.44 ? 400 THR A CB  1 
ATOM   594  O OG1 . THR A 1 74  ? 13.233  -4.051  -4.038  1.00 27.37 ? 400 THR A OG1 1 
ATOM   595  C CG2 . THR A 1 74  ? 12.712  -1.732  -3.659  1.00 26.58 ? 400 THR A CG2 1 
ATOM   596  N N   . GLU A 1 75  ? 9.625   -1.729  -2.475  1.00 17.75 ? 401 GLU A N   1 
ATOM   597  C CA  . GLU A 1 75  ? 8.630   -0.667  -2.422  1.00 22.52 ? 401 GLU A CA  1 
ATOM   598  C C   . GLU A 1 75  ? 9.309   0.638   -2.041  1.00 27.90 ? 401 GLU A C   1 
ATOM   599  O O   . GLU A 1 75  ? 10.039  0.693   -1.046  1.00 25.04 ? 401 GLU A O   1 
ATOM   600  C CB  . GLU A 1 75  ? 7.521   -0.998  -1.420  1.00 20.77 ? 401 GLU A CB  1 
ATOM   601  C CG  . GLU A 1 75  ? 6.441   0.064   -1.326  1.00 26.94 ? 401 GLU A CG  1 
ATOM   602  C CD  . GLU A 1 75  ? 5.174   -0.456  -0.678  1.00 39.61 ? 401 GLU A CD  1 
ATOM   603  O OE1 . GLU A 1 75  ? 5.125   -1.660  -0.346  1.00 30.40 ? 401 GLU A OE1 1 
ATOM   604  O OE2 . GLU A 1 75  ? 4.227   0.338   -0.504  1.00 35.33 ? 401 GLU A OE2 1 
ATOM   605  N N   . LYS A 1 76  ? 9.069   1.680   -2.829  1.00 25.49 ? 402 LYS A N   1 
ATOM   606  C CA  . LYS A 1 76  ? 9.535   3.025   -2.523  1.00 24.37 ? 402 LYS A CA  1 
ATOM   607  C C   . LYS A 1 76  ? 8.321   3.900   -2.247  1.00 27.37 ? 402 LYS A C   1 
ATOM   608  O O   . LYS A 1 76  ? 7.459   4.061   -3.117  1.00 29.55 ? 402 LYS A O   1 
ATOM   609  C CB  . LYS A 1 76  ? 10.367  3.605   -3.667  1.00 29.96 ? 402 LYS A CB  1 
ATOM   610  C CG  . LYS A 1 76  ? 11.162  4.842   -3.268  1.00 35.20 ? 402 LYS A CG  1 
ATOM   611  C CD  . LYS A 1 76  ? 11.785  5.529   -4.473  1.00 39.47 ? 402 LYS A CD  1 
ATOM   612  C CE  . LYS A 1 76  ? 10.728  6.200   -5.334  1.00 42.76 ? 402 LYS A CE  1 
ATOM   613  N NZ  . LYS A 1 76  ? 11.142  7.562   -5.773  1.00 43.24 ? 402 LYS A NZ  1 
ATOM   614  N N   . GLN A 1 77  ? 8.252   4.451   -1.041  1.00 23.50 ? 403 GLN A N   1 
ATOM   615  C CA  . GLN A 1 77  ? 7.134   5.276   -0.612  1.00 30.38 ? 403 GLN A CA  1 
ATOM   616  C C   . GLN A 1 77  ? 7.587   6.725   -0.509  1.00 30.02 ? 403 GLN A C   1 
ATOM   617  O O   . GLN A 1 77  ? 8.594   7.020   0.144   1.00 31.38 ? 403 GLN A O   1 
ATOM   618  C CB  . GLN A 1 77  ? 6.581   4.787   0.728   1.00 30.72 ? 403 GLN A CB  1 
ATOM   619  C CG  . GLN A 1 77  ? 6.080   3.350   0.695   1.00 30.55 ? 403 GLN A CG  1 
ATOM   620  C CD  . GLN A 1 77  ? 5.586   2.871   2.045   1.00 29.04 ? 403 GLN A CD  1 
ATOM   621  O OE1 . GLN A 1 77  ? 6.049   3.331   3.090   1.00 26.12 ? 403 GLN A OE1 1 
ATOM   622  N NE2 . GLN A 1 77  ? 4.638   1.940   2.031   1.00 21.71 ? 403 GLN A NE2 1 
ATOM   623  N N   . THR A 1 78  ? 6.844   7.622   -1.155  1.00 31.90 ? 404 THR A N   1 
ATOM   624  C CA  . THR A 1 78  ? 7.163   9.047   -1.190  1.00 31.39 ? 404 THR A CA  1 
ATOM   625  C C   . THR A 1 78  ? 6.033   9.815   -0.519  1.00 38.24 ? 404 THR A C   1 
ATOM   626  O O   . THR A 1 78  ? 4.911   9.858   -1.036  1.00 33.91 ? 404 THR A O   1 
ATOM   627  C CB  . THR A 1 78  ? 7.369   9.529   -2.626  1.00 36.96 ? 404 THR A CB  1 
ATOM   628  O OG1 . THR A 1 78  ? 8.439   8.795   -3.232  1.00 35.92 ? 404 THR A OG1 1 
ATOM   629  C CG2 . THR A 1 78  ? 7.699   11.015  -2.650  1.00 40.85 ? 404 THR A CG2 1 
ATOM   630  N N   . LEU A 1 79  ? 6.329   10.418  0.631   1.00 36.47 ? 405 LEU A N   1 
ATOM   631  C CA  . LEU A 1 79  ? 5.390   11.302  1.313   1.00 37.29 ? 405 LEU A CA  1 
ATOM   632  C C   . LEU A 1 79  ? 5.648   12.723  0.824   1.00 41.99 ? 405 LEU A C   1 
ATOM   633  O O   . LEU A 1 79  ? 6.713   13.292  1.084   1.00 37.26 ? 405 LEU A O   1 
ATOM   634  C CB  . LEU A 1 79  ? 5.546   11.199  2.828   1.00 34.24 ? 405 LEU A CB  1 
ATOM   635  C CG  . LEU A 1 79  ? 4.645   12.118  3.655   1.00 37.43 ? 405 LEU A CG  1 
ATOM   636  C CD1 . LEU A 1 79  ? 3.187   11.728  3.482   1.00 38.48 ? 405 LEU A CD1 1 
ATOM   637  C CD2 . LEU A 1 79  ? 5.040   12.087  5.122   1.00 28.91 ? 405 LEU A CD2 1 
ATOM   638  N N   . TYR A 1 80  ? 4.678   13.292  0.117   1.00 37.31 ? 406 TYR A N   1 
ATOM   639  C CA  . TYR A 1 80  ? 4.890   14.571  -0.543  1.00 50.23 ? 406 TYR A CA  1 
ATOM   640  C C   . TYR A 1 80  ? 4.965   15.705  0.472   1.00 54.34 ? 406 TYR A C   1 
ATOM   641  O O   . TYR A 1 80  ? 4.383   15.644  1.558   1.00 46.67 ? 406 TYR A O   1 
ATOM   642  C CB  . TYR A 1 80  ? 3.780   14.834  -1.561  1.00 52.04 ? 406 TYR A CB  1 
ATOM   643  C CG  . TYR A 1 80  ? 3.878   13.950  -2.784  1.00 50.44 ? 406 TYR A CG  1 
ATOM   644  C CD1 . TYR A 1 80  ? 4.644   14.330  -3.878  1.00 44.40 ? 406 TYR A CD1 1 
ATOM   645  C CD2 . TYR A 1 80  ? 3.216   12.732  -2.840  1.00 46.85 ? 406 TYR A CD2 1 
ATOM   646  C CE1 . TYR A 1 80  ? 4.742   13.523  -4.997  1.00 60.02 ? 406 TYR A CE1 1 
ATOM   647  C CE2 . TYR A 1 80  ? 3.306   11.920  -3.953  1.00 50.87 ? 406 TYR A CE2 1 
ATOM   648  C CZ  . TYR A 1 80  ? 4.071   12.319  -5.028  1.00 53.15 ? 406 TYR A CZ  1 
ATOM   649  O OH  . TYR A 1 80  ? 4.165   11.512  -6.139  1.00 51.43 ? 406 TYR A OH  1 
ATOM   650  N N   . LYS A 1 81  ? 5.701   16.753  0.095   1.00 57.82 ? 407 LYS A N   1 
ATOM   651  C CA  . LYS A 1 81  ? 5.922   17.885  0.989   1.00 54.81 ? 407 LYS A CA  1 
ATOM   652  C C   . LYS A 1 81  ? 4.618   18.555  1.398   1.00 61.28 ? 407 LYS A C   1 
ATOM   653  O O   . LYS A 1 81  ? 4.557   19.207  2.446   1.00 62.99 ? 407 LYS A O   1 
ATOM   654  C CB  . LYS A 1 81  ? 6.847   18.893  0.312   1.00 58.95 ? 407 LYS A CB  1 
ATOM   655  C CG  . LYS A 1 81  ? 6.352   19.337  -1.050  1.00 62.02 ? 407 LYS A CG  1 
ATOM   656  C CD  . LYS A 1 81  ? 7.437   20.033  -1.839  1.00 62.30 ? 407 LYS A CD  1 
ATOM   657  C CE  . LYS A 1 81  ? 8.688   19.178  -1.940  1.00 68.71 ? 407 LYS A CE  1 
ATOM   658  N NZ  . LYS A 1 81  ? 9.374   19.383  -3.245  1.00 69.47 ? 407 LYS A NZ  1 
ATOM   659  N N   . GLU A 1 82  ? 3.566   18.403  0.594   1.00 56.93 ? 408 GLU A N   1 
ATOM   660  C CA  . GLU A 1 82  ? 2.290   19.057  0.862   1.00 53.42 ? 408 GLU A CA  1 
ATOM   661  C C   . GLU A 1 82  ? 1.582   18.503  2.090   1.00 58.56 ? 408 GLU A C   1 
ATOM   662  O O   . GLU A 1 82  ? 0.575   19.079  2.513   1.00 62.03 ? 408 GLU A O   1 
ATOM   663  C CB  . GLU A 1 82  ? 1.364   18.932  -0.355  1.00 61.57 ? 408 GLU A CB  1 
ATOM   664  C CG  . GLU A 1 82  ? 1.725   19.812  -1.550  1.00 68.64 ? 408 GLU A CG  1 
ATOM   665  C CD  . GLU A 1 82  ? 3.098   19.516  -2.121  1.00 74.63 ? 408 GLU A CD  1 
ATOM   666  O OE1 . GLU A 1 82  ? 3.793   20.473  -2.526  1.00 83.10 ? 408 GLU A OE1 1 
ATOM   667  O OE2 . GLU A 1 82  ? 3.488   18.330  -2.156  1.00 67.47 ? 408 GLU A OE2 1 
ATOM   668  N N   . SER A 1 83  ? 2.076   17.412  2.668   1.00 48.22 ? 409 SER A N   1 
ATOM   669  C CA  . SER A 1 83  ? 1.395   16.783  3.789   1.00 52.14 ? 409 SER A CA  1 
ATOM   670  C C   . SER A 1 83  ? 1.528   17.622  5.055   1.00 47.32 ? 409 SER A C   1 
ATOM   671  O O   . SER A 1 83  ? 2.540   18.288  5.288   1.00 47.96 ? 409 SER A O   1 
ATOM   672  C CB  . SER A 1 83  ? 1.954   15.381  4.030   1.00 41.30 ? 409 SER A CB  1 
ATOM   673  O OG  . SER A 1 83  ? 1.772   14.562  2.889   1.00 41.73 ? 409 SER A OG  1 
ATOM   674  N N   . ARG A 1 84  ? 0.481   17.584  5.877   1.00 41.14 ? 410 ARG A N   1 
ATOM   675  C CA  . ARG A 1 84  ? 0.454   18.262  7.164   1.00 48.14 ? 410 ARG A CA  1 
ATOM   676  C C   . ARG A 1 84  ? 0.116   17.249  8.246   1.00 49.24 ? 410 ARG A C   1 
ATOM   677  O O   . ARG A 1 84  ? -0.730  16.372  8.041   1.00 42.55 ? 410 ARG A O   1 
ATOM   678  C CB  . ARG A 1 84  ? -0.566  19.408  7.178   1.00 45.11 ? 410 ARG A CB  1 
ATOM   679  C CG  . ARG A 1 84  ? -0.492  20.331  5.972   1.00 44.43 ? 410 ARG A CG  1 
ATOM   680  C CD  . ARG A 1 84  ? 0.867   21.005  5.867   1.00 48.55 ? 410 ARG A CD  1 
ATOM   681  N NE  . ARG A 1 84  ? 0.945   21.893  4.711   1.00 62.33 ? 410 ARG A NE  1 
ATOM   682  C CZ  . ARG A 1 84  ? 2.079   22.383  4.221   1.00 61.36 ? 410 ARG A CZ  1 
ATOM   683  N NH1 . ARG A 1 84  ? 3.236   22.069  4.787   1.00 63.15 ? 410 ARG A NH1 1 
ATOM   684  N NH2 . ARG A 1 84  ? 2.056   23.185  3.166   1.00 63.76 ? 410 ARG A NH2 1 
ATOM   685  N N   . GLU A 1 85  ? 0.778   17.376  9.394   1.00 54.07 ? 411 GLU A N   1 
ATOM   686  C CA  . GLU A 1 85  ? 0.596   16.416  10.475  1.00 51.26 ? 411 GLU A CA  1 
ATOM   687  C C   . GLU A 1 85  ? -0.866  16.347  10.902  1.00 52.79 ? 411 GLU A C   1 
ATOM   688  O O   . GLU A 1 85  ? -1.552  17.368  11.013  1.00 54.11 ? 411 GLU A O   1 
ATOM   689  C CB  . GLU A 1 85  ? 1.483   16.788  11.666  1.00 49.32 ? 411 GLU A CB  1 
ATOM   690  C CG  . GLU A 1 85  ? 1.029   18.024  12.425  1.00 67.18 ? 411 GLU A CG  1 
ATOM   691  C CD  . GLU A 1 85  ? 2.093   18.575  13.343  1.00 75.69 ? 411 GLU A CD  1 
ATOM   692  O OE1 . GLU A 1 85  ? 2.211   19.813  13.436  1.00 61.50 ? 411 GLU A OE1 1 
ATOM   693  O OE2 . GLU A 1 85  ? 2.811   17.772  13.972  1.00 78.99 ? 411 GLU A OE2 1 
ATOM   694  N N   . ALA A 1 86  ? -1.353  15.122  11.098  1.00 51.42 ? 412 ALA A N   1 
ATOM   695  C CA  . ALA A 1 86  ? -2.699  14.822  11.585  1.00 42.80 ? 412 ALA A CA  1 
ATOM   696  C C   . ALA A 1 86  ? -3.806  15.439  10.733  1.00 49.75 ? 412 ALA A C   1 
ATOM   697  O O   . ALA A 1 86  ? -4.972  15.434  11.147  1.00 49.80 ? 412 ALA A O   1 
ATOM   698  C CB  . ALA A 1 86  ? -2.873  15.261  13.046  1.00 55.20 ? 412 ALA A CB  1 
ATOM   699  N N   . GLN A 1 87  ? -3.485  15.961  9.552   1.00 47.12 ? 413 GLN A N   1 
ATOM   700  C CA  . GLN A 1 87  ? -4.468  16.636  8.714   1.00 48.53 ? 413 GLN A CA  1 
ATOM   701  C C   . GLN A 1 87  ? -4.537  16.061  7.309   1.00 44.96 ? 413 GLN A C   1 
ATOM   702  O O   . GLN A 1 87  ? -5.631  15.741  6.828   1.00 41.82 ? 413 GLN A O   1 
ATOM   703  C CB  . GLN A 1 87  ? -4.157  18.141  8.651   1.00 49.74 ? 413 GLN A CB  1 
ATOM   704  C CG  . GLN A 1 87  ? -4.705  18.846  7.415   1.00 49.79 ? 413 GLN A CG  1 
ATOM   705  C CD  . GLN A 1 87  ? -6.221  18.862  7.371   1.00 55.18 ? 413 GLN A CD  1 
ATOM   706  O OE1 . GLN A 1 87  ? -6.882  19.096  8.384   1.00 61.52 ? 413 GLN A OE1 1 
ATOM   707  N NE2 . GLN A 1 87  ? -6.782  18.612  6.193   1.00 55.61 ? 413 GLN A NE2 1 
ATOM   708  N N   . PHE A 1 88  ? -3.399  15.917  6.634   1.00 44.77 ? 414 PHE A N   1 
ATOM   709  C CA  . PHE A 1 88  ? -3.383  15.492  5.240   1.00 48.00 ? 414 PHE A CA  1 
ATOM   710  C C   . PHE A 1 88  ? -2.123  14.679  4.991   1.00 40.99 ? 414 PHE A C   1 
ATOM   711  O O   . PHE A 1 88  ? -1.014  15.177  5.206   1.00 37.16 ? 414 PHE A O   1 
ATOM   712  C CB  . PHE A 1 88  ? -3.443  16.703  4.304   1.00 48.64 ? 414 PHE A CB  1 
ATOM   713  C CG  . PHE A 1 88  ? -3.317  16.357  2.847   1.00 49.45 ? 414 PHE A CG  1 
ATOM   714  C CD1 . PHE A 1 88  ? -2.118  16.537  2.179   1.00 47.85 ? 414 PHE A CD1 1 
ATOM   715  C CD2 . PHE A 1 88  ? -4.400  15.859  2.146   1.00 51.43 ? 414 PHE A CD2 1 
ATOM   716  C CE1 . PHE A 1 88  ? -2.002  16.222  0.838   1.00 61.75 ? 414 PHE A CE1 1 
ATOM   717  C CE2 . PHE A 1 88  ? -4.291  15.541  0.804   1.00 50.19 ? 414 PHE A CE2 1 
ATOM   718  C CZ  . PHE A 1 88  ? -3.090  15.723  0.150   1.00 47.02 ? 414 PHE A CZ  1 
ATOM   719  N N   . TYR A 1 89  ? -2.293  13.435  4.550   1.00 36.69 ? 415 TYR A N   1 
ATOM   720  C CA  . TYR A 1 89  ? -1.181  12.567  4.188   1.00 37.64 ? 415 TYR A CA  1 
ATOM   721  C C   . TYR A 1 89  ? -1.391  12.071  2.766   1.00 43.37 ? 415 TYR A C   1 
ATOM   722  O O   . TYR A 1 89  ? -2.445  11.507  2.454   1.00 37.61 ? 415 TYR A O   1 
ATOM   723  C CB  . TYR A 1 89  ? -1.057  11.377  5.147   1.00 37.51 ? 415 TYR A CB  1 
ATOM   724  C CG  . TYR A 1 89  ? -0.774  11.755  6.584   1.00 33.09 ? 415 TYR A CG  1 
ATOM   725  C CD1 . TYR A 1 89  ? -1.804  11.881  7.505   1.00 40.64 ? 415 TYR A CD1 1 
ATOM   726  C CD2 . TYR A 1 89  ? 0.526   11.978  7.021   1.00 37.75 ? 415 TYR A CD2 1 
ATOM   727  C CE1 . TYR A 1 89  ? -1.549  12.223  8.821   1.00 37.45 ? 415 TYR A CE1 1 
ATOM   728  C CE2 . TYR A 1 89  ? 0.792   12.319  8.335   1.00 40.94 ? 415 TYR A CE2 1 
ATOM   729  C CZ  . TYR A 1 89  ? -0.251  12.440  9.230   1.00 37.87 ? 415 TYR A CZ  1 
ATOM   730  O OH  . TYR A 1 89  ? 0.006   12.781  10.538  1.00 40.30 ? 415 TYR A OH  1 
ATOM   731  N N   . LEU A 1 90  ? -0.393  12.280  1.910   1.00 38.79 ? 416 LEU A N   1 
ATOM   732  C CA  . LEU A 1 90  ? -0.440  11.828  0.521   1.00 39.54 ? 416 LEU A CA  1 
ATOM   733  C C   . LEU A 1 90  ? 0.842   11.064  0.224   1.00 36.72 ? 416 LEU A C   1 
ATOM   734  O O   . LEU A 1 90  ? 1.920   11.661  0.141   1.00 36.83 ? 416 LEU A O   1 
ATOM   735  C CB  . LEU A 1 90  ? -0.613  13.005  -0.441  1.00 43.50 ? 416 LEU A CB  1 
ATOM   736  C CG  . LEU A 1 90  ? -0.701  12.649  -1.929  1.00 43.40 ? 416 LEU A CG  1 
ATOM   737  C CD1 . LEU A 1 90  ? -1.720  11.544  -2.157  1.00 46.45 ? 416 LEU A CD1 1 
ATOM   738  C CD2 . LEU A 1 90  ? -1.043  13.874  -2.763  1.00 51.36 ? 416 LEU A CD2 1 
ATOM   739  N N   . VAL A 1 91  ? 0.727   9.747   0.064   1.00 38.88 ? 417 VAL A N   1 
ATOM   740  C CA  . VAL A 1 91  ? 1.869   8.869   -0.152  1.00 32.65 ? 417 VAL A CA  1 
ATOM   741  C C   . VAL A 1 91  ? 1.751   8.249   -1.536  1.00 35.87 ? 417 VAL A C   1 
ATOM   742  O O   . VAL A 1 91  ? 0.675   7.772   -1.918  1.00 38.78 ? 417 VAL A O   1 
ATOM   743  C CB  . VAL A 1 91  ? 1.953   7.772   0.926   1.00 36.92 ? 417 VAL A CB  1 
ATOM   744  C CG1 . VAL A 1 91  ? 3.054   6.775   0.590   1.00 35.57 ? 417 VAL A CG1 1 
ATOM   745  C CG2 . VAL A 1 91  ? 2.185   8.388   2.296   1.00 32.85 ? 417 VAL A CG2 1 
ATOM   746  N N   . ASP A 1 92  ? 2.852   8.256   -2.281  1.00 44.33 ? 418 ASP A N   1 
ATOM   747  C CA  . ASP A 1 92  ? 2.956   7.542   -3.546  1.00 36.73 ? 418 ASP A CA  1 
ATOM   748  C C   . ASP A 1 92  ? 3.851   6.329   -3.333  1.00 34.06 ? 418 ASP A C   1 
ATOM   749  O O   . ASP A 1 92  ? 5.016   6.474   -2.948  1.00 38.32 ? 418 ASP A O   1 
ATOM   750  C CB  . ASP A 1 92  ? 3.510   8.441   -4.650  1.00 39.05 ? 418 ASP A CB  1 
ATOM   751  C CG  . ASP A 1 92  ? 2.429   8.938   -5.588  1.00 45.51 ? 418 ASP A CG  1 
ATOM   752  O OD1 . ASP A 1 92  ? 1.262   8.528   -5.415  1.00 42.43 ? 418 ASP A OD1 1 
ATOM   753  O OD2 . ASP A 1 92  ? 2.744   9.731   -6.500  1.00 53.67 ? 418 ASP A OD2 1 
ATOM   754  N N   . SER A 1 93  ? 3.303   5.141   -3.574  1.00 29.94 ? 419 SER A N   1 
ATOM   755  C CA  . SER A 1 93  ? 3.999   3.882   -3.332  1.00 29.93 ? 419 SER A CA  1 
ATOM   756  C C   . SER A 1 93  ? 4.185   3.158   -4.659  1.00 34.06 ? 419 SER A C   1 
ATOM   757  O O   . SER A 1 93  ? 3.207   2.746   -5.290  1.00 36.95 ? 419 SER A O   1 
ATOM   758  C CB  . SER A 1 93  ? 3.227   3.014   -2.338  1.00 38.37 ? 419 SER A CB  1 
ATOM   759  O OG  . SER A 1 93  ? 3.638   1.661   -2.416  1.00 41.38 ? 419 SER A OG  1 
ATOM   760  N N   . GLU A 1 94  ? 5.437   3.006   -5.077  1.00 34.14 ? 420 GLU A N   1 
ATOM   761  C CA  . GLU A 1 94  ? 5.789   2.273   -6.286  1.00 35.50 ? 420 GLU A CA  1 
ATOM   762  C C   . GLU A 1 94  ? 6.394   0.931   -5.895  1.00 29.52 ? 420 GLU A C   1 
ATOM   763  O O   . GLU A 1 94  ? 7.342   0.878   -5.104  1.00 29.64 ? 420 GLU A O   1 
ATOM   764  C CB  . GLU A 1 94  ? 6.768   3.074   -7.151  1.00 34.77 ? 420 GLU A CB  1 
ATOM   765  C CG  . GLU A 1 94  ? 6.196   4.394   -7.644  1.00 49.51 ? 420 GLU A CG  1 
ATOM   766  C CD  . GLU A 1 94  ? 7.188   5.535   -7.548  1.00 67.21 ? 420 GLU A CD  1 
ATOM   767  O OE1 . GLU A 1 94  ? 8.355   5.279   -7.183  1.00 64.99 ? 420 GLU A OE1 1 
ATOM   768  O OE2 . GLU A 1 94  ? 6.799   6.689   -7.826  1.00 64.96 ? 420 GLU A OE2 1 
ATOM   769  N N   . VAL A 1 95  ? 5.848   -0.146  -6.453  1.00 23.71 ? 421 VAL A N   1 
ATOM   770  C CA  . VAL A 1 95  ? 6.211   -1.507  -6.078  1.00 26.59 ? 421 VAL A CA  1 
ATOM   771  C C   . VAL A 1 95  ? 6.837   -2.198  -7.280  1.00 29.02 ? 421 VAL A C   1 
ATOM   772  O O   . VAL A 1 95  ? 6.265   -2.191  -8.377  1.00 24.56 ? 421 VAL A O   1 
ATOM   773  C CB  . VAL A 1 95  ? 4.992   -2.298  -5.569  1.00 30.63 ? 421 VAL A CB  1 
ATOM   774  C CG1 . VAL A 1 95  ? 5.385   -3.730  -5.249  1.00 24.78 ? 421 VAL A CG1 1 
ATOM   775  C CG2 . VAL A 1 95  ? 4.395   -1.615  -4.349  1.00 28.27 ? 421 VAL A CG2 1 
ATOM   776  N N   . LEU A 1 96  ? 8.006   -2.795  -7.070  1.00 22.38 ? 422 LEU A N   1 
ATOM   777  C CA  . LEU A 1 96  ? 8.727   -3.533  -8.095  1.00 22.76 ? 422 LEU A CA  1 
ATOM   778  C C   . LEU A 1 96  ? 8.787   -5.002  -7.705  1.00 26.01 ? 422 LEU A C   1 
ATOM   779  O O   . LEU A 1 96  ? 9.139   -5.327  -6.566  1.00 30.26 ? 422 LEU A O   1 
ATOM   780  C CB  . LEU A 1 96  ? 10.147  -2.991  -8.265  1.00 33.32 ? 422 LEU A CB  1 
ATOM   781  C CG  . LEU A 1 96  ? 10.463  -1.971  -9.357  1.00 41.46 ? 422 LEU A CG  1 
ATOM   782  C CD1 . LEU A 1 96  ? 9.623   -0.718  -9.199  1.00 33.61 ? 422 LEU A CD1 1 
ATOM   783  C CD2 . LEU A 1 96  ? 11.945  -1.637  -9.311  1.00 42.56 ? 422 LEU A CD2 1 
ATOM   784  N N   . THR A 1 97  ? 8.449   -5.881  -8.640  1.00 20.93 ? 423 THR A N   1 
ATOM   785  C CA  . THR A 1 97  ? 8.699   -7.305  -8.484  1.00 32.61 ? 423 THR A CA  1 
ATOM   786  C C   . THR A 1 97  ? 9.987   -7.669  -9.214  1.00 33.08 ? 423 THR A C   1 
ATOM   787  O O   . THR A 1 97  ? 10.363  -7.031  -10.202 1.00 29.42 ? 423 THR A O   1 
ATOM   788  C CB  . THR A 1 97  ? 7.536   -8.143  -9.019  1.00 31.76 ? 423 THR A CB  1 
ATOM   789  O OG1 . THR A 1 97  ? 7.307   -7.828  -10.398 1.00 36.17 ? 423 THR A OG1 1 
ATOM   790  C CG2 . THR A 1 97  ? 6.269   -7.868  -8.221  1.00 24.73 ? 423 THR A CG2 1 
ATOM   791  N N   . HIS A 1 98  ? 10.668  -8.699  -8.714  1.00 27.84 ? 424 HIS A N   1 
ATOM   792  C CA  . HIS A 1 98  ? 11.989  -9.045  -9.216  1.00 28.68 ? 424 HIS A CA  1 
ATOM   793  C C   . HIS A 1 98  ? 12.111  -10.462 -9.759  1.00 36.91 ? 424 HIS A C   1 
ATOM   794  O O   . HIS A 1 98  ? 13.115  -10.764 -10.413 1.00 36.20 ? 424 HIS A O   1 
ATOM   795  C CB  . HIS A 1 98  ? 13.044  -8.852  -8.114  1.00 32.99 ? 424 HIS A CB  1 
ATOM   796  C CG  . HIS A 1 98  ? 13.131  -7.448  -7.602  1.00 34.15 ? 424 HIS A CG  1 
ATOM   797  N ND1 . HIS A 1 98  ? 13.525  -6.389  -8.393  1.00 33.42 ? 424 HIS A ND1 1 
ATOM   798  C CD2 . HIS A 1 98  ? 12.875  -6.927  -6.379  1.00 31.62 ? 424 HIS A CD2 1 
ATOM   799  C CE1 . HIS A 1 98  ? 13.507  -5.278  -7.679  1.00 33.58 ? 424 HIS A CE1 1 
ATOM   800  N NE2 . HIS A 1 98  ? 13.118  -5.577  -6.454  1.00 33.40 ? 424 HIS A NE2 1 
ATOM   801  N N   . ASP A 1 99  ? 11.133  -11.338 -9.520  1.00 27.63 ? 425 ASP A N   1 
ATOM   802  C CA  . ASP A 1 99  ? 11.264  -12.735 -9.917  1.00 32.70 ? 425 ASP A CA  1 
ATOM   803  C C   . ASP A 1 99  ? 10.035  -13.278 -10.636 1.00 39.46 ? 425 ASP A C   1 
ATOM   804  O O   . ASP A 1 99  ? 9.930   -14.497 -10.817 1.00 46.64 ? 425 ASP A O   1 
ATOM   805  C CB  . ASP A 1 99  ? 11.582  -13.606 -8.696  1.00 31.63 ? 425 ASP A CB  1 
ATOM   806  C CG  . ASP A 1 99  ? 12.772  -13.091 -7.910  1.00 38.98 ? 425 ASP A CG  1 
ATOM   807  O OD1 . ASP A 1 99  ? 13.864  -12.956 -8.502  1.00 39.44 ? 425 ASP A OD1 1 
ATOM   808  O OD2 . ASP A 1 99  ? 12.616  -12.813 -6.702  1.00 35.68 ? 425 ASP A OD2 1 
ATOM   809  N N   . VAL A 1 100 ? 9.107   -12.421 -11.050 1.00 33.65 ? 426 VAL A N   1 
ATOM   810  C CA  . VAL A 1 100 ? 7.960   -12.866 -11.838 1.00 33.17 ? 426 VAL A CA  1 
ATOM   811  C C   . VAL A 1 100 ? 8.317   -12.717 -13.313 1.00 35.97 ? 426 VAL A C   1 
ATOM   812  O O   . VAL A 1 100 ? 9.227   -11.945 -13.646 1.00 25.80 ? 426 VAL A O   1 
ATOM   813  C CB  . VAL A 1 100 ? 6.689   -12.078 -11.479 1.00 33.79 ? 426 VAL A CB  1 
ATOM   814  C CG1 . VAL A 1 100 ? 6.414   -12.167 -9.984  1.00 35.44 ? 426 VAL A CG1 1 
ATOM   815  C CG2 . VAL A 1 100 ? 6.813   -10.631 -11.924 1.00 27.19 ? 426 VAL A CG2 1 
ATOM   816  N N   . PRO A 1 101 ? 7.666   -13.444 -14.219 1.00 28.42 ? 427 PRO A N   1 
ATOM   817  C CA  . PRO A 1 101 ? 7.929   -13.235 -15.648 1.00 35.71 ? 427 PRO A CA  1 
ATOM   818  C C   . PRO A 1 101 ? 7.569   -11.817 -16.068 1.00 26.38 ? 427 PRO A C   1 
ATOM   819  O O   . PRO A 1 101 ? 6.583   -11.244 -15.601 1.00 27.04 ? 427 PRO A O   1 
ATOM   820  C CB  . PRO A 1 101 ? 7.034   -14.275 -16.330 1.00 26.23 ? 427 PRO A CB  1 
ATOM   821  C CG  . PRO A 1 101 ? 6.841   -15.332 -15.299 1.00 31.21 ? 427 PRO A CG  1 
ATOM   822  C CD  . PRO A 1 101 ? 6.784   -14.602 -13.988 1.00 37.58 ? 427 PRO A CD  1 
ATOM   823  N N   . TYR A 1 102 ? 8.392   -11.253 -16.954 1.00 28.16 ? 428 TYR A N   1 
ATOM   824  C CA  . TYR A 1 102 ? 8.241   -9.885  -17.450 1.00 27.10 ? 428 TYR A CA  1 
ATOM   825  C C   . TYR A 1 102 ? 8.330   -8.847  -16.334 1.00 28.27 ? 428 TYR A C   1 
ATOM   826  O O   . TYR A 1 102 ? 7.755   -7.760  -16.449 1.00 23.73 ? 428 TYR A O   1 
ATOM   827  C CB  . TYR A 1 102 ? 6.929   -9.711  -18.225 1.00 31.80 ? 428 TYR A CB  1 
ATOM   828  C CG  . TYR A 1 102 ? 6.783   -10.643 -19.405 1.00 31.12 ? 428 TYR A CG  1 
ATOM   829  C CD1 . TYR A 1 102 ? 7.640   -10.555 -20.493 1.00 25.32 ? 428 TYR A CD1 1 
ATOM   830  C CD2 . TYR A 1 102 ? 5.789   -11.614 -19.430 1.00 27.55 ? 428 TYR A CD2 1 
ATOM   831  C CE1 . TYR A 1 102 ? 7.511   -11.405 -21.576 1.00 24.90 ? 428 TYR A CE1 1 
ATOM   832  C CE2 . TYR A 1 102 ? 5.651   -12.468 -20.507 1.00 22.52 ? 428 TYR A CE2 1 
ATOM   833  C CZ  . TYR A 1 102 ? 6.516   -12.358 -21.577 1.00 33.45 ? 428 TYR A CZ  1 
ATOM   834  O OH  . TYR A 1 102 ? 6.387   -13.205 -22.653 1.00 28.08 ? 428 TYR A OH  1 
ATOM   835  N N   . HIS A 1 103 ? 9.047   -9.163  -15.253 1.00 23.43 ? 429 HIS A N   1 
ATOM   836  C CA  . HIS A 1 103 ? 9.156   -8.228  -14.138 1.00 31.49 ? 429 HIS A CA  1 
ATOM   837  C C   . HIS A 1 103 ? 9.902   -6.960  -14.531 1.00 40.04 ? 429 HIS A C   1 
ATOM   838  O O   . HIS A 1 103 ? 9.679   -5.899  -13.934 1.00 29.87 ? 429 HIS A O   1 
ATOM   839  C CB  . HIS A 1 103 ? 9.845   -8.902  -12.952 1.00 28.08 ? 429 HIS A CB  1 
ATOM   840  C CG  . HIS A 1 103 ? 11.272  -9.272  -13.213 1.00 41.11 ? 429 HIS A CG  1 
ATOM   841  N ND1 . HIS A 1 103 ? 12.320  -8.407  -12.986 1.00 40.70 ? 429 HIS A ND1 1 
ATOM   842  C CD2 . HIS A 1 103 ? 11.824  -10.414 -13.684 1.00 39.81 ? 429 HIS A CD2 1 
ATOM   843  C CE1 . HIS A 1 103 ? 13.457  -9.002  -13.302 1.00 42.56 ? 429 HIS A CE1 1 
ATOM   844  N NE2 . HIS A 1 103 ? 13.183  -10.221 -13.730 1.00 44.09 ? 429 HIS A NE2 1 
ATOM   845  N N   . ASP A 1 104 ? 10.788  -7.044  -15.525 1.00 28.53 ? 430 ASP A N   1 
ATOM   846  C CA  . ASP A 1 104 ? 11.490  -5.864  -16.012 1.00 40.17 ? 430 ASP A CA  1 
ATOM   847  C C   . ASP A 1 104 ? 10.584  -4.910  -16.775 1.00 37.62 ? 430 ASP A C   1 
ATOM   848  O O   . ASP A 1 104 ? 11.016  -3.797  -17.094 1.00 38.67 ? 430 ASP A O   1 
ATOM   849  C CB  . ASP A 1 104 ? 12.651  -6.276  -16.921 1.00 43.04 ? 430 ASP A CB  1 
ATOM   850  C CG  . ASP A 1 104 ? 13.655  -7.161  -16.219 1.00 48.80 ? 430 ASP A CG  1 
ATOM   851  O OD1 . ASP A 1 104 ? 14.162  -6.752  -15.155 1.00 52.88 ? 430 ASP A OD1 1 
ATOM   852  O OD2 . ASP A 1 104 ? 13.938  -8.264  -16.732 1.00 49.23 ? 430 ASP A OD2 1 
ATOM   853  N N   . TYR A 1 105 ? 9.348   -5.305  -17.065 1.00 29.38 ? 431 TYR A N   1 
ATOM   854  C CA  . TYR A 1 105 ? 8.523   -4.607  -18.038 1.00 25.22 ? 431 TYR A CA  1 
ATOM   855  C C   . TYR A 1 105 ? 7.343   -3.869  -17.426 1.00 35.00 ? 431 TYR A C   1 
ATOM   856  O O   . TYR A 1 105 ? 6.568   -3.254  -18.168 1.00 38.02 ? 431 TYR A O   1 
ATOM   857  C CB  . TYR A 1 105 ? 8.030   -5.600  -19.096 1.00 44.68 ? 431 TYR A CB  1 
ATOM   858  C CG  . TYR A 1 105 ? 9.124   -6.030  -20.043 1.00 42.95 ? 431 TYR A CG  1 
ATOM   859  C CD1 . TYR A 1 105 ? 10.141  -6.875  -19.622 1.00 51.96 ? 431 TYR A CD1 1 
ATOM   860  C CD2 . TYR A 1 105 ? 9.154   -5.569  -21.352 1.00 57.68 ? 431 TYR A CD2 1 
ATOM   861  C CE1 . TYR A 1 105 ? 11.151  -7.261  -20.479 1.00 54.03 ? 431 TYR A CE1 1 
ATOM   862  C CE2 . TYR A 1 105 ? 10.159  -5.950  -22.218 1.00 57.67 ? 431 TYR A CE2 1 
ATOM   863  C CZ  . TYR A 1 105 ? 11.154  -6.795  -21.776 1.00 64.12 ? 431 TYR A CZ  1 
ATOM   864  O OH  . TYR A 1 105 ? 12.158  -7.171  -22.636 1.00 57.44 ? 431 TYR A OH  1 
ATOM   865  N N   . PHE A 1 106 ? 7.188   -3.895  -16.105 1.00 26.08 ? 432 PHE A N   1 
ATOM   866  C CA  . PHE A 1 106 ? 6.079   -3.192  -15.478 1.00 35.87 ? 432 PHE A CA  1 
ATOM   867  C C   . PHE A 1 106 ? 6.349   -3.029  -13.990 1.00 28.41 ? 432 PHE A C   1 
ATOM   868  O O   . PHE A 1 106 ? 7.147   -3.760  -13.398 1.00 31.18 ? 432 PHE A O   1 
ATOM   869  C CB  . PHE A 1 106 ? 4.751   -3.927  -15.697 1.00 35.02 ? 432 PHE A CB  1 
ATOM   870  C CG  . PHE A 1 106 ? 4.543   -5.087  -14.767 1.00 34.67 ? 432 PHE A CG  1 
ATOM   871  C CD1 . PHE A 1 106 ? 5.208   -6.283  -14.973 1.00 29.97 ? 432 PHE A CD1 1 
ATOM   872  C CD2 . PHE A 1 106 ? 3.687   -4.978  -13.683 1.00 31.14 ? 432 PHE A CD2 1 
ATOM   873  C CE1 . PHE A 1 106 ? 5.021   -7.352  -14.119 1.00 35.12 ? 432 PHE A CE1 1 
ATOM   874  C CE2 . PHE A 1 106 ? 3.497   -6.042  -12.825 1.00 37.56 ? 432 PHE A CE2 1 
ATOM   875  C CZ  . PHE A 1 106 ? 4.165   -7.231  -13.043 1.00 37.20 ? 432 PHE A CZ  1 
ATOM   876  N N   . TYR A 1 107 ? 5.668   -2.049  -13.400 1.00 29.27 ? 433 TYR A N   1 
ATOM   877  C CA  . TYR A 1 107 ? 5.619   -1.876  -11.956 1.00 29.94 ? 433 TYR A CA  1 
ATOM   878  C C   . TYR A 1 107 ? 4.273   -1.259  -11.600 1.00 31.66 ? 433 TYR A C   1 
ATOM   879  O O   . TYR A 1 107 ? 3.497   -0.864  -12.474 1.00 32.80 ? 433 TYR A O   1 
ATOM   880  C CB  . TYR A 1 107 ? 6.787   -1.022  -11.442 1.00 30.13 ? 433 TYR A CB  1 
ATOM   881  C CG  . TYR A 1 107 ? 6.794   0.411   -11.928 1.00 33.13 ? 433 TYR A CG  1 
ATOM   882  C CD1 . TYR A 1 107 ? 7.356   0.746   -13.152 1.00 38.49 ? 433 TYR A CD1 1 
ATOM   883  C CD2 . TYR A 1 107 ? 6.255   1.432   -11.154 1.00 40.06 ? 433 TYR A CD2 1 
ATOM   884  C CE1 . TYR A 1 107 ? 7.371   2.056   -13.599 1.00 41.66 ? 433 TYR A CE1 1 
ATOM   885  C CE2 . TYR A 1 107 ? 6.265   2.744   -11.591 1.00 40.55 ? 433 TYR A CE2 1 
ATOM   886  C CZ  . TYR A 1 107 ? 6.826   3.050   -12.815 1.00 42.70 ? 433 TYR A CZ  1 
ATOM   887  O OH  . TYR A 1 107 ? 6.838   4.353   -13.259 1.00 54.69 ? 433 TYR A OH  1 
ATOM   888  N N   . THR A 1 108 ? 3.998   -1.182  -10.300 1.00 28.40 ? 434 THR A N   1 
ATOM   889  C CA  . THR A 1 108 ? 2.703   -0.738  -9.798  1.00 32.41 ? 434 THR A CA  1 
ATOM   890  C C   . THR A 1 108 ? 2.869   0.538   -8.987  1.00 34.17 ? 434 THR A C   1 
ATOM   891  O O   . THR A 1 108 ? 3.788   0.643   -8.169  1.00 35.53 ? 434 THR A O   1 
ATOM   892  C CB  . THR A 1 108 ? 2.051   -1.824  -8.940  1.00 32.94 ? 434 THR A CB  1 
ATOM   893  O OG1 . THR A 1 108 ? 1.984   -3.046  -9.686  1.00 38.44 ? 434 THR A OG1 1 
ATOM   894  C CG2 . THR A 1 108 ? 0.645   -1.412  -8.525  1.00 32.89 ? 434 THR A CG2 1 
ATOM   895  N N   . LEU A 1 109 ? 1.979   1.501   -9.215  1.00 34.07 ? 435 LEU A N   1 
ATOM   896  C CA  . LEU A 1 109 ? 1.962   2.761   -8.481  1.00 37.62 ? 435 LEU A CA  1 
ATOM   897  C C   . LEU A 1 109 ? 0.679   2.837   -7.667  1.00 38.76 ? 435 LEU A C   1 
ATOM   898  O O   . LEU A 1 109 ? -0.419  2.884   -8.233  1.00 38.18 ? 435 LEU A O   1 
ATOM   899  C CB  . LEU A 1 109 ? 2.070   3.953   -9.432  1.00 35.81 ? 435 LEU A CB  1 
ATOM   900  C CG  . LEU A 1 109 ? 1.813   5.345   -8.844  1.00 38.21 ? 435 LEU A CG  1 
ATOM   901  C CD1 . LEU A 1 109 ? 2.808   5.667   -7.740  1.00 36.79 ? 435 LEU A CD1 1 
ATOM   902  C CD2 . LEU A 1 109 ? 1.865   6.406   -9.936  1.00 45.02 ? 435 LEU A CD2 1 
ATOM   903  N N   . ASN A 1 110 ? 0.817   2.840   -6.344  1.00 33.42 ? 436 ASN A N   1 
ATOM   904  C CA  . ASN A 1 110 ? -0.306  2.978   -5.428  1.00 34.83 ? 436 ASN A CA  1 
ATOM   905  C C   . ASN A 1 110 ? -0.219  4.327   -4.730  1.00 36.80 ? 436 ASN A C   1 
ATOM   906  O O   . ASN A 1 110 ? 0.812   4.656   -4.133  1.00 37.06 ? 436 ASN A O   1 
ATOM   907  C CB  . ASN A 1 110 ? -0.319  1.850   -4.393  1.00 32.25 ? 436 ASN A CB  1 
ATOM   908  C CG  . ASN A 1 110 ? -0.565  0.490   -5.017  1.00 37.84 ? 436 ASN A CG  1 
ATOM   909  O OD1 . ASN A 1 110 ? -1.358  0.356   -5.949  1.00 31.96 ? 436 ASN A OD1 1 
ATOM   910  N ND2 . ASN A 1 110 ? 0.108   -0.529  -4.498  1.00 29.36 ? 436 ASN A ND2 1 
ATOM   911  N N   . ARG A 1 111 ? -1.297  5.102   -4.806  1.00 36.43 ? 437 ARG A N   1 
ATOM   912  C CA  . ARG A 1 111 ? -1.371  6.413   -4.175  1.00 37.17 ? 437 ARG A CA  1 
ATOM   913  C C   . ARG A 1 111 ? -2.315  6.337   -2.983  1.00 38.91 ? 437 ARG A C   1 
ATOM   914  O O   . ARG A 1 111 ? -3.492  5.994   -3.140  1.00 34.63 ? 437 ARG A O   1 
ATOM   915  C CB  . ARG A 1 111 ? -1.844  7.478   -5.165  1.00 37.80 ? 437 ARG A CB  1 
ATOM   916  C CG  . ARG A 1 111 ? -2.279  8.776   -4.506  1.00 44.36 ? 437 ARG A CG  1 
ATOM   917  C CD  . ARG A 1 111 ? -2.444  9.881   -5.532  1.00 47.18 ? 437 ARG A CD  1 
ATOM   918  N NE  . ARG A 1 111 ? -1.193  10.159  -6.231  1.00 49.09 ? 437 ARG A NE  1 
ATOM   919  C CZ  . ARG A 1 111 ? -1.095  10.933  -7.306  1.00 61.44 ? 437 ARG A CZ  1 
ATOM   920  N NH1 . ARG A 1 111 ? -2.178  11.508  -7.810  1.00 69.83 ? 437 ARG A NH1 1 
ATOM   921  N NH2 . ARG A 1 111 ? 0.084   11.130  -7.879  1.00 52.07 ? 437 ARG A NH2 1 
ATOM   922  N N   . TYR A 1 112 ? -1.798  6.655   -1.801  1.00 32.86 ? 438 TYR A N   1 
ATOM   923  C CA  . TYR A 1 112 ? -2.574  6.674   -0.570  1.00 35.70 ? 438 TYR A CA  1 
ATOM   924  C C   . TYR A 1 112 ? -2.827  8.120   -0.164  1.00 41.78 ? 438 TYR A C   1 
ATOM   925  O O   . TYR A 1 112 ? -1.888  8.920   -0.087  1.00 36.37 ? 438 TYR A O   1 
ATOM   926  C CB  . TYR A 1 112 ? -1.843  5.935   0.553   1.00 35.96 ? 438 TYR A CB  1 
ATOM   927  C CG  . TYR A 1 112 ? -1.542  4.481   0.257   1.00 34.45 ? 438 TYR A CG  1 
ATOM   928  C CD1 . TYR A 1 112 ? -0.447  4.121   -0.519  1.00 32.27 ? 438 TYR A CD1 1 
ATOM   929  C CD2 . TYR A 1 112 ? -2.344  3.467   0.765   1.00 29.99 ? 438 TYR A CD2 1 
ATOM   930  C CE1 . TYR A 1 112 ? -0.165  2.793   -0.789  1.00 26.98 ? 438 TYR A CE1 1 
ATOM   931  C CE2 . TYR A 1 112 ? -2.070  2.138   0.500   1.00 35.36 ? 438 TYR A CE2 1 
ATOM   932  C CZ  . TYR A 1 112 ? -0.981  1.807   -0.276  1.00 38.30 ? 438 TYR A CZ  1 
ATOM   933  O OH  . TYR A 1 112 ? -0.707  0.483   -0.540  1.00 42.23 ? 438 TYR A OH  1 
ATOM   934  N N   . CYS A 1 113 ? -4.088  8.450   0.097   1.00 36.01 ? 439 CYS A N   1 
ATOM   935  C CA  . CYS A 1 113 ? -4.488  9.805   0.471   1.00 35.45 ? 439 CYS A CA  1 
ATOM   936  C C   . CYS A 1 113 ? -5.306  9.737   1.755   1.00 40.11 ? 439 CYS A C   1 
ATOM   937  O O   . CYS A 1 113 ? -6.403  9.168   1.768   1.00 33.77 ? 439 CYS A O   1 
ATOM   938  C CB  . CYS A 1 113 ? -5.288  10.477  -0.647  1.00 40.03 ? 439 CYS A CB  1 
ATOM   939  S SG  . CYS A 1 113 ? -6.023  12.064  -0.189  1.00 53.20 ? 439 CYS A SG  1 
ATOM   940  N N   . ILE A 1 114 ? -4.781  10.316  2.830   1.00 33.75 ? 440 ILE A N   1 
ATOM   941  C CA  . ILE A 1 114 ? -5.451  10.361  4.125   1.00 37.14 ? 440 ILE A CA  1 
ATOM   942  C C   . ILE A 1 114 ? -5.750  11.821  4.447   1.00 45.14 ? 440 ILE A C   1 
ATOM   943  O O   . ILE A 1 114 ? -4.835  12.653  4.495   1.00 41.61 ? 440 ILE A O   1 
ATOM   944  C CB  . ILE A 1 114 ? -4.598  9.724   5.233   1.00 31.37 ? 440 ILE A CB  1 
ATOM   945  C CG1 . ILE A 1 114 ? -4.204  8.297   4.853   1.00 31.68 ? 440 ILE A CG1 1 
ATOM   946  C CG2 . ILE A 1 114 ? -5.346  9.741   6.561   1.00 32.08 ? 440 ILE A CG2 1 
ATOM   947  C CD1 . ILE A 1 114 ? -3.123  7.706   5.736   1.00 29.26 ? 440 ILE A CD1 1 
ATOM   948  N N   . VAL A 1 115 ? -7.027  12.131  4.665   1.00 43.72 ? 441 VAL A N   1 
ATOM   949  C CA  . VAL A 1 115 ? -7.469  13.477  5.013   1.00 53.68 ? 441 VAL A CA  1 
ATOM   950  C C   . VAL A 1 115 ? -8.343  13.388  6.256   1.00 51.66 ? 441 VAL A C   1 
ATOM   951  O O   . VAL A 1 115 ? -9.287  12.593  6.299   1.00 45.17 ? 441 VAL A O   1 
ATOM   952  C CB  . VAL A 1 115 ? -8.245  14.155  3.866   1.00 54.36 ? 441 VAL A CB  1 
ATOM   953  C CG1 . VAL A 1 115 ? -8.723  15.537  4.292   1.00 54.14 ? 441 VAL A CG1 1 
ATOM   954  C CG2 . VAL A 1 115 ? -7.386  14.236  2.614   1.00 54.74 ? 441 VAL A CG2 1 
ATOM   955  N N   . ARG A 1 116 ? -8.032  14.203  7.262   1.00 52.63 ? 442 ARG A N   1 
ATOM   956  C CA  . ARG A 1 116 ? -8.809  14.210  8.494   1.00 60.45 ? 442 ARG A CA  1 
ATOM   957  C C   . ARG A 1 116 ? -10.201 14.772  8.233   1.00 60.33 ? 442 ARG A C   1 
ATOM   958  O O   . ARG A 1 116 ? -10.346 15.864  7.675   1.00 56.27 ? 442 ARG A O   1 
ATOM   959  C CB  . ARG A 1 116 ? -8.091  15.033  9.563   1.00 61.80 ? 442 ARG A CB  1 
ATOM   960  C CG  . ARG A 1 116 ? -8.365  14.575  10.985  1.00 62.97 ? 442 ARG A CG  1 
ATOM   961  C CD  . ARG A 1 116 ? -8.569  15.760  11.905  1.00 69.25 ? 442 ARG A CD  1 
ATOM   962  N NE  . ARG A 1 116 ? -7.710  16.881  11.539  1.00 68.25 ? 442 ARG A NE  1 
ATOM   963  C CZ  . ARG A 1 116 ? -8.004  18.154  11.777  1.00 67.73 ? 442 ARG A CZ  1 
ATOM   964  N NH1 . ARG A 1 116 ? -9.141  18.467  12.382  1.00 61.82 ? 442 ARG A NH1 1 
ATOM   965  N NH2 . ARG A 1 116 ? -7.166  19.113  11.409  1.00 63.30 ? 442 ARG A NH2 1 
ATOM   966  N N   . SER A 1 117 ? -11.230 14.023  8.636   1.00 63.17 ? 443 SER A N   1 
ATOM   967  C CA  . SER A 1 117 ? -12.600 14.439  8.356   1.00 64.63 ? 443 SER A CA  1 
ATOM   968  C C   . SER A 1 117 ? -13.198 15.248  9.502   1.00 64.80 ? 443 SER A C   1 
ATOM   969  O O   . SER A 1 117 ? -13.735 16.339  9.283   1.00 74.95 ? 443 SER A O   1 
ATOM   970  C CB  . SER A 1 117 ? -13.481 13.220  8.065   1.00 59.28 ? 443 SER A CB  1 
ATOM   971  O OG  . SER A 1 117 ? -14.211 12.832  9.212   1.00 69.81 ? 443 SER A OG  1 
ATOM   972  N N   . ALA A 1 118 ? -13.121 14.726  10.731  1.00 65.38 ? 444 ALA A N   1 
ATOM   973  C CA  . ALA A 1 118 ? -13.714 15.389  11.888  1.00 64.58 ? 444 ALA A CA  1 
ATOM   974  C C   . ALA A 1 118 ? -12.613 15.564  12.927  1.00 71.23 ? 444 ALA A C   1 
ATOM   975  O O   . ALA A 1 118 ? -11.599 16.190  12.635  1.00 75.36 ? 444 ALA A O   1 
ATOM   976  C CB  . ALA A 1 118 ? -14.943 14.634  12.384  1.00 60.58 ? 444 ALA A CB  1 
ATOM   977  N N   . LYS A 1 119 ? -12.788 15.040  14.143  1.00 65.54 ? 445 LYS A N   1 
ATOM   978  C CA  . LYS A 1 119 ? -11.753 15.121  15.160  1.00 65.51 ? 445 LYS A CA  1 
ATOM   979  C C   . LYS A 1 119 ? -10.972 13.823  15.280  1.00 76.23 ? 445 LYS A C   1 
ATOM   980  O O   . LYS A 1 119 ? -9.744  13.849  15.380  1.00 74.36 ? 445 LYS A O   1 
ATOM   981  C CB  . LYS A 1 119 ? -12.364 15.491  16.515  1.00 67.45 ? 445 LYS A CB  1 
ATOM   982  C CG  . LYS A 1 119 ? -11.375 15.461  17.683  1.00 68.95 ? 445 LYS A CG  1 
ATOM   983  C CD  . LYS A 1 119 ? -12.108 15.295  19.011  1.00 69.23 ? 445 LYS A CD  1 
ATOM   984  C CE  . LYS A 1 119 ? -11.173 15.473  20.200  1.00 69.41 ? 445 LYS A CE  1 
ATOM   985  N NZ  . LYS A 1 119 ? -11.904 15.766  21.466  1.00 58.15 ? 445 LYS A NZ  1 
ATOM   986  N N   . GLN A 1 120 ? -11.667 12.689  15.274  1.00 68.90 ? 446 GLN A N   1 
ATOM   987  C CA  . GLN A 1 120 ? -11.068 11.363  15.345  1.00 59.96 ? 446 GLN A CA  1 
ATOM   988  C C   . GLN A 1 120 ? -11.490 10.531  14.144  1.00 54.03 ? 446 GLN A C   1 
ATOM   989  O O   . GLN A 1 120 ? -11.713 9.323   14.245  1.00 56.96 ? 446 GLN A O   1 
ATOM   990  C CB  . GLN A 1 120 ? -11.452 10.661  16.644  1.00 59.83 ? 446 GLN A CB  1 
ATOM   991  C CG  . GLN A 1 120 ? -10.616 11.066  17.834  1.00 61.09 ? 446 GLN A CG  1 
ATOM   992  C CD  . GLN A 1 120 ? -9.267  10.388  17.833  1.00 65.17 ? 446 GLN A CD  1 
ATOM   993  O OE1 . GLN A 1 120 ? -9.164  9.190   17.570  1.00 71.08 ? 446 GLN A OE1 1 
ATOM   994  N NE2 . GLN A 1 120 ? -8.222  11.151  18.121  1.00 61.21 ? 446 GLN A NE2 1 
ATOM   995  N N   . ARG A 1 121 ? -11.636 11.186  12.994  1.00 55.82 ? 447 ARG A N   1 
ATOM   996  C CA  . ARG A 1 121 ? -12.117 10.538  11.784  1.00 54.01 ? 447 ARG A CA  1 
ATOM   997  C C   . ARG A 1 121 ? -11.243 10.937  10.603  1.00 54.14 ? 447 ARG A C   1 
ATOM   998  O O   . ARG A 1 121 ? -10.622 12.008  10.600  1.00 47.01 ? 447 ARG A O   1 
ATOM   999  C CB  . ARG A 1 121 ? -13.593 10.892  11.487  1.00 55.77 ? 447 ARG A CB  1 
ATOM   1000 C CG  . ARG A 1 121 ? -14.632 10.341  12.480  1.00 61.92 ? 447 ARG A CG  1 
ATOM   1001 C CD  . ARG A 1 121 ? -14.706 11.155  13.772  1.00 65.94 ? 447 ARG A CD  1 
ATOM   1002 N NE  . ARG A 1 121 ? -15.651 10.607  14.739  1.00 67.80 ? 447 ARG A NE  1 
ATOM   1003 C CZ  . ARG A 1 121 ? -15.340 9.642   15.596  1.00 73.74 ? 447 ARG A CZ  1 
ATOM   1004 N NH1 . ARG A 1 121 ? -14.124 9.119   15.566  1.00 70.74 ? 447 ARG A NH1 1 
ATOM   1005 N NH2 . ARG A 1 121 ? -16.236 9.184   16.463  1.00 70.60 ? 447 ARG A NH2 1 
ATOM   1006 N N   . CYS A 1 122 ? -11.207 10.063  9.597   1.00 47.79 ? 448 CYS A N   1 
ATOM   1007 C CA  . CYS A 1 122 ? -10.372 10.280  8.425   1.00 50.48 ? 448 CYS A CA  1 
ATOM   1008 C C   . CYS A 1 122 ? -11.022 9.623   7.221   1.00 46.07 ? 448 CYS A C   1 
ATOM   1009 O O   . CYS A 1 122 ? -11.819 8.693   7.360   1.00 47.01 ? 448 CYS A O   1 
ATOM   1010 C CB  . CYS A 1 122 ? -8.962  9.718   8.629   1.00 46.26 ? 448 CYS A CB  1 
ATOM   1011 S SG  . CYS A 1 122 ? -8.871  7.928   8.405   1.00 55.44 ? 448 CYS A SG  1 
ATOM   1012 N N   . ARG A 1 123 ? -10.669 10.118  6.034   1.00 51.44 ? 449 ARG A N   1 
ATOM   1013 C CA  . ARG A 1 123 ? -11.058 9.490   4.778   1.00 50.35 ? 449 ARG A CA  1 
ATOM   1014 C C   . ARG A 1 123 ? -9.806  8.975   4.084   1.00 48.81 ? 449 ARG A C   1 
ATOM   1015 O O   . ARG A 1 123 ? -8.892  9.753   3.794   1.00 39.92 ? 449 ARG A O   1 
ATOM   1016 C CB  . ARG A 1 123 ? -11.816 10.453  3.866   1.00 44.49 ? 449 ARG A CB  1 
ATOM   1017 C CG  . ARG A 1 123 ? -12.108 9.845   2.499   1.00 51.16 ? 449 ARG A CG  1 
ATOM   1018 C CD  . ARG A 1 123 ? -13.008 10.718  1.641   1.00 53.42 ? 449 ARG A CD  1 
ATOM   1019 N NE  . ARG A 1 123 ? -14.412 10.641  2.038   1.00 62.30 ? 449 ARG A NE  1 
ATOM   1020 C CZ  . ARG A 1 123 ? -15.272 9.728   1.598   1.00 64.16 ? 449 ARG A CZ  1 
ATOM   1021 N NH1 . ARG A 1 123 ? -14.878 8.793   0.743   1.00 54.42 ? 449 ARG A NH1 1 
ATOM   1022 N NH2 . ARG A 1 123 ? -16.531 9.746   2.016   1.00 61.71 ? 449 ARG A NH2 1 
ATOM   1023 N N   . LEU A 1 124 ? -9.767  7.673   3.825   1.00 43.78 ? 450 LEU A N   1 
ATOM   1024 C CA  . LEU A 1 124 ? -8.652  7.039   3.137   1.00 38.25 ? 450 LEU A CA  1 
ATOM   1025 C C   . LEU A 1 124 ? -9.044  6.749   1.695   1.00 42.67 ? 450 LEU A C   1 
ATOM   1026 O O   . LEU A 1 124 ? -10.107 6.170   1.440   1.00 35.46 ? 450 LEU A O   1 
ATOM   1027 C CB  . LEU A 1 124 ? -8.236  5.747   3.840   1.00 36.32 ? 450 LEU A CB  1 
ATOM   1028 C CG  . LEU A 1 124 ? -7.255  4.860   3.072   1.00 29.44 ? 450 LEU A CG  1 
ATOM   1029 C CD1 . LEU A 1 124 ? -5.879  5.505   3.014   1.00 26.50 ? 450 LEU A CD1 1 
ATOM   1030 C CD2 . LEU A 1 124 ? -7.183  3.474   3.694   1.00 25.64 ? 450 LEU A CD2 1 
ATOM   1031 N N   . ARG A 1 125 ? -8.186  7.148   0.760   1.00 41.93 ? 451 ARG A N   1 
ATOM   1032 C CA  . ARG A 1 125 ? -8.406  6.913   -0.662  1.00 36.25 ? 451 ARG A CA  1 
ATOM   1033 C C   . ARG A 1 125 ? -7.154  6.289   -1.258  1.00 39.28 ? 451 ARG A C   1 
ATOM   1034 O O   . ARG A 1 125 ? -6.085  6.906   -1.246  1.00 42.70 ? 451 ARG A O   1 
ATOM   1035 C CB  . ARG A 1 125 ? -8.760  8.210   -1.393  1.00 44.84 ? 451 ARG A CB  1 
ATOM   1036 C CG  . ARG A 1 125 ? -10.190 8.649   -1.157  1.00 63.19 ? 451 ARG A CG  1 
ATOM   1037 C CD  . ARG A 1 125 ? -10.463 10.029  -1.726  1.00 67.66 ? 451 ARG A CD  1 
ATOM   1038 N NE  . ARG A 1 125 ? -9.681  10.300  -2.927  1.00 72.94 ? 451 ARG A NE  1 
ATOM   1039 C CZ  . ARG A 1 125 ? -10.159 10.205  -4.164  1.00 75.92 ? 451 ARG A CZ  1 
ATOM   1040 N NH1 . ARG A 1 125 ? -11.418 9.838   -4.365  1.00 69.29 ? 451 ARG A NH1 1 
ATOM   1041 N NH2 . ARG A 1 125 ? -9.378  10.474  -5.200  1.00 80.79 ? 451 ARG A NH2 1 
ATOM   1042 N N   . VAL A 1 126 ? -7.286  5.069   -1.771  1.00 42.69 ? 452 VAL A N   1 
ATOM   1043 C CA  . VAL A 1 126 ? -6.181  4.341   -2.381  1.00 39.91 ? 452 VAL A CA  1 
ATOM   1044 C C   . VAL A 1 126 ? -6.541  4.065   -3.833  1.00 41.52 ? 452 VAL A C   1 
ATOM   1045 O O   . VAL A 1 126 ? -7.527  3.370   -4.114  1.00 37.21 ? 452 VAL A O   1 
ATOM   1046 C CB  . VAL A 1 126 ? -5.876  3.033   -1.636  1.00 33.95 ? 452 VAL A CB  1 
ATOM   1047 C CG1 . VAL A 1 126 ? -4.589  2.421   -2.161  1.00 34.47 ? 452 VAL A CG1 1 
ATOM   1048 C CG2 . VAL A 1 126 ? -5.783  3.280   -0.139  1.00 35.04 ? 452 VAL A CG2 1 
ATOM   1049 N N   . SER A 1 127 ? -5.749  4.609   -4.751  1.00 33.79 ? 453 SER A N   1 
ATOM   1050 C CA  . SER A 1 127 ? -5.904  4.356   -6.174  1.00 40.33 ? 453 SER A CA  1 
ATOM   1051 C C   . SER A 1 127 ? -4.664  3.645   -6.700  1.00 34.44 ? 453 SER A C   1 
ATOM   1052 O O   . SER A 1 127 ? -3.549  3.860   -6.211  1.00 40.59 ? 453 SER A O   1 
ATOM   1053 C CB  . SER A 1 127 ? -6.143  5.655   -6.958  1.00 35.74 ? 453 SER A CB  1 
ATOM   1054 O OG  . SER A 1 127 ? -5.167  6.633   -6.649  1.00 46.91 ? 453 SER A OG  1 
ATOM   1055 N N   . THR A 1 128 ? -4.868  2.790   -7.699  1.00 47.80 ? 454 THR A N   1 
ATOM   1056 C CA  . THR A 1 128 ? -3.823  1.922   -8.220  1.00 44.02 ? 454 THR A CA  1 
ATOM   1057 C C   . THR A 1 128 ? -3.699  2.107   -9.724  1.00 47.40 ? 454 THR A C   1 
ATOM   1058 O O   . THR A 1 128 ? -4.705  2.257   -10.425 1.00 52.28 ? 454 THR A O   1 
ATOM   1059 C CB  . THR A 1 128 ? -4.123  0.450   -7.892  1.00 47.37 ? 454 THR A CB  1 
ATOM   1060 O OG1 . THR A 1 128 ? -4.098  0.258   -6.472  1.00 47.17 ? 454 THR A OG1 1 
ATOM   1061 C CG2 . THR A 1 128 ? -3.105  -0.476  -8.537  1.00 48.66 ? 454 THR A CG2 1 
ATOM   1062 N N   . ASP A 1 129 ? -2.461  2.103   -10.215 1.00 46.35 ? 455 ASP A N   1 
ATOM   1063 C CA  . ASP A 1 129 ? -2.201  2.182   -11.644 1.00 52.81 ? 455 ASP A CA  1 
ATOM   1064 C C   . ASP A 1 129 ? -1.005  1.314   -11.997 1.00 46.54 ? 455 ASP A C   1 
ATOM   1065 O O   . ASP A 1 129 ? -0.013  1.281   -11.263 1.00 35.50 ? 455 ASP A O   1 
ATOM   1066 C CB  . ASP A 1 129 ? -1.945  3.625   -12.093 1.00 60.94 ? 455 ASP A CB  1 
ATOM   1067 C CG  . ASP A 1 129 ? -2.577  3.937   -13.435 1.00 73.80 ? 455 ASP A CG  1 
ATOM   1068 O OD1 . ASP A 1 129 ? -3.343  4.919   -13.517 1.00 74.91 ? 455 ASP A OD1 1 
ATOM   1069 O OD2 . ASP A 1 129 ? -2.316  3.194   -14.404 1.00 71.31 ? 455 ASP A OD2 1 
ATOM   1070 N N   . LEU A 1 130 ? -1.110  0.614   -13.121 1.00 41.14 ? 456 LEU A N   1 
ATOM   1071 C CA  . LEU A 1 130 ? 0.002   -0.149  -13.664 1.00 41.34 ? 456 LEU A CA  1 
ATOM   1072 C C   . LEU A 1 130 ? 0.815   0.726   -14.605 1.00 44.13 ? 456 LEU A C   1 
ATOM   1073 O O   . LEU A 1 130 ? 0.258   1.453   -15.433 1.00 46.21 ? 456 LEU A O   1 
ATOM   1074 C CB  . LEU A 1 130 ? -0.496  -1.386  -14.413 1.00 42.72 ? 456 LEU A CB  1 
ATOM   1075 C CG  . LEU A 1 130 ? -1.006  -2.570  -13.593 1.00 50.32 ? 456 LEU A CG  1 
ATOM   1076 C CD1 . LEU A 1 130 ? -1.385  -3.693  -14.535 1.00 50.51 ? 456 LEU A CD1 1 
ATOM   1077 C CD2 . LEU A 1 130 ? 0.038   -3.032  -12.589 1.00 46.52 ? 456 LEU A CD2 1 
ATOM   1078 N N   . LYS A 1 131 ? 2.134   0.652   -14.473 1.00 36.89 ? 457 LYS A N   1 
ATOM   1079 C CA  . LYS A 1 131 ? 3.053   1.398   -15.317 1.00 40.47 ? 457 LYS A CA  1 
ATOM   1080 C C   . LYS A 1 131 ? 3.926   0.419   -16.087 1.00 39.83 ? 457 LYS A C   1 
ATOM   1081 O O   . LYS A 1 131 ? 4.301   -0.634  -15.563 1.00 34.03 ? 457 LYS A O   1 
ATOM   1082 C CB  . LYS A 1 131 ? 3.921   2.344   -14.487 1.00 44.14 ? 457 LYS A CB  1 
ATOM   1083 C CG  . LYS A 1 131 ? 3.155   3.108   -13.421 1.00 41.88 ? 457 LYS A CG  1 
ATOM   1084 C CD  . LYS A 1 131 ? 2.238   4.147   -14.046 1.00 44.97 ? 457 LYS A CD  1 
ATOM   1085 C CE  . LYS A 1 131 ? 3.004   5.405   -14.417 1.00 52.24 ? 457 LYS A CE  1 
ATOM   1086 N NZ  . LYS A 1 131 ? 2.185   6.329   -15.249 1.00 60.48 ? 457 LYS A NZ  1 
ATOM   1087 N N   . TYR A 1 132 ? 4.250   0.769   -17.328 1.00 35.64 ? 458 TYR A N   1 
ATOM   1088 C CA  . TYR A 1 132 ? 4.996   -0.111  -18.214 1.00 40.17 ? 458 TYR A CA  1 
ATOM   1089 C C   . TYR A 1 132 ? 6.305   0.540   -18.632 1.00 44.14 ? 458 TYR A C   1 
ATOM   1090 O O   . TYR A 1 132 ? 6.375   1.759   -18.820 1.00 48.23 ? 458 TYR A O   1 
ATOM   1091 C CB  . TYR A 1 132 ? 4.176   -0.471  -19.457 1.00 44.34 ? 458 TYR A CB  1 
ATOM   1092 C CG  . TYR A 1 132 ? 2.929   -1.260  -19.140 1.00 48.36 ? 458 TYR A CG  1 
ATOM   1093 C CD1 . TYR A 1 132 ? 3.006   -2.604  -18.801 1.00 45.32 ? 458 TYR A CD1 1 
ATOM   1094 C CD2 . TYR A 1 132 ? 1.676   -0.664  -19.181 1.00 49.01 ? 458 TYR A CD2 1 
ATOM   1095 C CE1 . TYR A 1 132 ? 1.870   -3.330  -18.503 1.00 41.87 ? 458 TYR A CE1 1 
ATOM   1096 C CE2 . TYR A 1 132 ? 0.533   -1.385  -18.892 1.00 50.46 ? 458 TYR A CE2 1 
ATOM   1097 C CZ  . TYR A 1 132 ? 0.637   -2.718  -18.556 1.00 45.66 ? 458 TYR A CZ  1 
ATOM   1098 O OH  . TYR A 1 132 ? -0.494  -3.443  -18.265 1.00 58.96 ? 458 TYR A OH  1 
ATOM   1099 N N   . ARG A 1 133 ? 7.338   -0.285  -18.772 1.00 46.14 ? 459 ARG A N   1 
ATOM   1100 C CA  . ARG A 1 133 ? 8.620   0.149   -19.302 1.00 54.16 ? 459 ARG A CA  1 
ATOM   1101 C C   . ARG A 1 133 ? 9.116   -0.896  -20.288 1.00 50.54 ? 459 ARG A C   1 
ATOM   1102 O O   . ARG A 1 133 ? 8.649   -2.038  -20.298 1.00 55.65 ? 459 ARG A O   1 
ATOM   1103 C CB  . ARG A 1 133 ? 9.646   0.382   -18.186 1.00 51.35 ? 459 ARG A CB  1 
ATOM   1104 C CG  . ARG A 1 133 ? 9.559   -0.603  -17.034 1.00 48.14 ? 459 ARG A CG  1 
ATOM   1105 C CD  . ARG A 1 133 ? 10.345  -0.098  -15.836 1.00 44.46 ? 459 ARG A CD  1 
ATOM   1106 N NE  . ARG A 1 133 ? 11.721  0.231   -16.194 1.00 54.06 ? 459 ARG A NE  1 
ATOM   1107 C CZ  . ARG A 1 133 ? 12.742  -0.614  -16.092 1.00 62.35 ? 459 ARG A CZ  1 
ATOM   1108 N NH1 . ARG A 1 133 ? 12.543  -1.845  -15.640 1.00 59.45 ? 459 ARG A NH1 1 
ATOM   1109 N NH2 . ARG A 1 133 ? 13.962  -0.229  -16.441 1.00 57.94 ? 459 ARG A NH2 1 
ATOM   1110 N N   . LYS A 1 134 ? 10.071  -0.484  -21.123 1.00 61.63 ? 460 LYS A N   1 
ATOM   1111 C CA  . LYS A 1 134 ? 10.633  -1.269  -22.219 1.00 61.28 ? 460 LYS A CA  1 
ATOM   1112 C C   . LYS A 1 134 ? 9.616   -1.572  -23.305 1.00 56.80 ? 460 LYS A C   1 
ATOM   1113 O O   . LYS A 1 134 ? 9.902   -2.376  -24.205 1.00 69.92 ? 460 LYS A O   1 
ATOM   1114 C CB  . LYS A 1 134 ? 11.256  -2.584  -21.732 1.00 61.25 ? 460 LYS A CB  1 
ATOM   1115 C CG  . LYS A 1 134 ? 12.167  -2.465  -20.507 1.00 58.47 ? 460 LYS A CG  1 
ATOM   1116 C CD  . LYS A 1 134 ? 13.633  -2.197  -20.881 1.00 67.43 ? 460 LYS A CD  1 
ATOM   1117 C CE  . LYS A 1 134 ? 13.874  -0.754  -21.319 1.00 57.91 ? 460 LYS A CE  1 
ATOM   1118 N NZ  . LYS A 1 134 ? 15.313  -0.376  -21.310 1.00 65.31 ? 460 LYS A NZ  1 
ATOM   1119 N N   . GLN A 1 135 ? 8.441   -0.945  -23.254 1.00 57.49 ? 461 GLN A N   1 
ATOM   1120 C CA  . GLN A 1 135 ? 7.378   -1.162  -24.223 1.00 66.68 ? 461 GLN A CA  1 
ATOM   1121 C C   . GLN A 1 135 ? 7.114   -2.655  -24.395 1.00 68.04 ? 461 GLN A C   1 
ATOM   1122 O O   . GLN A 1 135 ? 7.584   -3.264  -25.363 1.00 68.11 ? 461 GLN A O   1 
ATOM   1123 C CB  . GLN A 1 135 ? 7.731   -0.505  -25.561 1.00 70.40 ? 461 GLN A CB  1 
ATOM   1124 C CG  . GLN A 1 135 ? 6.564   -0.410  -26.523 1.00 68.55 ? 461 GLN A CG  1 
ATOM   1125 C CD  . GLN A 1 135 ? 6.434   -1.649  -27.383 1.00 73.01 ? 461 GLN A CD  1 
ATOM   1126 O OE1 . GLN A 1 135 ? 7.367   -2.030  -28.093 1.00 76.07 ? 461 GLN A OE1 1 
ATOM   1127 N NE2 . GLN A 1 135 ? 5.293   -2.322  -27.273 1.00 75.09 ? 461 GLN A NE2 1 
ATOM   1128 N N   . PRO A 1 136 ? 6.422   -3.288  -23.451 1.00 63.72 ? 462 PRO A N   1 
ATOM   1129 C CA  . PRO A 1 136 ? 5.947   -4.656  -23.686 1.00 61.94 ? 462 PRO A CA  1 
ATOM   1130 C C   . PRO A 1 136 ? 5.031   -4.712  -24.902 1.00 60.76 ? 462 PRO A C   1 
ATOM   1131 O O   . PRO A 1 136 ? 4.155   -3.864  -25.090 1.00 66.86 ? 462 PRO A O   1 
ATOM   1132 C CB  . PRO A 1 136 ? 5.207   -5.001  -22.388 1.00 55.87 ? 462 PRO A CB  1 
ATOM   1133 C CG  . PRO A 1 136 ? 5.817   -4.119  -21.362 1.00 55.81 ? 462 PRO A CG  1 
ATOM   1134 C CD  . PRO A 1 136 ? 6.175   -2.847  -22.069 1.00 58.06 ? 462 PRO A CD  1 
ATOM   1135 N N   . TRP A 1 137 ? 5.255   -5.708  -25.748 1.00 57.95 ? 463 TRP A N   1 
ATOM   1136 C CA  . TRP A 1 137 ? 4.548   -5.808  -27.017 1.00 61.37 ? 463 TRP A CA  1 
ATOM   1137 C C   . TRP A 1 137 ? 3.363   -6.760  -26.897 1.00 52.77 ? 463 TRP A C   1 
ATOM   1138 O O   . TRP A 1 137 ? 3.491   -7.861  -26.350 1.00 52.94 ? 463 TRP A O   1 
ATOM   1139 C CB  . TRP A 1 137 ? 5.488   -6.278  -28.128 1.00 55.03 ? 463 TRP A CB  1 
ATOM   1140 N N   . GLY A 1 138 ? 2.211   -6.314  -27.401 1.00 54.72 ? 464 GLY A N   1 
ATOM   1141 C CA  . GLY A 1 138 ? 1.047   -7.158  -27.655 1.00 49.23 ? 464 GLY A CA  1 
ATOM   1142 C C   . GLY A 1 138 ? 0.628   -8.010  -26.462 1.00 45.08 ? 464 GLY A C   1 
ATOM   1143 O O   . GLY A 1 138 ? 0.105   -7.498  -25.466 1.00 48.22 ? 464 GLY A O   1 
ATOM   1144 N N   . LEU A 1 139 ? 0.861   -9.320  -26.572 1.00 42.62 ? 465 LEU A N   1 
ATOM   1145 C CA  . LEU A 1 139 ? 0.358   -10.282 -25.599 1.00 46.44 ? 465 LEU A CA  1 
ATOM   1146 C C   . LEU A 1 139 ? 0.962   -10.091 -24.213 1.00 41.79 ? 465 LEU A C   1 
ATOM   1147 O O   . LEU A 1 139 ? 0.350   -10.506 -23.223 1.00 36.49 ? 465 LEU A O   1 
ATOM   1148 C CB  . LEU A 1 139 ? 0.634   -11.700 -26.109 1.00 35.92 ? 465 LEU A CB  1 
ATOM   1149 C CG  . LEU A 1 139 ? 0.222   -12.919 -25.282 1.00 35.59 ? 465 LEU A CG  1 
ATOM   1150 C CD1 . LEU A 1 139 ? -1.251  -12.853 -24.922 1.00 46.57 ? 465 LEU A CD1 1 
ATOM   1151 C CD2 . LEU A 1 139 ? 0.533   -14.202 -26.040 1.00 28.86 ? 465 LEU A CD2 1 
ATOM   1152 N N   . ILE A 1 140 ? 2.135   -9.463  -24.119 1.00 36.04 ? 466 ILE A N   1 
ATOM   1153 C CA  . ILE A 1 140 ? 2.824   -9.361  -22.835 1.00 36.14 ? 466 ILE A CA  1 
ATOM   1154 C C   . ILE A 1 140 ? 2.002   -8.552  -21.835 1.00 37.73 ? 466 ILE A C   1 
ATOM   1155 O O   . ILE A 1 140 ? 1.871   -8.936  -20.667 1.00 32.49 ? 466 ILE A O   1 
ATOM   1156 C CB  . ILE A 1 140 ? 4.229   -8.762  -23.030 1.00 28.54 ? 466 ILE A CB  1 
ATOM   1157 C CG1 . ILE A 1 140 ? 5.051   -9.628  -23.985 1.00 31.12 ? 466 ILE A CG1 1 
ATOM   1158 C CG2 . ILE A 1 140 ? 4.935   -8.608  -21.693 1.00 40.68 ? 466 ILE A CG2 1 
ATOM   1159 C CD1 . ILE A 1 140 ? 6.458   -9.123  -24.207 1.00 36.52 ? 466 ILE A CD1 1 
ATOM   1160 N N   . LYS A 1 141 ? 1.437   -7.421  -22.275 1.00 34.75 ? 467 LYS A N   1 
ATOM   1161 C CA  . LYS A 1 141 ? 0.698   -6.542  -21.368 1.00 47.07 ? 467 LYS A CA  1 
ATOM   1162 C C   . LYS A 1 141 ? -0.639  -7.134  -20.957 1.00 40.57 ? 467 LYS A C   1 
ATOM   1163 O O   . LYS A 1 141 ? -1.069  -6.964  -19.809 1.00 39.14 ? 467 LYS A O   1 
ATOM   1164 C CB  . LYS A 1 141 ? 0.474   -5.172  -22.010 1.00 48.23 ? 467 LYS A CB  1 
ATOM   1165 C CG  . LYS A 1 141 ? 1.573   -4.186  -21.706 1.00 55.94 ? 467 LYS A CG  1 
ATOM   1166 C CD  . LYS A 1 141 ? 2.059   -3.483  -22.937 1.00 65.35 ? 467 LYS A CD  1 
ATOM   1167 C CE  . LYS A 1 141 ? 2.745   -2.211  -22.537 1.00 64.89 ? 467 LYS A CE  1 
ATOM   1168 N NZ  . LYS A 1 141 ? 3.584   -1.740  -23.667 1.00 58.82 ? 467 LYS A NZ  1 
ATOM   1169 N N   . SER A 1 142 ? -1.330  -7.790  -21.889 1.00 41.16 ? 468 SER A N   1 
ATOM   1170 C CA  . SER A 1 142 ? -2.596  -8.420  -21.544 1.00 43.20 ? 468 SER A CA  1 
ATOM   1171 C C   . SER A 1 142 ? -2.384  -9.535  -20.532 1.00 35.52 ? 468 SER A C   1 
ATOM   1172 O O   . SER A 1 142 ? -3.231  -9.764  -19.661 1.00 42.96 ? 468 SER A O   1 
ATOM   1173 C CB  . SER A 1 142 ? -3.275  -8.958  -22.799 1.00 37.80 ? 468 SER A CB  1 
ATOM   1174 O OG  . SER A 1 142 ? -4.326  -9.842  -22.455 1.00 51.04 ? 468 SER A OG  1 
ATOM   1175 N N   . LEU A 1 143 ? -1.253  -10.238 -20.630 1.00 31.97 ? 469 LEU A N   1 
ATOM   1176 C CA  . LEU A 1 143 ? -0.904  -11.218 -19.608 1.00 30.41 ? 469 LEU A CA  1 
ATOM   1177 C C   . LEU A 1 143 ? -0.638  -10.538 -18.271 1.00 31.76 ? 469 LEU A C   1 
ATOM   1178 O O   . LEU A 1 143 ? -1.061  -11.032 -17.218 1.00 28.08 ? 469 LEU A O   1 
ATOM   1179 C CB  . LEU A 1 143 ? 0.314   -12.026 -20.050 1.00 32.98 ? 469 LEU A CB  1 
ATOM   1180 C CG  . LEU A 1 143 ? 0.745   -13.141 -19.095 1.00 38.38 ? 469 LEU A CG  1 
ATOM   1181 C CD1 . LEU A 1 143 ? -0.313  -14.233 -19.037 1.00 39.63 ? 469 LEU A CD1 1 
ATOM   1182 C CD2 . LEU A 1 143 ? 2.101   -13.715 -19.485 1.00 36.10 ? 469 LEU A CD2 1 
ATOM   1183 N N   . ILE A 1 144 ? 0.054   -9.396  -18.296 1.00 33.38 ? 470 ILE A N   1 
ATOM   1184 C CA  . ILE A 1 144 ? 0.315   -8.646  -17.068 1.00 38.20 ? 470 ILE A CA  1 
ATOM   1185 C C   . ILE A 1 144 ? -0.994  -8.188  -16.441 1.00 21.56 ? 470 ILE A C   1 
ATOM   1186 O O   . ILE A 1 144 ? -1.199  -8.304  -15.227 1.00 26.60 ? 470 ILE A O   1 
ATOM   1187 C CB  . ILE A 1 144 ? 1.247   -7.455  -17.356 1.00 30.64 ? 470 ILE A CB  1 
ATOM   1188 C CG1 . ILE A 1 144 ? 2.662   -7.941  -17.675 1.00 28.46 ? 470 ILE A CG1 1 
ATOM   1189 C CG2 . ILE A 1 144 ? 1.258   -6.488  -16.184 1.00 35.82 ? 470 ILE A CG2 1 
ATOM   1190 C CD1 . ILE A 1 144 ? 3.585   -6.841  -18.156 1.00 30.16 ? 470 ILE A CD1 1 
ATOM   1191 N N   . GLU A 1 145 ? -1.903  -7.659  -17.266 1.00 37.56 ? 471 GLU A N   1 
ATOM   1192 C CA  . GLU A 1 145 ? -3.174  -7.150  -16.759 1.00 39.52 ? 471 GLU A CA  1 
ATOM   1193 C C   . GLU A 1 145 ? -3.976  -8.248  -16.070 1.00 42.03 ? 471 GLU A C   1 
ATOM   1194 O O   . GLU A 1 145 ? -4.475  -8.061  -14.953 1.00 42.38 ? 471 GLU A O   1 
ATOM   1195 C CB  . GLU A 1 145 ? -3.985  -6.537  -17.903 1.00 39.50 ? 471 GLU A CB  1 
ATOM   1196 C CG  . GLU A 1 145 ? -3.608  -5.106  -18.252 1.00 44.48 ? 471 GLU A CG  1 
ATOM   1197 C CD  . GLU A 1 145 ? -4.223  -4.648  -19.561 1.00 63.06 ? 471 GLU A CD  1 
ATOM   1198 O OE1 . GLU A 1 145 ? -4.000  -5.320  -20.590 1.00 60.94 ? 471 GLU A OE1 1 
ATOM   1199 O OE2 . GLU A 1 145 ? -4.932  -3.620  -19.561 1.00 72.81 ? 471 GLU A OE2 1 
ATOM   1200 N N   . LYS A 1 146 ? -4.108  -9.405  -16.721 1.00 35.02 ? 472 LYS A N   1 
ATOM   1201 C CA  . LYS A 1 146 ? -4.911  -10.492 -16.175 1.00 40.93 ? 472 LYS A CA  1 
ATOM   1202 C C   . LYS A 1 146 ? -4.289  -11.135 -14.944 1.00 41.93 ? 472 LYS A C   1 
ATOM   1203 O O   . LYS A 1 146 ? -4.963  -11.924 -14.274 1.00 45.76 ? 472 LYS A O   1 
ATOM   1204 C CB  . LYS A 1 146 ? -5.149  -11.555 -17.248 1.00 39.01 ? 472 LYS A CB  1 
ATOM   1205 C CG  . LYS A 1 146 ? -6.012  -11.084 -18.407 1.00 39.82 ? 472 LYS A CG  1 
ATOM   1206 C CD  . LYS A 1 146 ? -6.054  -12.121 -19.516 1.00 50.92 ? 472 LYS A CD  1 
ATOM   1207 C CE  . LYS A 1 146 ? -7.353  -12.039 -20.300 1.00 51.96 ? 472 LYS A CE  1 
ATOM   1208 N NZ  . LYS A 1 146 ? -7.182  -12.519 -21.698 1.00 52.18 ? 472 LYS A NZ  1 
ATOM   1209 N N   . ASN A 1 147 ? -3.032  -10.822 -14.627 1.00 34.88 ? 473 ASN A N   1 
ATOM   1210 C CA  . ASN A 1 147 ? -2.352  -11.383 -13.467 1.00 35.21 ? 473 ASN A CA  1 
ATOM   1211 C C   . ASN A 1 147 ? -2.002  -10.322 -12.426 1.00 33.84 ? 473 ASN A C   1 
ATOM   1212 O O   . ASN A 1 147 ? -1.106  -10.538 -11.603 1.00 37.35 ? 473 ASN A O   1 
ATOM   1213 C CB  . ASN A 1 147 ? -1.089  -12.128 -13.902 1.00 33.21 ? 473 ASN A CB  1 
ATOM   1214 C CG  . ASN A 1 147 ? -1.392  -13.377 -14.708 1.00 37.76 ? 473 ASN A CG  1 
ATOM   1215 O OD1 . ASN A 1 147 ? -1.516  -14.471 -14.156 1.00 44.67 ? 473 ASN A OD1 1 
ATOM   1216 N ND2 . ASN A 1 147 ? -1.504  -13.221 -16.021 1.00 31.33 ? 473 ASN A ND2 1 
ATOM   1217 N N   . SER A 1 148 ? -2.693  -9.183  -12.441 1.00 32.96 ? 474 SER A N   1 
ATOM   1218 C CA  . SER A 1 148 ? -2.367  -8.092  -11.529 1.00 36.86 ? 474 SER A CA  1 
ATOM   1219 C C   . SER A 1 148 ? -3.608  -7.463  -10.907 1.00 33.49 ? 474 SER A C   1 
ATOM   1220 O O   . SER A 1 148 ? -3.730  -7.409  -9.679  1.00 36.56 ? 474 SER A O   1 
ATOM   1221 C CB  . SER A 1 148 ? -1.559  -7.021  -12.261 1.00 34.64 ? 474 SER A CB  1 
ATOM   1222 O OG  . SER A 1 148 ? -2.362  -6.378  -13.237 1.00 46.96 ? 474 SER A OG  1 
ATOM   1223 N N   . TRP A 1 149 ? -4.529  -6.985  -11.752 1.00 32.54 ? 475 TRP A N   1 
ATOM   1224 C CA  . TRP A 1 149 ? -5.689  -6.245  -11.256 1.00 43.81 ? 475 TRP A CA  1 
ATOM   1225 C C   . TRP A 1 149 ? -6.489  -7.060  -10.246 1.00 38.62 ? 475 TRP A C   1 
ATOM   1226 O O   . TRP A 1 149 ? -6.902  -6.539  -9.201  1.00 35.33 ? 475 TRP A O   1 
ATOM   1227 C CB  . TRP A 1 149 ? -6.588  -5.831  -12.420 1.00 43.87 ? 475 TRP A CB  1 
ATOM   1228 C CG  . TRP A 1 149 ? -6.000  -4.795  -13.333 1.00 44.11 ? 475 TRP A CG  1 
ATOM   1229 C CD1 . TRP A 1 149 ? -5.794  -4.912  -14.678 1.00 47.90 ? 475 TRP A CD1 1 
ATOM   1230 C CD2 . TRP A 1 149 ? -5.553  -3.481  -12.972 1.00 44.53 ? 475 TRP A CD2 1 
ATOM   1231 N NE1 . TRP A 1 149 ? -5.244  -3.755  -15.175 1.00 50.36 ? 475 TRP A NE1 1 
ATOM   1232 C CE2 . TRP A 1 149 ? -5.086  -2.862  -14.149 1.00 50.59 ? 475 TRP A CE2 1 
ATOM   1233 C CE3 . TRP A 1 149 ? -5.500  -2.771  -11.769 1.00 50.69 ? 475 TRP A CE3 1 
ATOM   1234 C CZ2 . TRP A 1 149 ? -4.572  -1.566  -14.156 1.00 46.71 ? 475 TRP A CZ2 1 
ATOM   1235 C CZ3 . TRP A 1 149 ? -4.988  -1.485  -11.779 1.00 51.71 ? 475 TRP A CZ3 1 
ATOM   1236 C CH2 . TRP A 1 149 ? -4.533  -0.895  -12.965 1.00 55.75 ? 475 TRP A CH2 1 
ATOM   1237 N N   . SER A 1 150 ? -6.711  -8.344  -10.534 1.00 27.96 ? 476 SER A N   1 
ATOM   1238 C CA  . SER A 1 150 ? -7.473  -9.180  -9.615  1.00 39.39 ? 476 SER A CA  1 
ATOM   1239 C C   . SER A 1 150 ? -6.715  -9.422  -8.316  1.00 32.35 ? 476 SER A C   1 
ATOM   1240 O O   . SER A 1 150 ? -7.329  -9.497  -7.248  1.00 30.97 ? 476 SER A O   1 
ATOM   1241 C CB  . SER A 1 150 ? -7.827  -10.507 -10.286 1.00 33.22 ? 476 SER A CB  1 
ATOM   1242 O OG  . SER A 1 150 ? -8.530  -11.352 -9.390  1.00 55.25 ? 476 SER A OG  1 
ATOM   1243 N N   . SER A 1 151 ? -5.388  -9.545  -8.382  1.00 33.25 ? 477 SER A N   1 
ATOM   1244 C CA  . SER A 1 151 ? -4.610  -9.724  -7.160  1.00 36.45 ? 477 SER A CA  1 
ATOM   1245 C C   . SER A 1 151 ? -4.522  -8.424  -6.371  1.00 28.00 ? 477 SER A C   1 
ATOM   1246 O O   . SER A 1 151 ? -4.515  -8.442  -5.135  1.00 34.24 ? 477 SER A O   1 
ATOM   1247 C CB  . SER A 1 151 ? -3.214  -10.248 -7.495  1.00 27.85 ? 477 SER A CB  1 
ATOM   1248 O OG  . SER A 1 151 ? -3.210  -11.661 -7.594  1.00 40.86 ? 477 SER A OG  1 
ATOM   1249 N N   . LEU A 1 152 ? -4.451  -7.287  -7.067  1.00 38.49 ? 478 LEU A N   1 
ATOM   1250 C CA  . LEU A 1 152 ? -4.435  -5.999  -6.381  1.00 35.83 ? 478 LEU A CA  1 
ATOM   1251 C C   . LEU A 1 152 ? -5.783  -5.702  -5.737  1.00 35.84 ? 478 LEU A C   1 
ATOM   1252 O O   . LEU A 1 152 ? -5.842  -5.123  -4.647  1.00 36.93 ? 478 LEU A O   1 
ATOM   1253 C CB  . LEU A 1 152 ? -4.052  -4.889  -7.359  1.00 42.70 ? 478 LEU A CB  1 
ATOM   1254 C CG  . LEU A 1 152 ? -2.555  -4.612  -7.483  1.00 41.44 ? 478 LEU A CG  1 
ATOM   1255 C CD1 . LEU A 1 152 ? -2.228  -4.019  -8.845  1.00 34.56 ? 478 LEU A CD1 1 
ATOM   1256 C CD2 . LEU A 1 152 ? -2.094  -3.692  -6.367  1.00 35.96 ? 478 LEU A CD2 1 
ATOM   1257 N N   . GLU A 1 153 ? -6.876  -6.086  -6.401  1.00 43.16 ? 479 GLU A N   1 
ATOM   1258 C CA  . GLU A 1 153 ? -8.200  -5.921  -5.812  1.00 47.91 ? 479 GLU A CA  1 
ATOM   1259 C C   . GLU A 1 153 ? -8.341  -6.764  -4.552  1.00 36.56 ? 479 GLU A C   1 
ATOM   1260 O O   . GLU A 1 153 ? -8.841  -6.292  -3.525  1.00 35.70 ? 479 GLU A O   1 
ATOM   1261 C CB  . GLU A 1 153 ? -9.276  -6.291  -6.833  1.00 49.43 ? 479 GLU A CB  1 
ATOM   1262 C CG  . GLU A 1 153 ? -10.672 -5.805  -6.475  1.00 51.51 ? 479 GLU A CG  1 
ATOM   1263 C CD  . GLU A 1 153 ? -11.611 -5.796  -7.666  1.00 69.45 ? 479 GLU A CD  1 
ATOM   1264 O OE1 . GLU A 1 153 ? -11.403 -6.604  -8.596  1.00 70.85 ? 479 GLU A OE1 1 
ATOM   1265 O OE2 . GLU A 1 153 ? -12.558 -4.981  -7.674  1.00 76.11 ? 479 GLU A OE2 1 
ATOM   1266 N N   . SER A 1 154 ? -7.897  -8.021  -4.615  1.00 36.09 ? 480 SER A N   1 
ATOM   1267 C CA  . SER A 1 154 ? -7.957  -8.892  -3.445  1.00 37.27 ? 480 SER A CA  1 
ATOM   1268 C C   . SER A 1 154 ? -7.096  -8.354  -2.310  1.00 42.23 ? 480 SER A C   1 
ATOM   1269 O O   . SER A 1 154 ? -7.444  -8.501  -1.132  1.00 33.95 ? 480 SER A O   1 
ATOM   1270 C CB  . SER A 1 154 ? -7.522  -10.306 -3.830  1.00 37.17 ? 480 SER A CB  1 
ATOM   1271 O OG  . SER A 1 154 ? -7.350  -11.123 -2.689  1.00 45.59 ? 480 SER A OG  1 
ATOM   1272 N N   . TYR A 1 155 ? -5.972  -7.720  -2.645  1.00 36.16 ? 481 TYR A N   1 
ATOM   1273 C CA  . TYR A 1 155 ? -5.073  -7.199  -1.620  1.00 29.03 ? 481 TYR A CA  1 
ATOM   1274 C C   . TYR A 1 155 ? -5.719  -6.057  -0.843  1.00 30.68 ? 481 TYR A C   1 
ATOM   1275 O O   . TYR A 1 155 ? -5.748  -6.070  0.394   1.00 27.42 ? 481 TYR A O   1 
ATOM   1276 C CB  . TYR A 1 155 ? -3.763  -6.742  -2.267  1.00 29.22 ? 481 TYR A CB  1 
ATOM   1277 C CG  . TYR A 1 155 ? -2.794  -6.052  -1.333  1.00 25.26 ? 481 TYR A CG  1 
ATOM   1278 C CD1 . TYR A 1 155 ? -1.885  -6.782  -0.578  1.00 27.57 ? 481 TYR A CD1 1 
ATOM   1279 C CD2 . TYR A 1 155 ? -2.776  -4.668  -1.219  1.00 30.13 ? 481 TYR A CD2 1 
ATOM   1280 C CE1 . TYR A 1 155 ? -0.992  -6.152  0.273   1.00 29.34 ? 481 TYR A CE1 1 
ATOM   1281 C CE2 . TYR A 1 155 ? -1.889  -4.030  -0.371  1.00 29.93 ? 481 TYR A CE2 1 
ATOM   1282 C CZ  . TYR A 1 155 ? -1.000  -4.776  0.371   1.00 29.81 ? 481 TYR A CZ  1 
ATOM   1283 O OH  . TYR A 1 155 ? -0.116  -4.142  1.214   1.00 30.91 ? 481 TYR A OH  1 
ATOM   1284 N N   . PHE A 1 156 ? -6.250  -5.061  -1.554  1.00 28.87 ? 482 PHE A N   1 
ATOM   1285 C CA  . PHE A 1 156 ? -6.753  -3.857  -0.905  1.00 32.06 ? 482 PHE A CA  1 
ATOM   1286 C C   . PHE A 1 156 ? -8.111  -4.051  -0.242  1.00 34.24 ? 482 PHE A C   1 
ATOM   1287 O O   . PHE A 1 156 ? -8.455  -3.283  0.662   1.00 30.57 ? 482 PHE A O   1 
ATOM   1288 C CB  . PHE A 1 156 ? -6.824  -2.714  -1.918  1.00 35.90 ? 482 PHE A CB  1 
ATOM   1289 C CG  . PHE A 1 156 ? -5.490  -2.096  -2.216  1.00 33.21 ? 482 PHE A CG  1 
ATOM   1290 C CD1 . PHE A 1 156 ? -4.783  -1.442  -1.221  1.00 30.19 ? 482 PHE A CD1 1 
ATOM   1291 C CD2 . PHE A 1 156 ? -4.937  -2.178  -3.482  1.00 30.24 ? 482 PHE A CD2 1 
ATOM   1292 C CE1 . PHE A 1 156 ? -3.551  -0.876  -1.483  1.00 29.52 ? 482 PHE A CE1 1 
ATOM   1293 C CE2 . PHE A 1 156 ? -3.705  -1.611  -3.752  1.00 37.26 ? 482 PHE A CE2 1 
ATOM   1294 C CZ  . PHE A 1 156 ? -3.012  -0.959  -2.750  1.00 29.22 ? 482 PHE A CZ  1 
ATOM   1295 N N   . LYS A 1 157 ? -8.891  -5.049  -0.665  1.00 38.48 ? 483 LYS A N   1 
ATOM   1296 C CA  . LYS A 1 157 ? -10.143 -5.333  0.031   1.00 33.64 ? 483 LYS A CA  1 
ATOM   1297 C C   . LYS A 1 157 ? -9.879  -5.947  1.401   1.00 37.80 ? 483 LYS A C   1 
ATOM   1298 O O   . LYS A 1 157 ? -10.552 -5.605  2.381   1.00 37.67 ? 483 LYS A O   1 
ATOM   1299 C CB  . LYS A 1 157 ? -11.025 -6.253  -0.814  1.00 40.02 ? 483 LYS A CB  1 
ATOM   1300 C CG  . LYS A 1 157 ? -11.567 -5.599  -2.077  1.00 39.38 ? 483 LYS A CG  1 
ATOM   1301 C CD  . LYS A 1 157 ? -12.005 -4.166  -1.816  1.00 46.73 ? 483 LYS A CD  1 
ATOM   1302 C CE  . LYS A 1 157 ? -12.608 -3.537  -3.060  1.00 50.38 ? 483 LYS A CE  1 
ATOM   1303 N NZ  . LYS A 1 157 ? -13.902 -4.172  -3.432  1.00 63.96 ? 483 LYS A NZ  1 
ATOM   1304 N N   . LYS A 1 158 ? -8.898  -6.851  1.489   1.00 36.40 ? 484 LYS A N   1 
ATOM   1305 C CA  . LYS A 1 158 ? -8.511  -7.396  2.786   1.00 32.37 ? 484 LYS A CA  1 
ATOM   1306 C C   . LYS A 1 158 ? -7.933  -6.318  3.691   1.00 39.39 ? 484 LYS A C   1 
ATOM   1307 O O   . LYS A 1 158 ? -8.112  -6.370  4.913   1.00 41.67 ? 484 LYS A O   1 
ATOM   1308 C CB  . LYS A 1 158 ? -7.504  -8.533  2.599   1.00 32.49 ? 484 LYS A CB  1 
ATOM   1309 C CG  . LYS A 1 158 ? -7.130  -9.257  3.883   1.00 38.17 ? 484 LYS A CG  1 
ATOM   1310 C CD  . LYS A 1 158 ? -8.289  -10.093 4.402   1.00 46.98 ? 484 LYS A CD  1 
ATOM   1311 C CE  . LYS A 1 158 ? -8.125  -10.415 5.878   1.00 41.08 ? 484 LYS A CE  1 
ATOM   1312 N NZ  . LYS A 1 158 ? -6.804  -11.031 6.174   1.00 50.28 ? 484 LYS A NZ  1 
ATOM   1313 N N   . LEU A 1 159 ? -7.240  -5.333  3.114   1.00 35.98 ? 485 LEU A N   1 
ATOM   1314 C CA  . LEU A 1 159 ? -6.744  -4.215  3.909   1.00 36.96 ? 485 LEU A CA  1 
ATOM   1315 C C   . LEU A 1 159 ? -7.894  -3.365  4.433   1.00 32.98 ? 485 LEU A C   1 
ATOM   1316 O O   . LEU A 1 159 ? -7.860  -2.903  5.579   1.00 32.31 ? 485 LEU A O   1 
ATOM   1317 C CB  . LEU A 1 159 ? -5.781  -3.366  3.081   1.00 30.72 ? 485 LEU A CB  1 
ATOM   1318 C CG  . LEU A 1 159 ? -5.225  -2.119  3.773   1.00 36.07 ? 485 LEU A CG  1 
ATOM   1319 C CD1 . LEU A 1 159 ? -4.503  -2.494  5.058   1.00 32.42 ? 485 LEU A CD1 1 
ATOM   1320 C CD2 . LEU A 1 159 ? -4.302  -1.357  2.839   1.00 32.96 ? 485 LEU A CD2 1 
ATOM   1321 N N   . GLU A 1 160 ? -8.919  -3.148  3.607   1.00 36.33 ? 486 GLU A N   1 
ATOM   1322 C CA  . GLU A 1 160 ? -10.075 -2.381  4.055   1.00 42.28 ? 486 GLU A CA  1 
ATOM   1323 C C   . GLU A 1 160 ? -10.844 -3.125  5.139   1.00 32.70 ? 486 GLU A C   1 
ATOM   1324 O O   . GLU A 1 160 ? -11.318 -2.513  6.103   1.00 39.26 ? 486 GLU A O   1 
ATOM   1325 C CB  . GLU A 1 160 ? -10.984 -2.067  2.868   1.00 41.78 ? 486 GLU A CB  1 
ATOM   1326 C CG  . GLU A 1 160 ? -12.197 -1.233  3.230   1.00 44.46 ? 486 GLU A CG  1 
ATOM   1327 C CD  . GLU A 1 160 ? -13.001 -0.820  2.018   1.00 51.90 ? 486 GLU A CD  1 
ATOM   1328 O OE1 . GLU A 1 160 ? -12.949 -1.532  0.993   1.00 52.18 ? 486 GLU A OE1 1 
ATOM   1329 O OE2 . GLU A 1 160 ? -13.687 0.220   2.092   1.00 57.18 ? 486 GLU A OE2 1 
ATOM   1330 N N   . SER A 1 161 ? -10.974 -4.447  5.000   1.00 46.13 ? 487 SER A N   1 
ATOM   1331 C CA  . SER A 1 161 ? -11.658 -5.235  6.022   1.00 41.82 ? 487 SER A CA  1 
ATOM   1332 C C   . SER A 1 161 ? -10.889 -5.215  7.337   1.00 43.77 ? 487 SER A C   1 
ATOM   1333 O O   . SER A 1 161 ? -11.491 -5.167  8.417   1.00 37.51 ? 487 SER A O   1 
ATOM   1334 C CB  . SER A 1 161 ? -11.850 -6.672  5.539   1.00 41.96 ? 487 SER A CB  1 
ATOM   1335 O OG  . SER A 1 161 ? -11.784 -7.583  6.621   1.00 56.80 ? 487 SER A OG  1 
ATOM   1336 N N   . ASP A 1 162 ? -9.556  -5.253  7.265   1.00 35.67 ? 488 ASP A N   1 
ATOM   1337 C CA  . ASP A 1 162 ? -8.749  -5.196  8.479   1.00 34.12 ? 488 ASP A CA  1 
ATOM   1338 C C   . ASP A 1 162 ? -8.762  -3.804  9.098   1.00 30.27 ? 488 ASP A C   1 
ATOM   1339 O O   . ASP A 1 162 ? -8.702  -3.674  10.326  1.00 32.90 ? 488 ASP A O   1 
ATOM   1340 C CB  . ASP A 1 162 ? -7.315  -5.628  8.177   1.00 36.93 ? 488 ASP A CB  1 
ATOM   1341 C CG  . ASP A 1 162 ? -7.182  -7.129  8.007   1.00 48.41 ? 488 ASP A CG  1 
ATOM   1342 O OD1 . ASP A 1 162 ? -8.221  -7.810  7.886   1.00 50.22 ? 488 ASP A OD1 1 
ATOM   1343 O OD2 . ASP A 1 162 ? -6.036  -7.627  8.005   1.00 58.27 ? 488 ASP A OD2 1 
ATOM   1344 N N   . LEU A 1 163 ? -8.833  -2.758  8.270   1.00 22.48 ? 489 LEU A N   1 
ATOM   1345 C CA  . LEU A 1 163 ? -8.926  -1.403  8.801   1.00 32.87 ? 489 LEU A CA  1 
ATOM   1346 C C   . LEU A 1 163 ? -10.264 -1.162  9.483   1.00 38.98 ? 489 LEU A C   1 
ATOM   1347 O O   . LEU A 1 163 ? -10.329 -0.428  10.477  1.00 35.14 ? 489 LEU A O   1 
ATOM   1348 C CB  . LEU A 1 163 ? -8.712  -0.381  7.685   1.00 27.02 ? 489 LEU A CB  1 
ATOM   1349 C CG  . LEU A 1 163 ? -7.279  -0.180  7.190   1.00 35.57 ? 489 LEU A CG  1 
ATOM   1350 C CD1 . LEU A 1 163 ? -7.284  0.575   5.873   1.00 35.27 ? 489 LEU A CD1 1 
ATOM   1351 C CD2 . LEU A 1 163 ? -6.442  0.547   8.229   1.00 28.28 ? 489 LEU A CD2 1 
ATOM   1352 N N   . LEU A 1 164 ? -11.339 -1.764  8.966   1.00 37.21 ? 490 LEU A N   1 
ATOM   1353 C CA  . LEU A 1 164 ? -12.641 -1.624  9.611   1.00 39.64 ? 490 LEU A CA  1 
ATOM   1354 C C   . LEU A 1 164 ? -12.665 -2.330  10.960  1.00 41.34 ? 490 LEU A C   1 
ATOM   1355 O O   . LEU A 1 164 ? -13.192 -1.789  11.941  1.00 45.48 ? 490 LEU A O   1 
ATOM   1356 C CB  . LEU A 1 164 ? -13.739 -2.168  8.698   1.00 35.83 ? 490 LEU A CB  1 
ATOM   1357 C CG  . LEU A 1 164 ? -14.084 -1.309  7.481   1.00 45.03 ? 490 LEU A CG  1 
ATOM   1358 C CD1 . LEU A 1 164 ? -14.895 -2.107  6.475   1.00 44.72 ? 490 LEU A CD1 1 
ATOM   1359 C CD2 . LEU A 1 164 ? -14.833 -0.056  7.907   1.00 39.99 ? 490 LEU A CD2 1 
ATOM   1360 N N   . MET A 1 165 ? -12.100 -3.537  11.030  1.00 34.12 ? 491 MET A N   1 
ATOM   1361 C CA  . MET A 1 165 ? -11.967 -4.218  12.314  1.00 42.52 ? 491 MET A CA  1 
ATOM   1362 C C   . MET A 1 165 ? -11.094 -3.413  13.267  1.00 41.77 ? 491 MET A C   1 
ATOM   1363 O O   . MET A 1 165 ? -11.358 -3.365  14.474  1.00 35.08 ? 491 MET A O   1 
ATOM   1364 C CB  . MET A 1 165 ? -11.390 -5.618  12.112  1.00 36.17 ? 491 MET A CB  1 
ATOM   1365 C CG  . MET A 1 165 ? -12.287 -6.552  11.317  1.00 54.67 ? 491 MET A CG  1 
ATOM   1366 S SD  . MET A 1 165 ? -11.562 -8.187  11.085  1.00 72.93 ? 491 MET A SD  1 
ATOM   1367 C CE  . MET A 1 165 ? -12.809 -8.964  10.061  1.00 67.07 ? 491 MET A CE  1 
ATOM   1368 N N   . GLU A 1 166 ? -10.049 -2.774  12.740  1.00 30.15 ? 492 GLU A N   1 
ATOM   1369 C CA  . GLU A 1 166 ? -9.223  -1.898  13.565  1.00 38.14 ? 492 GLU A CA  1 
ATOM   1370 C C   . GLU A 1 166 ? -10.006 -0.675  14.023  1.00 43.75 ? 492 GLU A C   1 
ATOM   1371 O O   . GLU A 1 166 ? -9.886  -0.250  15.178  1.00 42.52 ? 492 GLU A O   1 
ATOM   1372 C CB  . GLU A 1 166 ? -7.975  -1.475  12.793  1.00 37.90 ? 492 GLU A CB  1 
ATOM   1373 C CG  . GLU A 1 166 ? -6.972  -0.700  13.625  1.00 34.62 ? 492 GLU A CG  1 
ATOM   1374 C CD  . GLU A 1 166 ? -6.378  -1.540  14.735  1.00 43.40 ? 492 GLU A CD  1 
ATOM   1375 O OE1 . GLU A 1 166 ? -6.330  -2.778  14.576  1.00 40.95 ? 492 GLU A OE1 1 
ATOM   1376 O OE2 . GLU A 1 166 ? -5.964  -0.968  15.763  1.00 42.66 ? 492 GLU A OE2 1 
ATOM   1377 N N   . GLU A 1 167 ? -10.809 -0.095  13.128  1.00 40.80 ? 493 GLU A N   1 
ATOM   1378 C CA  . GLU A 1 167 ? -11.613 1.065   13.492  1.00 38.74 ? 493 GLU A CA  1 
ATOM   1379 C C   . GLU A 1 167 ? -12.587 0.732   14.615  1.00 40.38 ? 493 GLU A C   1 
ATOM   1380 O O   . GLU A 1 167 ? -12.844 1.562   15.492  1.00 46.49 ? 493 GLU A O   1 
ATOM   1381 C CB  . GLU A 1 167 ? -12.363 1.579   12.262  1.00 45.43 ? 493 GLU A CB  1 
ATOM   1382 C CG  . GLU A 1 167 ? -13.451 2.598   12.555  1.00 43.24 ? 493 GLU A CG  1 
ATOM   1383 C CD  . GLU A 1 167 ? -14.403 2.782   11.390  1.00 46.83 ? 493 GLU A CD  1 
ATOM   1384 O OE1 . GLU A 1 167 ? -14.688 1.788   10.689  1.00 44.32 ? 493 GLU A OE1 1 
ATOM   1385 O OE2 . GLU A 1 167 ? -14.867 3.920   11.171  1.00 47.22 ? 493 GLU A OE2 1 
ATOM   1386 N N   . SER A 1 168 ? -13.121 -0.492  14.617  1.00 44.51 ? 494 SER A N   1 
ATOM   1387 C CA  . SER A 1 168 ? -14.153 -0.853  15.583  1.00 50.44 ? 494 SER A CA  1 
ATOM   1388 C C   . SER A 1 168 ? -13.596 -1.006  16.993  1.00 48.15 ? 494 SER A C   1 
ATOM   1389 O O   . SER A 1 168 ? -14.320 -0.764  17.968  1.00 54.90 ? 494 SER A O   1 
ATOM   1390 C CB  . SER A 1 168 ? -14.847 -2.143  15.150  1.00 42.44 ? 494 SER A CB  1 
ATOM   1391 O OG  . SER A 1 168 ? -15.611 -2.689  16.211  1.00 63.78 ? 494 SER A OG  1 
ATOM   1392 N N   . VAL A 1 169 ? -12.330 -1.404  17.128  1.00 36.91 ? 495 VAL A N   1 
ATOM   1393 C CA  . VAL A 1 169 ? -11.753 -1.647  18.447  1.00 42.06 ? 495 VAL A CA  1 
ATOM   1394 C C   . VAL A 1 169 ? -10.976 -0.423  18.919  1.00 49.47 ? 495 VAL A C   1 
ATOM   1395 O O   . VAL A 1 169 ? -10.843 -0.191  20.127  1.00 44.10 ? 495 VAL A O   1 
ATOM   1396 C CB  . VAL A 1 169 ? -10.860 -2.903  18.446  1.00 43.19 ? 495 VAL A CB  1 
ATOM   1397 C CG1 . VAL A 1 169 ? -11.615 -4.098  17.877  1.00 41.42 ? 495 VAL A CG1 1 
ATOM   1398 C CG2 . VAL A 1 169 ? -9.571  -2.661  17.672  1.00 47.47 ? 495 VAL A CG2 1 
ATOM   1399 N N   . LEU A 1 170 ? -10.465 0.376   17.977  1.00 46.67 ? 496 LEU A N   1 
ATOM   1400 C CA  . LEU A 1 170 ? -9.729  1.574   18.366  1.00 46.07 ? 496 LEU A CA  1 
ATOM   1401 C C   . LEU A 1 170 ? -10.674 2.713   18.728  1.00 44.93 ? 496 LEU A C   1 
ATOM   1402 O O   . LEU A 1 170 ? -10.435 3.433   19.704  1.00 46.29 ? 496 LEU A O   1 
ATOM   1403 C CB  . LEU A 1 170 ? -8.774  2.002   17.250  1.00 50.76 ? 496 LEU A CB  1 
ATOM   1404 C CG  . LEU A 1 170 ? -7.924  3.246   17.535  1.00 51.11 ? 496 LEU A CG  1 
ATOM   1405 C CD1 . LEU A 1 170 ? -7.134  3.083   18.825  1.00 51.18 ? 496 LEU A CD1 1 
ATOM   1406 C CD2 . LEU A 1 170 ? -6.990  3.550   16.373  1.00 55.53 ? 496 LEU A CD2 1 
ATOM   1407 N N   . SER A 1 171 ? -11.751 2.890   17.960  1.00 43.97 ? 497 SER A N   1 
ATOM   1408 C CA  . SER A 1 171 ? -12.731 3.917   18.296  1.00 50.18 ? 497 SER A CA  1 
ATOM   1409 C C   . SER A 1 171 ? -13.451 3.585   19.596  1.00 47.58 ? 497 SER A C   1 
ATOM   1410 O O   . SER A 1 171 ? -13.767 4.484   20.385  1.00 49.33 ? 497 SER A O   1 
ATOM   1411 C CB  . SER A 1 171 ? -13.734 4.085   17.156  1.00 40.73 ? 497 SER A CB  1 
ATOM   1412 O OG  . SER A 1 171 ? -14.845 3.224   17.329  1.00 51.60 ? 497 SER A OG  1 
ATOM   1413 N N   . GLN A 1 172 ? -13.724 2.299   19.833  1.00 41.71 ? 498 GLN A N   1 
ATOM   1414 C CA  . GLN A 1 172 ? -14.336 1.899   21.095  1.00 49.26 ? 498 GLN A CA  1 
ATOM   1415 C C   . GLN A 1 172 ? -13.397 2.159   22.267  1.00 52.32 ? 498 GLN A C   1 
ATOM   1416 O O   . GLN A 1 172 ? -13.831 2.625   23.325  1.00 39.82 ? 498 GLN A O   1 
ATOM   1417 C CB  . GLN A 1 172 ? -14.734 0.424   21.044  1.00 44.93 ? 498 GLN A CB  1 
ATOM   1418 C CG  . GLN A 1 172 ? -15.644 -0.011  22.180  1.00 60.32 ? 498 GLN A CG  1 
ATOM   1419 C CD  . GLN A 1 172 ? -17.088 -0.200  21.748  1.00 69.57 ? 498 GLN A CD  1 
ATOM   1420 O OE1 . GLN A 1 172 ? -17.744 0.737   21.286  1.00 72.10 ? 498 GLN A OE1 1 
ATOM   1421 N NE2 . GLN A 1 172 ? -17.590 -1.421  21.891  1.00 74.83 ? 498 GLN A NE2 1 
ATOM   1422 N N   . SER A 1 173 ? -12.108 1.868   22.097  1.00 48.82 ? 499 SER A N   1 
ATOM   1423 C CA  . SER A 1 173 ? -11.156 2.075   23.184  1.00 53.72 ? 499 SER A CA  1 
ATOM   1424 C C   . SER A 1 173 ? -10.983 3.558   23.491  1.00 48.77 ? 499 SER A C   1 
ATOM   1425 O O   . SER A 1 173 ? -10.871 3.951   24.658  1.00 51.79 ? 499 SER A O   1 
ATOM   1426 C CB  . SER A 1 173 ? -9.811  1.439   22.826  1.00 51.90 ? 499 SER A CB  1 
ATOM   1427 O OG  . SER A 1 173 ? -9.964  0.057   22.547  1.00 54.20 ? 499 SER A OG  1 
ATOM   1428 N N   . ILE A 1 174 ? -10.958 4.396   22.454  1.00 48.33 ? 500 ILE A N   1 
ATOM   1429 C CA  . ILE A 1 174 ? -10.825 5.834   22.665  1.00 45.25 ? 500 ILE A CA  1 
ATOM   1430 C C   . ILE A 1 174 ? -12.099 6.407   23.275  1.00 52.54 ? 500 ILE A C   1 
ATOM   1431 O O   . ILE A 1 174 ? -12.044 7.247   24.183  1.00 54.70 ? 500 ILE A O   1 
ATOM   1432 C CB  . ILE A 1 174 ? -10.463 6.534   21.342  1.00 48.68 ? 500 ILE A CB  1 
ATOM   1433 C CG1 . ILE A 1 174 ? -9.093  6.063   20.849  1.00 52.39 ? 500 ILE A CG1 1 
ATOM   1434 C CG2 . ILE A 1 174 ? -10.473 8.046   21.511  1.00 47.66 ? 500 ILE A CG2 1 
ATOM   1435 C CD1 . ILE A 1 174 ? -8.742  6.552   19.463  1.00 56.45 ? 500 ILE A CD1 1 
ATOM   1436 N N   . GLU A 1 175 ? -13.262 5.958   22.797  1.00 44.63 ? 501 GLU A N   1 
ATOM   1437 C CA  . GLU A 1 175 ? -14.525 6.480   23.310  1.00 52.88 ? 501 GLU A CA  1 
ATOM   1438 C C   . GLU A 1 175 ? -14.734 6.102   24.771  1.00 55.62 ? 501 GLU A C   1 
ATOM   1439 O O   . GLU A 1 175 ? -15.260 6.899   25.556  1.00 47.70 ? 501 GLU A O   1 
ATOM   1440 C CB  . GLU A 1 175 ? -15.687 5.972   22.456  1.00 50.42 ? 501 GLU A CB  1 
ATOM   1441 C CG  . GLU A 1 175 ? -17.053 6.464   22.899  1.00 64.18 ? 501 GLU A CG  1 
ATOM   1442 C CD  . GLU A 1 175 ? -18.186 5.784   22.156  1.00 70.72 ? 501 GLU A CD  1 
ATOM   1443 O OE1 . GLU A 1 175 ? -19.085 6.494   21.657  1.00 72.01 ? 501 GLU A OE1 1 
ATOM   1444 O OE2 . GLU A 1 175 ? -18.175 4.537   22.069  1.00 73.97 ? 501 GLU A OE2 1 
ATOM   1445 N N   . ASP A 1 176 ? -14.325 4.894   25.160  1.00 48.33 ? 502 ASP A N   1 
ATOM   1446 C CA  . ASP A 1 176 ? -14.567 4.413   26.514  1.00 46.67 ? 502 ASP A CA  1 
ATOM   1447 C C   . ASP A 1 176 ? -13.656 5.059   27.549  1.00 48.14 ? 502 ASP A C   1 
ATOM   1448 O O   . ASP A 1 176 ? -13.952 4.981   28.746  1.00 36.60 ? 502 ASP A O   1 
ATOM   1449 C CB  . ASP A 1 176 ? -14.410 2.891   26.562  1.00 42.22 ? 502 ASP A CB  1 
ATOM   1450 C CG  . ASP A 1 176 ? -15.529 2.175   25.835  1.00 48.81 ? 502 ASP A CG  1 
ATOM   1451 O OD1 . ASP A 1 176 ? -16.553 2.827   25.540  1.00 49.15 ? 502 ASP A OD1 1 
ATOM   1452 O OD2 . ASP A 1 176 ? -15.386 0.970   25.550  1.00 49.67 ? 502 ASP A OD2 1 
ATOM   1453 N N   . ALA A 1 177 ? -12.566 5.688   27.124  1.00 39.09 ? 503 ALA A N   1 
ATOM   1454 C CA  . ALA A 1 177 ? -11.662 6.355   28.053  1.00 42.61 ? 503 ALA A CA  1 
ATOM   1455 C C   . ALA A 1 177 ? -12.161 7.759   28.378  1.00 41.14 ? 503 ALA A C   1 
ATOM   1456 O O   . ALA A 1 177 ? -13.366 7.994   28.470  1.00 52.19 ? 503 ALA A O   1 
ATOM   1457 C CB  . ALA A 1 177 ? -10.253 6.409   27.480  1.00 35.26 ? 503 ALA A CB  1 
HETATM 1458 C C3  . YK8 B 2 .   ? 2.134   -3.850  -2.064  1.00 26.42 ? 601 YK8 A C3  1 
HETATM 1459 C C15 . YK8 B 2 .   ? 1.246   -6.631  -9.159  1.00 30.84 ? 601 YK8 A C15 1 
HETATM 1460 C C16 . YK8 B 2 .   ? 1.606   -7.853  -10.004 1.00 27.51 ? 601 YK8 A C16 1 
HETATM 1461 C C17 . YK8 B 2 .   ? 2.124   -8.925  -9.038  1.00 27.83 ? 601 YK8 A C17 1 
HETATM 1462 C C20 . YK8 B 2 .   ? 1.826   -10.336 -9.579  1.00 33.46 ? 601 YK8 A C20 1 
HETATM 1463 C C22 . YK8 B 2 .   ? 2.602   -10.509 -10.882 1.00 30.56 ? 601 YK8 A C22 1 
HETATM 1464 C C23 . YK8 B 2 .   ? 2.886   -11.974 -11.202 1.00 37.73 ? 601 YK8 A C23 1 
HETATM 1465 C C24 . YK8 B 2 .   ? 2.270   -12.400 -12.529 1.00 43.14 ? 601 YK8 A C24 1 
HETATM 1466 C C25 . YK8 B 2 .   ? 2.799   -11.558 -13.683 1.00 31.95 ? 601 YK8 A C25 1 
HETATM 1467 C C26 . YK8 B 2 .   ? 2.594   -12.274 -15.012 1.00 30.36 ? 601 YK8 A C26 1 
HETATM 1468 C C21 . YK8 B 2 .   ? 2.200   -11.462 -8.620  1.00 35.24 ? 601 YK8 A C21 1 
HETATM 1469 C C2  . YK8 B 2 .   ? 2.160   -5.338  -1.732  1.00 31.00 ? 601 YK8 A C2  1 
HETATM 1470 C C13 . YK8 B 2 .   ? 1.603   -8.479  -7.663  1.00 29.83 ? 601 YK8 A C13 1 
HETATM 1471 C C18 . YK8 B 2 .   ? 0.135   -8.803  -7.420  1.00 24.36 ? 601 YK8 A C18 1 
HETATM 1472 C C12 . YK8 B 2 .   ? 2.441   -8.897  -6.458  1.00 24.80 ? 601 YK8 A C12 1 
HETATM 1473 C C11 . YK8 B 2 .   ? 1.948   -8.183  -5.200  1.00 26.65 ? 601 YK8 A C11 1 
HETATM 1474 C C9  . YK8 B 2 .   ? 2.006   -6.662  -5.345  1.00 26.66 ? 601 YK8 A C9  1 
HETATM 1475 C C10 . YK8 B 2 .   ? 1.493   -5.972  -4.086  1.00 23.93 ? 601 YK8 A C10 1 
HETATM 1476 C C19 . YK8 B 2 .   ? 0.146   -6.560  -3.678  1.00 26.46 ? 601 YK8 A C19 1 
HETATM 1477 C C27 . YK8 B 2 .   ? 2.903   -11.354 -16.186 1.00 29.69 ? 601 YK8 A C27 1 
HETATM 1478 C C28 . YK8 B 2 .   ? 3.441   -13.539 -15.082 1.00 35.23 ? 601 YK8 A C28 1 
HETATM 1479 C C1  . YK8 B 2 .   ? 2.506   -6.169  -2.963  1.00 22.31 ? 601 YK8 A C1  1 
HETATM 1480 C C4  . YK8 B 2 .   ? 1.068   -3.595  -3.121  1.00 20.47 ? 601 YK8 A C4  1 
HETATM 1481 C C5  . YK8 B 2 .   ? 1.312   -4.490  -4.311  1.00 26.32 ? 601 YK8 A C5  1 
HETATM 1482 C C6  . YK8 B 2 .   ? 1.355   -3.933  -5.532  1.00 22.32 ? 601 YK8 A C6  1 
HETATM 1483 C C7  . YK8 B 2 .   ? 1.477   -4.716  -6.817  1.00 28.08 ? 601 YK8 A C7  1 
HETATM 1484 C C8  . YK8 B 2 .   ? 1.264   -6.202  -6.594  1.00 31.24 ? 601 YK8 A C8  1 
HETATM 1485 C C14 . YK8 B 2 .   ? 1.799   -6.982  -7.786  1.00 27.01 ? 601 YK8 A C14 1 
HETATM 1486 O O1  . YK8 B 2 .   ? 1.822   -3.100  -0.884  1.00 36.98 ? 601 YK8 A O1  1 
HETATM 1487 O O2  . YK8 B 2 .   ? 0.439   -10.476 -9.910  1.00 32.85 ? 601 YK8 A O2  1 
HETATM 1488 C C1  . EOH C 3 .   ? 13.083  -9.763  -0.812  1.00 47.00 ? 602 EOH A C1  1 
HETATM 1489 C C2  . EOH C 3 .   ? 13.434  -8.372  -1.324  1.00 36.14 ? 602 EOH A C2  1 
HETATM 1490 O O   . EOH C 3 .   ? 12.828  -9.774  0.575   1.00 39.41 ? 602 EOH A O   1 
HETATM 1491 C C1  . EOH D 3 .   ? 8.944   2.878   10.328  1.00 34.55 ? 603 EOH A C1  1 
HETATM 1492 C C2  . EOH D 3 .   ? 8.715   2.479   11.782  1.00 36.14 ? 603 EOH A C2  1 
HETATM 1493 O O   . EOH D 3 .   ? 9.571   1.851   9.591   1.00 39.75 ? 603 EOH A O   1 
HETATM 1494 C C1  . EOH E 3 .   ? 11.578  -15.087 -14.904 1.00 57.24 ? 604 EOH A C1  1 
HETATM 1495 C C2  . EOH E 3 .   ? 10.400  -15.716 -14.170 1.00 47.27 ? 604 EOH A C2  1 
HETATM 1496 O O   . EOH E 3 .   ? 11.799  -13.753 -14.504 1.00 46.43 ? 604 EOH A O   1 
HETATM 1497 C C1  . EOH F 3 .   ? -1.586  -11.451 -3.324  1.00 49.10 ? 605 EOH A C1  1 
HETATM 1498 C C2  . EOH F 3 .   ? -0.770  -11.670 -4.591  1.00 47.39 ? 605 EOH A C2  1 
HETATM 1499 O O   . EOH F 3 .   ? -1.090  -10.376 -2.557  1.00 38.99 ? 605 EOH A O   1 
HETATM 1500 C C1  . EOH G 3 .   ? 0.580   -0.483  2.646   1.00 49.31 ? 606 EOH A C1  1 
HETATM 1501 C C2  . EOH G 3 .   ? 1.743   0.115   1.863   1.00 40.14 ? 606 EOH A C2  1 
HETATM 1502 O O   . EOH G 3 .   ? -0.158  -1.404  1.873   1.00 42.82 ? 606 EOH A O   1 
HETATM 1503 C C1  . EOH H 3 .   ? -15.593 1.472   -0.215  1.00 63.84 ? 607 EOH A C1  1 
HETATM 1504 C C2  . EOH H 3 .   ? -16.263 0.123   0.019   1.00 52.04 ? 607 EOH A C2  1 
HETATM 1505 O O   . EOH H 3 .   ? -14.210 1.340   -0.463  1.00 53.39 ? 607 EOH A O   1 
HETATM 1506 C C1  . GOL I 4 .   ? 4.020   -2.886  3.258   1.00 51.87 ? 608 GOL A C1  1 
HETATM 1507 O O1  . GOL I 4 .   ? 3.143   -2.008  3.885   1.00 52.75 ? 608 GOL A O1  1 
HETATM 1508 C C2  . GOL I 4 .   ? 3.230   -3.645  2.168   1.00 47.37 ? 608 GOL A C2  1 
HETATM 1509 O O2  . GOL I 4 .   ? 3.447   -3.110  0.908   1.00 45.10 ? 608 GOL A O2  1 
HETATM 1510 C C3  . GOL I 4 .   ? 3.730   -5.104  2.273   1.00 47.52 ? 608 GOL A C3  1 
HETATM 1511 O O3  . GOL I 4 .   ? 3.824   -5.396  3.631   1.00 61.61 ? 608 GOL A O3  1 
HETATM 1512 O O   . HOH J 5 .   ? 13.064  -8.674  2.519   1.00 30.99 ? 701 HOH A O   1 
HETATM 1513 O O   . HOH J 5 .   ? -16.193 6.335   -3.651  1.00 55.80 ? 702 HOH A O   1 
HETATM 1514 O O   . HOH J 5 .   ? -5.439  -9.543  9.337   1.00 44.56 ? 703 HOH A O   1 
HETATM 1515 O O   . HOH J 5 .   ? -18.841 8.916   1.762   1.00 51.12 ? 704 HOH A O   1 
HETATM 1516 O O   . HOH J 5 .   ? 5.798   19.701  4.556   1.00 58.63 ? 705 HOH A O   1 
HETATM 1517 O O   . HOH J 5 .   ? 8.682   -27.806 -5.043  1.00 53.46 ? 706 HOH A O   1 
HETATM 1518 O O   . HOH J 5 .   ? 7.226   6.643   -4.194  1.00 36.86 ? 707 HOH A O   1 
HETATM 1519 O O   . HOH J 5 .   ? 1.502   -0.181  -1.694  1.00 29.22 ? 708 HOH A O   1 
HETATM 1520 O O   . HOH J 5 .   ? 12.728  -3.086  -13.381 1.00 46.47 ? 709 HOH A O   1 
HETATM 1521 O O   . HOH J 5 .   ? 3.741   0.291   4.901   1.00 27.24 ? 710 HOH A O   1 
HETATM 1522 O O   . HOH J 5 .   ? 5.646   -5.615  13.506  1.00 51.25 ? 711 HOH A O   1 
HETATM 1523 O O   . HOH J 5 .   ? -10.834 6.823   16.787  1.00 48.44 ? 712 HOH A O   1 
HETATM 1524 O O   . HOH J 5 .   ? -15.945 -0.434  11.219  1.00 45.70 ? 713 HOH A O   1 
HETATM 1525 O O   . HOH J 5 .   ? -6.493  -8.887  -13.454 1.00 48.65 ? 714 HOH A O   1 
HETATM 1526 O O   . HOH J 5 .   ? -10.252 -3.822  -10.388 1.00 49.76 ? 715 HOH A O   1 
HETATM 1527 O O   . HOH J 5 .   ? -5.582  7.421   -4.045  1.00 49.15 ? 716 HOH A O   1 
HETATM 1528 O O   . HOH J 5 .   ? 3.302   -20.100 -7.554  1.00 34.23 ? 717 HOH A O   1 
HETATM 1529 O O   . HOH J 5 .   ? 15.946  -3.821  -4.085  1.00 31.76 ? 718 HOH A O   1 
HETATM 1530 O O   . HOH J 5 .   ? -11.083 -10.139 7.244   1.00 57.82 ? 719 HOH A O   1 
HETATM 1531 O O   . HOH J 5 .   ? 8.823   -16.904 -11.519 1.00 45.33 ? 720 HOH A O   1 
HETATM 1532 O O   . HOH J 5 .   ? 8.494   -5.295  -11.515 1.00 34.32 ? 721 HOH A O   1 
HETATM 1533 O O   . HOH J 5 .   ? 4.760   -0.889  7.417   1.00 32.13 ? 722 HOH A O   1 
HETATM 1534 O O   . HOH J 5 .   ? 4.769   5.722   15.975  1.00 41.26 ? 723 HOH A O   1 
HETATM 1535 O O   . HOH J 5 .   ? 10.513  10.128  -4.826  1.00 47.37 ? 724 HOH A O   1 
HETATM 1536 O O   . HOH J 5 .   ? -6.690  -1.848  -20.861 1.00 52.20 ? 725 HOH A O   1 
HETATM 1537 O O   . HOH J 5 .   ? -4.018  -6.226  10.656  1.00 33.44 ? 726 HOH A O   1 
HETATM 1538 O O   . HOH J 5 .   ? -13.661 -6.882  -10.283 1.00 43.88 ? 727 HOH A O   1 
HETATM 1539 O O   . HOH J 5 .   ? -6.152  9.318   18.993  1.00 58.68 ? 728 HOH A O   1 
HETATM 1540 O O   . HOH J 5 .   ? 9.685   6.757   10.551  1.00 42.54 ? 729 HOH A O   1 
HETATM 1541 O O   . HOH J 5 .   ? 6.031   -22.011 -13.017 1.00 47.97 ? 730 HOH A O   1 
HETATM 1542 O O   . HOH J 5 .   ? 4.645   -4.405  -9.438  1.00 26.22 ? 731 HOH A O   1 
HETATM 1543 O O   . HOH J 5 .   ? -2.150  -17.420 -14.165 1.00 45.40 ? 732 HOH A O   1 
HETATM 1544 O O   . HOH J 5 .   ? 4.597   -20.744 -3.308  1.00 47.71 ? 733 HOH A O   1 
HETATM 1545 O O   . HOH J 5 .   ? 12.611  -5.592  -11.546 1.00 43.39 ? 734 HOH A O   1 
HETATM 1546 O O   . HOH J 5 .   ? -2.920  -15.779 -16.857 1.00 42.58 ? 735 HOH A O   1 
HETATM 1547 O O   . HOH J 5 .   ? 10.006  -2.757  -13.807 1.00 43.74 ? 736 HOH A O   1 
HETATM 1548 O O   . HOH J 5 .   ? 7.890   -10.012 8.088   1.00 38.45 ? 737 HOH A O   1 
HETATM 1549 O O   . HOH J 5 .   ? -0.577  -14.582 -6.121  1.00 52.28 ? 738 HOH A O   1 
HETATM 1550 O O   . HOH J 5 .   ? 0.029   -13.874 -9.205  1.00 46.93 ? 739 HOH A O   1 
HETATM 1551 O O   . HOH J 5 .   ? 1.315   2.811   14.741  1.00 46.17 ? 740 HOH A O   1 
HETATM 1552 O O   . HOH J 5 .   ? 8.254   -3.055  14.675  1.00 60.04 ? 741 HOH A O   1 
HETATM 1553 O O   . HOH J 5 .   ? 9.702   -4.440  9.557   1.00 43.68 ? 742 HOH A O   1 
HETATM 1554 O O   . HOH J 5 .   ? 2.223   4.249   16.751  1.00 47.17 ? 743 HOH A O   1 
HETATM 1555 O O   . HOH J 5 .   ? 4.215   -5.275  6.903   1.00 34.88 ? 744 HOH A O   1 
HETATM 1556 O O   . HOH J 5 .   ? 8.239   -20.269 -12.932 1.00 44.31 ? 745 HOH A O   1 
HETATM 1557 O O   . HOH J 5 .   ? 7.496   -0.786  16.356  1.00 51.99 ? 746 HOH A O   1 
HETATM 1558 O O   . HOH J 5 .   ? 5.425   -3.182  7.686   1.00 41.31 ? 747 HOH A O   1 
HETATM 1559 O O   . HOH J 5 .   ? 6.651   2.008   15.469  1.00 52.64 ? 748 HOH A O   1 
HETATM 1560 O O   . HOH J 5 .   ? 6.867   8.003   16.576  1.00 50.24 ? 749 HOH A O   1 
HETATM 1561 O O   . HOH J 5 .   ? 7.771   9.201   14.172  1.00 49.57 ? 750 HOH A O   1 
# 
